data_2KT0
#
_entry.id   2KT0
#
_entity_poly.entity_id   1
_entity_poly.type   'polypeptide(L)'
_entity_poly.pdbx_seq_one_letter_code
;SKQPTSAENSVAKKEDKVPVKKQKTRTVFSSTQLCVLNDRFQRQKYLSLQQMQELSNILNLSYKQVKTWFQNQRMKSKRW
QKNN
;
_entity_poly.pdbx_strand_id   A
#
# COMPACT_ATOMS: atom_id res chain seq x y z
N SER A 1 -1.38 13.57 -13.29
CA SER A 1 -1.12 12.73 -12.10
C SER A 1 0.37 12.42 -12.01
N LYS A 2 0.75 11.61 -11.04
CA LYS A 2 2.11 11.12 -10.96
C LYS A 2 2.10 9.60 -11.12
N GLN A 3 2.71 9.14 -12.21
CA GLN A 3 2.79 7.71 -12.52
C GLN A 3 4.14 7.13 -12.10
N PRO A 4 4.24 6.67 -10.84
CA PRO A 4 5.50 6.22 -10.27
C PRO A 4 5.90 4.82 -10.73
N THR A 5 6.15 4.68 -12.02
CA THR A 5 6.60 3.43 -12.60
C THR A 5 8.06 3.16 -12.22
N SER A 6 8.74 4.22 -11.82
CA SER A 6 10.13 4.14 -11.42
C SER A 6 10.43 5.28 -10.44
N ALA A 7 11.69 5.38 -10.01
CA ALA A 7 12.12 6.42 -9.09
C ALA A 7 11.36 6.34 -7.76
N GLU A 8 11.79 5.43 -6.91
CA GLU A 8 11.21 5.27 -5.60
C GLU A 8 12.20 5.69 -4.53
N ASN A 9 11.76 5.67 -3.27
CA ASN A 9 12.65 5.93 -2.16
C ASN A 9 13.15 4.61 -1.62
N SER A 10 14.28 4.16 -2.17
CA SER A 10 14.84 2.85 -1.85
C SER A 10 15.08 2.69 -0.36
N VAL A 11 14.28 1.82 0.26
CA VAL A 11 14.37 1.54 1.69
C VAL A 11 14.13 2.80 2.52
N ALA A 12 12.86 3.11 2.75
CA ALA A 12 12.48 4.24 3.59
C ALA A 12 12.52 3.83 5.04
N LYS A 13 11.62 2.92 5.40
CA LYS A 13 11.52 2.38 6.73
C LYS A 13 10.40 1.35 6.77
N LYS A 14 10.30 0.61 7.86
CA LYS A 14 9.20 -0.33 8.03
C LYS A 14 8.50 -0.05 9.34
N GLU A 15 7.18 -0.13 9.32
CA GLU A 15 6.38 0.06 10.52
C GLU A 15 6.42 -1.23 11.35
N ASP A 16 6.55 -2.34 10.65
CA ASP A 16 6.62 -3.65 11.29
C ASP A 16 8.03 -4.20 11.24
N LYS A 17 8.55 -4.62 12.38
CA LYS A 17 9.86 -5.25 12.45
C LYS A 17 9.73 -6.61 13.13
N VAL A 18 8.68 -7.33 12.80
CA VAL A 18 8.40 -8.64 13.39
C VAL A 18 8.73 -9.76 12.40
N PRO A 19 9.97 -10.27 12.44
CA PRO A 19 10.45 -11.31 11.50
C PRO A 19 9.69 -12.63 11.63
N VAL A 20 8.62 -12.75 10.84
CA VAL A 20 7.85 -13.98 10.68
C VAL A 20 7.46 -14.61 12.03
N LYS A 21 6.34 -14.18 12.57
CA LYS A 21 5.79 -14.75 13.80
C LYS A 21 4.29 -14.92 13.66
N LYS A 22 3.70 -15.77 14.50
CA LYS A 22 2.25 -16.03 14.49
C LYS A 22 1.86 -16.82 13.22
N GLN A 23 2.85 -17.49 12.63
CA GLN A 23 2.66 -18.31 11.44
C GLN A 23 2.29 -17.48 10.22
N LYS A 24 1.81 -18.14 9.17
CA LYS A 24 1.46 -17.48 7.92
C LYS A 24 -0.04 -17.42 7.73
N THR A 25 -0.52 -16.31 7.18
CA THR A 25 -1.95 -16.11 6.98
C THR A 25 -2.40 -16.52 5.59
N ARG A 26 -1.71 -17.53 5.03
CA ARG A 26 -1.94 -17.98 3.64
C ARG A 26 -1.49 -16.91 2.65
N THR A 27 -2.29 -15.85 2.53
CA THR A 27 -1.93 -14.72 1.70
C THR A 27 -1.17 -13.70 2.54
N VAL A 28 -0.14 -13.12 1.95
CA VAL A 28 0.73 -12.19 2.67
C VAL A 28 1.20 -11.08 1.74
N PHE A 29 1.53 -9.94 2.33
CA PHE A 29 2.12 -8.84 1.59
C PHE A 29 3.59 -8.71 1.98
N SER A 30 4.43 -8.33 1.03
CA SER A 30 5.85 -8.22 1.28
C SER A 30 6.18 -6.81 1.74
N SER A 31 7.27 -6.69 2.48
CA SER A 31 7.71 -5.39 2.97
C SER A 31 8.09 -4.48 1.82
N THR A 32 8.41 -5.07 0.68
CA THR A 32 8.73 -4.32 -0.52
C THR A 32 7.51 -3.49 -0.95
N GLN A 33 6.37 -4.15 -1.08
CA GLN A 33 5.14 -3.45 -1.46
C GLN A 33 4.74 -2.48 -0.36
N LEU A 34 4.80 -2.94 0.89
CA LEU A 34 4.41 -2.12 2.03
C LEU A 34 5.22 -0.82 2.08
N CYS A 35 6.51 -0.91 1.80
CA CYS A 35 7.38 0.26 1.82
C CYS A 35 6.98 1.25 0.72
N VAL A 36 6.70 0.73 -0.46
CA VAL A 36 6.31 1.57 -1.60
C VAL A 36 4.97 2.24 -1.33
N LEU A 37 4.04 1.46 -0.79
CA LEU A 37 2.71 1.98 -0.45
C LEU A 37 2.83 3.11 0.56
N ASN A 38 3.58 2.87 1.63
CA ASN A 38 3.71 3.84 2.72
C ASN A 38 4.45 5.08 2.23
N ASP A 39 5.50 4.87 1.44
CA ASP A 39 6.25 5.98 0.87
C ASP A 39 5.35 6.86 0.01
N ARG A 40 4.64 6.23 -0.91
CA ARG A 40 3.79 6.95 -1.85
C ARG A 40 2.66 7.68 -1.14
N PHE A 41 2.14 7.07 -0.08
CA PHE A 41 1.10 7.70 0.72
C PHE A 41 1.64 8.90 1.49
N GLN A 42 2.93 8.88 1.77
CA GLN A 42 3.57 10.00 2.46
C GLN A 42 4.02 11.09 1.49
N ARG A 43 4.52 10.69 0.33
CA ARG A 43 4.98 11.65 -0.68
C ARG A 43 3.80 12.33 -1.35
N GLN A 44 2.81 11.53 -1.74
CA GLN A 44 1.62 12.03 -2.40
C GLN A 44 0.48 12.13 -1.39
N LYS A 45 -0.69 12.54 -1.85
CA LYS A 45 -1.85 12.60 -0.96
C LYS A 45 -2.41 11.20 -0.74
N TYR A 46 -2.72 10.52 -1.85
CA TYR A 46 -3.33 9.20 -1.84
C TYR A 46 -3.19 8.58 -3.22
N LEU A 47 -3.85 7.46 -3.45
CA LEU A 47 -3.89 6.86 -4.77
C LEU A 47 -5.11 7.33 -5.52
N SER A 48 -4.87 7.96 -6.66
CA SER A 48 -5.95 8.41 -7.51
C SER A 48 -6.51 7.26 -8.31
N LEU A 49 -7.54 7.55 -9.08
CA LEU A 49 -8.24 6.54 -9.86
C LEU A 49 -7.29 5.89 -10.86
N GLN A 50 -6.42 6.70 -11.44
CA GLN A 50 -5.44 6.19 -12.39
C GLN A 50 -4.30 5.49 -11.64
N GLN A 51 -3.84 6.10 -10.56
CA GLN A 51 -2.67 5.60 -9.83
C GLN A 51 -2.84 4.15 -9.38
N MET A 52 -4.07 3.78 -9.02
CA MET A 52 -4.34 2.41 -8.61
C MET A 52 -4.12 1.43 -9.77
N GLN A 53 -4.42 1.84 -11.01
CA GLN A 53 -4.19 0.95 -12.15
C GLN A 53 -2.71 0.89 -12.49
N GLU A 54 -2.00 2.01 -12.33
CA GLU A 54 -0.54 2.01 -12.47
C GLU A 54 0.08 1.03 -11.49
N LEU A 55 -0.27 1.21 -10.23
CA LEU A 55 0.28 0.39 -9.15
C LEU A 55 -0.01 -1.09 -9.40
N SER A 56 -1.23 -1.36 -9.83
CA SER A 56 -1.64 -2.70 -10.20
C SER A 56 -0.70 -3.32 -11.22
N ASN A 57 -0.36 -2.56 -12.25
CA ASN A 57 0.51 -3.06 -13.32
C ASN A 57 1.91 -3.32 -12.78
N ILE A 58 2.36 -2.47 -11.87
CA ILE A 58 3.72 -2.55 -11.35
C ILE A 58 3.89 -3.77 -10.47
N LEU A 59 2.93 -4.02 -9.59
CA LEU A 59 3.05 -5.12 -8.64
C LEU A 59 2.47 -6.41 -9.21
N ASN A 60 2.11 -6.37 -10.48
CA ASN A 60 1.59 -7.55 -11.19
C ASN A 60 0.30 -8.05 -10.53
N LEU A 61 -0.45 -7.10 -9.96
CA LEU A 61 -1.70 -7.42 -9.28
C LEU A 61 -2.87 -6.95 -10.12
N SER A 62 -4.07 -7.13 -9.60
CA SER A 62 -5.27 -6.77 -10.33
C SER A 62 -5.81 -5.44 -9.86
N TYR A 63 -6.35 -4.68 -10.81
CA TYR A 63 -6.97 -3.39 -10.54
C TYR A 63 -8.11 -3.54 -9.54
N LYS A 64 -8.75 -4.70 -9.57
CA LYS A 64 -9.84 -5.02 -8.66
C LYS A 64 -9.29 -5.19 -7.26
N GLN A 65 -8.09 -5.77 -7.18
CA GLN A 65 -7.44 -6.02 -5.90
C GLN A 65 -6.88 -4.73 -5.32
N VAL A 66 -6.22 -3.94 -6.17
CA VAL A 66 -5.58 -2.70 -5.72
C VAL A 66 -6.63 -1.69 -5.24
N LYS A 67 -7.75 -1.61 -5.96
CA LYS A 67 -8.82 -0.71 -5.58
C LYS A 67 -9.44 -1.13 -4.25
N THR A 68 -9.71 -2.42 -4.11
CA THR A 68 -10.38 -2.95 -2.93
C THR A 68 -9.52 -2.78 -1.68
N TRP A 69 -8.22 -3.00 -1.80
CA TRP A 69 -7.30 -2.83 -0.68
C TRP A 69 -7.35 -1.38 -0.19
N PHE A 70 -7.28 -0.45 -1.14
CA PHE A 70 -7.30 0.97 -0.83
C PHE A 70 -8.60 1.38 -0.16
N GLN A 71 -9.73 0.94 -0.72
CA GLN A 71 -11.04 1.33 -0.20
C GLN A 71 -11.30 0.72 1.17
N ASN A 72 -10.73 -0.45 1.43
CA ASN A 72 -10.88 -1.12 2.72
C ASN A 72 -10.12 -0.35 3.80
N GLN A 73 -8.88 0.01 3.50
CA GLN A 73 -8.07 0.82 4.39
C GLN A 73 -8.69 2.21 4.53
N ARG A 74 -9.36 2.65 3.49
CA ARG A 74 -10.04 3.94 3.49
C ARG A 74 -11.26 3.90 4.41
N MET A 75 -12.12 2.89 4.21
CA MET A 75 -13.42 2.85 4.91
C MET A 75 -13.29 2.41 6.37
N LYS A 76 -12.14 1.85 6.73
CA LYS A 76 -11.94 1.33 8.10
C LYS A 76 -12.06 2.45 9.14
N SER A 77 -11.74 3.67 8.73
CA SER A 77 -11.79 4.81 9.62
C SER A 77 -13.23 5.18 9.97
N LYS A 78 -14.15 4.90 9.06
CA LYS A 78 -15.54 5.25 9.27
C LYS A 78 -16.31 4.08 9.88
N ARG A 79 -16.09 2.90 9.35
CA ARG A 79 -16.81 1.72 9.83
C ARG A 79 -15.90 0.80 10.61
N TRP A 80 -15.09 0.03 9.88
CA TRP A 80 -14.17 -0.94 10.45
C TRP A 80 -13.54 -1.74 9.31
N GLN A 81 -12.37 -2.31 9.55
CA GLN A 81 -11.70 -3.10 8.52
C GLN A 81 -12.25 -4.53 8.51
N LYS A 82 -12.51 -5.04 7.32
CA LYS A 82 -13.07 -6.38 7.18
C LYS A 82 -12.17 -7.23 6.28
N ASN A 83 -11.97 -8.49 6.67
CA ASN A 83 -11.19 -9.42 5.86
C ASN A 83 -12.06 -10.03 4.78
N ASN A 84 -13.28 -10.40 5.17
CA ASN A 84 -14.26 -11.01 4.27
C ASN A 84 -13.78 -12.38 3.80
N SER A 1 2.00 7.72 -13.70
CA SER A 1 1.17 8.73 -13.00
C SER A 1 2.03 9.53 -12.02
N LYS A 2 2.47 8.89 -10.94
CA LYS A 2 3.26 9.60 -9.94
C LYS A 2 3.97 8.61 -9.01
N GLN A 3 4.23 7.40 -9.49
CA GLN A 3 4.95 6.39 -8.74
C GLN A 3 6.30 6.93 -8.22
N PRO A 4 6.71 6.52 -7.02
CA PRO A 4 7.97 6.98 -6.42
C PRO A 4 9.19 6.32 -7.05
N THR A 5 8.96 5.39 -7.96
CA THR A 5 10.03 4.64 -8.59
C THR A 5 10.58 5.35 -9.83
N SER A 6 11.46 6.31 -9.58
CA SER A 6 12.20 6.96 -10.66
C SER A 6 13.66 6.48 -10.59
N ALA A 7 14.15 6.38 -9.38
CA ALA A 7 15.44 5.78 -9.10
C ALA A 7 15.34 4.96 -7.83
N GLU A 8 15.47 5.63 -6.70
CA GLU A 8 15.19 5.04 -5.40
C GLU A 8 14.42 6.05 -4.56
N ASN A 9 13.94 5.64 -3.40
CA ASN A 9 13.11 6.51 -2.59
C ASN A 9 13.97 7.30 -1.59
N SER A 10 13.63 8.57 -1.39
CA SER A 10 14.31 9.39 -0.41
C SER A 10 13.62 9.26 0.94
N VAL A 11 14.42 9.19 2.01
CA VAL A 11 13.95 8.92 3.38
C VAL A 11 13.25 7.57 3.46
N ALA A 12 12.97 7.13 4.69
CA ALA A 12 12.33 5.85 4.95
C ALA A 12 13.21 4.67 4.50
N LYS A 13 13.87 4.04 5.46
CA LYS A 13 14.77 2.93 5.18
C LYS A 13 13.97 1.64 4.95
N LYS A 14 13.14 1.66 3.91
CA LYS A 14 12.17 0.61 3.65
C LYS A 14 11.15 0.58 4.77
N GLU A 15 10.53 1.75 4.96
CA GLU A 15 9.50 1.97 5.97
C GLU A 15 10.08 2.01 7.39
N ASP A 16 9.28 2.52 8.31
CA ASP A 16 9.68 2.60 9.70
C ASP A 16 9.25 1.34 10.43
N LYS A 17 10.22 0.53 10.81
CA LYS A 17 9.96 -0.79 11.34
C LYS A 17 9.54 -0.74 12.82
N VAL A 18 8.36 -0.19 13.06
CA VAL A 18 7.81 -0.14 14.42
C VAL A 18 6.34 -0.56 14.41
N PRO A 19 6.08 -1.88 14.48
CA PRO A 19 4.74 -2.43 14.52
C PRO A 19 4.18 -2.46 15.93
N VAL A 20 3.32 -1.50 16.25
CA VAL A 20 2.74 -1.41 17.58
C VAL A 20 1.22 -1.45 17.50
N LYS A 21 0.70 -2.64 17.30
CA LYS A 21 -0.73 -2.88 17.32
C LYS A 21 -1.00 -4.37 17.43
N LYS A 22 -2.01 -4.72 18.20
CA LYS A 22 -2.43 -6.11 18.33
C LYS A 22 -3.20 -6.54 17.10
N GLN A 23 -2.48 -6.78 16.01
CA GLN A 23 -3.12 -7.17 14.76
C GLN A 23 -2.26 -8.18 14.00
N LYS A 24 -2.86 -9.32 13.68
CA LYS A 24 -2.26 -10.26 12.75
C LYS A 24 -3.23 -10.46 11.60
N THR A 25 -3.00 -9.74 10.53
CA THR A 25 -3.96 -9.59 9.44
C THR A 25 -4.00 -10.80 8.51
N ARG A 26 -3.44 -11.92 8.95
CA ARG A 26 -3.41 -13.17 8.17
C ARG A 26 -2.49 -13.04 6.96
N THR A 27 -2.90 -12.25 5.98
CA THR A 27 -2.11 -12.01 4.80
C THR A 27 -1.35 -10.70 4.91
N VAL A 28 -0.14 -10.68 4.41
CA VAL A 28 0.69 -9.49 4.48
C VAL A 28 1.33 -9.21 3.12
N PHE A 29 1.84 -8.00 2.96
CA PHE A 29 2.52 -7.62 1.73
C PHE A 29 4.02 -7.69 1.93
N SER A 30 4.75 -7.91 0.85
CA SER A 30 6.20 -7.97 0.91
C SER A 30 6.77 -6.58 1.22
N SER A 31 8.03 -6.54 1.63
CA SER A 31 8.68 -5.30 2.04
C SER A 31 8.56 -4.22 0.97
N THR A 32 8.86 -4.57 -0.27
CA THR A 32 8.80 -3.62 -1.38
C THR A 32 7.37 -3.16 -1.61
N GLN A 33 6.43 -4.10 -1.54
CA GLN A 33 5.02 -3.80 -1.75
C GLN A 33 4.50 -2.83 -0.69
N LEU A 34 4.81 -3.11 0.57
CA LEU A 34 4.40 -2.24 1.67
C LEU A 34 4.97 -0.84 1.52
N CYS A 35 6.27 -0.77 1.20
CA CYS A 35 6.97 0.50 1.10
C CYS A 35 6.30 1.41 0.07
N VAL A 36 6.05 0.89 -1.13
CA VAL A 36 5.47 1.70 -2.20
C VAL A 36 4.05 2.13 -1.85
N LEU A 37 3.29 1.21 -1.26
CA LEU A 37 1.91 1.49 -0.85
C LEU A 37 1.87 2.59 0.20
N ASN A 38 2.72 2.45 1.21
CA ASN A 38 2.71 3.39 2.32
C ASN A 38 3.27 4.73 1.88
N ASP A 39 4.23 4.70 0.96
CA ASP A 39 4.79 5.92 0.38
C ASP A 39 3.68 6.80 -0.19
N ARG A 40 2.77 6.17 -0.92
CA ARG A 40 1.68 6.89 -1.56
C ARG A 40 0.76 7.51 -0.51
N PHE A 41 0.44 6.75 0.53
CA PHE A 41 -0.42 7.22 1.61
C PHE A 41 0.31 8.23 2.50
N GLN A 42 1.63 8.16 2.46
CA GLN A 42 2.47 9.05 3.25
C GLN A 42 2.54 10.43 2.62
N ARG A 43 2.82 10.47 1.33
CA ARG A 43 3.07 11.73 0.65
C ARG A 43 1.79 12.27 -0.01
N GLN A 44 0.76 11.46 -0.05
CA GLN A 44 -0.53 11.87 -0.60
C GLN A 44 -1.64 11.28 0.28
N LYS A 45 -2.81 11.90 0.27
CA LYS A 45 -3.91 11.46 1.11
C LYS A 45 -4.34 10.04 0.78
N TYR A 46 -4.60 9.79 -0.50
CA TYR A 46 -5.11 8.50 -0.94
C TYR A 46 -4.63 8.19 -2.34
N LEU A 47 -4.91 6.98 -2.80
CA LEU A 47 -4.54 6.57 -4.14
C LEU A 47 -5.50 7.14 -5.17
N SER A 48 -4.96 7.65 -6.27
CA SER A 48 -5.77 8.17 -7.35
C SER A 48 -6.18 7.04 -8.26
N LEU A 49 -7.01 7.34 -9.23
CA LEU A 49 -7.51 6.34 -10.18
C LEU A 49 -6.33 5.79 -10.98
N GLN A 50 -5.46 6.70 -11.37
CA GLN A 50 -4.29 6.35 -12.13
C GLN A 50 -3.27 5.64 -11.24
N GLN A 51 -3.18 6.05 -9.99
CA GLN A 51 -2.18 5.53 -9.08
C GLN A 51 -2.51 4.12 -8.59
N MET A 52 -3.79 3.80 -8.47
CA MET A 52 -4.19 2.46 -8.05
C MET A 52 -3.87 1.43 -9.14
N GLN A 53 -4.10 1.79 -10.41
CA GLN A 53 -3.74 0.90 -11.51
C GLN A 53 -2.23 0.89 -11.72
N GLU A 54 -1.59 2.02 -11.49
CA GLU A 54 -0.13 2.12 -11.58
C GLU A 54 0.52 1.24 -10.52
N LEU A 55 0.07 1.37 -9.28
CA LEU A 55 0.58 0.58 -8.17
C LEU A 55 0.38 -0.91 -8.45
N SER A 56 -0.77 -1.22 -9.02
CA SER A 56 -1.08 -2.58 -9.44
C SER A 56 0.00 -3.13 -10.37
N ASN A 57 0.43 -2.33 -11.34
CA ASN A 57 1.45 -2.76 -12.28
C ASN A 57 2.79 -2.94 -11.56
N ILE A 58 3.06 -2.08 -10.60
CA ILE A 58 4.34 -2.09 -9.89
C ILE A 58 4.49 -3.37 -9.08
N LEU A 59 3.42 -3.79 -8.42
CA LEU A 59 3.50 -4.93 -7.53
C LEU A 59 3.12 -6.22 -8.25
N ASN A 60 2.82 -6.10 -9.54
CA ASN A 60 2.34 -7.23 -10.35
C ASN A 60 1.07 -7.81 -9.75
N LEU A 61 0.22 -6.92 -9.25
CA LEU A 61 -1.05 -7.33 -8.67
C LEU A 61 -2.18 -6.93 -9.61
N SER A 62 -3.40 -7.17 -9.18
CA SER A 62 -4.56 -6.85 -9.98
C SER A 62 -5.17 -5.52 -9.56
N TYR A 63 -5.63 -4.76 -10.55
CA TYR A 63 -6.31 -3.50 -10.31
C TYR A 63 -7.47 -3.67 -9.34
N LYS A 64 -8.16 -4.79 -9.46
CA LYS A 64 -9.30 -5.08 -8.62
C LYS A 64 -8.85 -5.31 -7.19
N GLN A 65 -7.71 -5.97 -7.05
CA GLN A 65 -7.14 -6.23 -5.74
C GLN A 65 -6.66 -4.94 -5.10
N VAL A 66 -5.99 -4.09 -5.89
CA VAL A 66 -5.48 -2.82 -5.37
C VAL A 66 -6.63 -1.87 -5.06
N LYS A 67 -7.65 -1.88 -5.92
CA LYS A 67 -8.83 -1.04 -5.75
C LYS A 67 -9.59 -1.43 -4.48
N THR A 68 -9.84 -2.72 -4.33
CA THR A 68 -10.62 -3.23 -3.20
C THR A 68 -9.89 -2.99 -1.89
N TRP A 69 -8.60 -3.31 -1.84
CA TRP A 69 -7.80 -3.10 -0.64
C TRP A 69 -7.81 -1.63 -0.25
N PHE A 70 -7.56 -0.77 -1.24
CA PHE A 70 -7.57 0.67 -1.03
C PHE A 70 -8.90 1.15 -0.46
N GLN A 71 -9.99 0.75 -1.12
CA GLN A 71 -11.32 1.21 -0.73
C GLN A 71 -11.68 0.72 0.68
N ASN A 72 -11.25 -0.48 1.01
CA ASN A 72 -11.50 -1.07 2.32
C ASN A 72 -10.75 -0.32 3.40
N GLN A 73 -9.45 -0.14 3.19
CA GLN A 73 -8.62 0.61 4.13
C GLN A 73 -9.10 2.04 4.25
N ARG A 74 -9.54 2.59 3.11
CA ARG A 74 -10.07 3.95 3.05
C ARG A 74 -11.33 4.05 3.92
N MET A 75 -12.17 3.02 3.89
CA MET A 75 -13.39 3.03 4.68
C MET A 75 -13.14 2.71 6.16
N LYS A 76 -12.26 1.74 6.42
CA LYS A 76 -12.02 1.30 7.80
C LYS A 76 -11.18 2.30 8.60
N SER A 77 -10.44 3.15 7.91
CA SER A 77 -9.61 4.14 8.60
C SER A 77 -10.46 5.28 9.14
N LYS A 78 -11.59 5.52 8.50
CA LYS A 78 -12.48 6.59 8.92
C LYS A 78 -13.56 6.07 9.87
N ARG A 79 -14.14 4.92 9.53
CA ARG A 79 -15.14 4.30 10.37
C ARG A 79 -14.92 2.79 10.48
N TRP A 80 -15.30 2.08 9.42
CA TRP A 80 -15.20 0.63 9.38
C TRP A 80 -15.68 0.13 8.01
N GLN A 81 -15.82 -1.19 7.88
CA GLN A 81 -16.31 -1.78 6.64
C GLN A 81 -17.15 -3.00 6.97
N LYS A 82 -18.35 -3.06 6.39
CA LYS A 82 -19.27 -4.13 6.67
C LYS A 82 -19.01 -5.31 5.72
N ASN A 83 -19.28 -6.52 6.19
CA ASN A 83 -19.17 -7.69 5.34
C ASN A 83 -20.12 -7.58 4.15
N ASN A 84 -19.58 -7.77 2.96
CA ASN A 84 -20.37 -7.67 1.74
C ASN A 84 -20.02 -8.83 0.83
N SER A 1 1.48 7.47 -13.64
CA SER A 1 1.35 8.84 -13.08
C SER A 1 2.69 9.57 -13.22
N LYS A 2 3.06 10.30 -12.18
CA LYS A 2 4.35 10.99 -12.14
C LYS A 2 5.47 9.97 -11.92
N GLN A 3 5.06 8.72 -11.64
CA GLN A 3 5.99 7.61 -11.37
C GLN A 3 6.66 7.79 -10.01
N PRO A 4 7.16 6.69 -9.42
CA PRO A 4 7.86 6.75 -8.12
C PRO A 4 9.07 7.68 -8.18
N THR A 5 8.94 8.84 -7.57
CA THR A 5 10.02 9.80 -7.52
C THR A 5 10.94 9.52 -6.34
N SER A 6 12.19 9.91 -6.49
CA SER A 6 13.21 9.65 -5.48
C SER A 6 12.81 10.15 -4.09
N ALA A 7 13.25 9.43 -3.07
CA ALA A 7 12.96 9.80 -1.68
C ALA A 7 14.27 9.98 -0.92
N GLU A 8 14.18 10.25 0.37
CA GLU A 8 15.36 10.46 1.19
C GLU A 8 15.79 9.16 1.86
N ASN A 9 16.73 9.27 2.79
CA ASN A 9 17.35 8.11 3.42
C ASN A 9 16.50 7.59 4.59
N SER A 10 16.89 6.42 5.10
CA SER A 10 16.21 5.77 6.22
C SER A 10 14.81 5.29 5.82
N VAL A 11 14.77 4.17 5.11
CA VAL A 11 13.52 3.56 4.71
C VAL A 11 12.96 2.70 5.84
N ALA A 12 11.69 2.89 6.14
CA ALA A 12 11.04 2.14 7.21
C ALA A 12 10.52 0.81 6.68
N LYS A 13 11.01 -0.29 7.25
CA LYS A 13 10.60 -1.63 6.83
C LYS A 13 9.23 -1.98 7.41
N LYS A 14 8.89 -1.36 8.53
CA LYS A 14 7.60 -1.60 9.17
C LYS A 14 7.11 -0.37 9.92
N GLU A 15 5.95 0.12 9.48
CA GLU A 15 5.28 1.25 10.11
C GLU A 15 4.99 0.94 11.57
N ASP A 16 4.45 -0.25 11.81
CA ASP A 16 4.01 -0.67 13.13
C ASP A 16 5.14 -1.27 13.96
N LYS A 17 6.38 -0.89 13.61
CA LYS A 17 7.57 -1.28 14.36
C LYS A 17 7.90 -2.76 14.20
N VAL A 18 9.05 -3.14 14.79
CA VAL A 18 9.54 -4.52 14.84
C VAL A 18 9.35 -5.28 13.50
N PRO A 19 10.32 -5.10 12.59
CA PRO A 19 10.24 -5.59 11.20
C PRO A 19 9.99 -7.09 11.06
N VAL A 20 8.71 -7.42 10.83
CA VAL A 20 8.29 -8.77 10.48
C VAL A 20 8.68 -9.81 11.56
N LYS A 21 8.55 -9.42 12.82
CA LYS A 21 8.66 -10.37 13.93
C LYS A 21 7.27 -10.78 14.37
N LYS A 22 6.28 -10.02 13.92
CA LYS A 22 4.89 -10.31 14.21
C LYS A 22 4.33 -11.25 13.16
N GLN A 23 4.55 -12.54 13.37
CA GLN A 23 4.18 -13.55 12.38
C GLN A 23 2.66 -13.70 12.26
N LYS A 24 2.23 -14.17 11.10
CA LYS A 24 0.83 -14.43 10.81
C LYS A 24 0.66 -15.76 10.10
N THR A 25 -0.57 -16.11 9.79
CA THR A 25 -0.86 -17.35 9.08
C THR A 25 -1.72 -17.05 7.86
N ARG A 26 -2.09 -18.09 7.12
CA ARG A 26 -2.86 -17.97 5.86
C ARG A 26 -2.00 -17.40 4.75
N THR A 27 -1.68 -16.11 4.86
CA THR A 27 -0.88 -15.42 3.85
C THR A 27 0.11 -14.46 4.49
N VAL A 28 1.27 -14.32 3.88
CA VAL A 28 2.31 -13.44 4.39
C VAL A 28 2.48 -12.20 3.51
N PHE A 29 3.01 -11.15 4.09
CA PHE A 29 3.27 -9.91 3.37
C PHE A 29 4.75 -9.64 3.27
N SER A 30 5.13 -8.65 2.47
CA SER A 30 6.51 -8.25 2.37
C SER A 30 6.64 -6.76 2.66
N SER A 31 7.80 -6.36 3.16
CA SER A 31 8.03 -4.96 3.49
C SER A 31 8.12 -4.13 2.21
N THR A 32 8.68 -4.74 1.16
CA THR A 32 8.86 -4.06 -0.11
C THR A 32 7.53 -3.50 -0.63
N GLN A 33 6.48 -4.29 -0.54
CA GLN A 33 5.17 -3.86 -1.00
C GLN A 33 4.58 -2.80 -0.08
N LEU A 34 4.73 -3.01 1.22
CA LEU A 34 4.22 -2.08 2.22
C LEU A 34 4.93 -0.73 2.13
N CYS A 35 6.23 -0.77 1.86
CA CYS A 35 7.01 0.45 1.68
C CYS A 35 6.47 1.27 0.50
N VAL A 36 6.15 0.59 -0.60
CA VAL A 36 5.59 1.27 -1.77
C VAL A 36 4.23 1.90 -1.43
N LEU A 37 3.46 1.19 -0.62
CA LEU A 37 2.16 1.70 -0.18
C LEU A 37 2.36 2.93 0.73
N ASN A 38 3.35 2.83 1.60
CA ASN A 38 3.68 3.91 2.54
C ASN A 38 4.13 5.14 1.77
N ASP A 39 4.87 4.93 0.68
CA ASP A 39 5.29 6.01 -0.19
C ASP A 39 4.07 6.75 -0.74
N ARG A 40 3.20 6.01 -1.42
CA ARG A 40 2.03 6.61 -2.06
C ARG A 40 1.14 7.33 -1.05
N PHE A 41 0.97 6.73 0.13
CA PHE A 41 0.21 7.34 1.21
C PHE A 41 0.92 8.57 1.77
N GLN A 42 2.23 8.65 1.56
CA GLN A 42 3.00 9.79 2.05
C GLN A 42 3.07 10.92 1.03
N ARG A 43 3.27 10.58 -0.25
CA ARG A 43 3.43 11.60 -1.30
C ARG A 43 2.10 12.33 -1.52
N GLN A 44 1.02 11.57 -1.49
CA GLN A 44 -0.32 12.12 -1.62
C GLN A 44 -1.11 11.81 -0.36
N LYS A 45 -2.38 12.22 -0.33
CA LYS A 45 -3.25 11.87 0.79
C LYS A 45 -3.91 10.54 0.51
N TYR A 46 -4.37 10.37 -0.73
CA TYR A 46 -4.96 9.12 -1.16
C TYR A 46 -4.52 8.78 -2.58
N LEU A 47 -4.72 7.53 -2.99
CA LEU A 47 -4.34 7.10 -4.32
C LEU A 47 -5.45 7.41 -5.32
N SER A 48 -5.07 8.06 -6.40
CA SER A 48 -5.98 8.40 -7.46
C SER A 48 -6.20 7.20 -8.37
N LEU A 49 -7.08 7.36 -9.33
CA LEU A 49 -7.42 6.30 -10.27
C LEU A 49 -6.21 5.87 -11.08
N GLN A 50 -5.36 6.85 -11.40
CA GLN A 50 -4.14 6.58 -12.14
C GLN A 50 -3.14 5.87 -11.25
N GLN A 51 -3.12 6.23 -9.97
CA GLN A 51 -2.17 5.65 -9.03
C GLN A 51 -2.49 4.18 -8.73
N MET A 52 -3.77 3.87 -8.56
CA MET A 52 -4.17 2.49 -8.26
C MET A 52 -3.92 1.56 -9.44
N GLN A 53 -4.10 2.04 -10.67
CA GLN A 53 -3.81 1.23 -11.85
C GLN A 53 -2.30 1.10 -12.06
N GLU A 54 -1.56 2.15 -11.70
CA GLU A 54 -0.12 2.13 -11.76
C GLU A 54 0.43 1.10 -10.77
N LEU A 55 -0.07 1.16 -9.54
CA LEU A 55 0.36 0.26 -8.49
C LEU A 55 0.10 -1.20 -8.84
N SER A 56 -1.08 -1.47 -9.36
CA SER A 56 -1.47 -2.83 -9.74
C SER A 56 -0.56 -3.36 -10.85
N ASN A 57 -0.10 -2.47 -11.71
CA ASN A 57 0.81 -2.84 -12.79
C ASN A 57 2.16 -3.30 -12.22
N ILE A 58 2.65 -2.56 -11.23
CA ILE A 58 3.98 -2.82 -10.68
C ILE A 58 4.01 -4.10 -9.85
N LEU A 59 3.02 -4.26 -8.98
CA LEU A 59 3.01 -5.40 -8.07
C LEU A 59 2.34 -6.62 -8.69
N ASN A 60 2.00 -6.52 -9.98
CA ASN A 60 1.34 -7.61 -10.71
C ASN A 60 0.06 -8.04 -9.98
N LEU A 61 -0.83 -7.10 -9.77
CA LEU A 61 -2.10 -7.36 -9.10
C LEU A 61 -3.24 -6.80 -9.92
N SER A 62 -4.45 -7.21 -9.61
CA SER A 62 -5.61 -6.74 -10.32
C SER A 62 -5.92 -5.30 -9.93
N TYR A 63 -6.33 -4.49 -10.91
CA TYR A 63 -6.77 -3.13 -10.65
C TYR A 63 -7.92 -3.16 -9.67
N LYS A 64 -8.75 -4.18 -9.78
CA LYS A 64 -9.89 -4.35 -8.91
C LYS A 64 -9.42 -4.66 -7.50
N GLN A 65 -8.39 -5.47 -7.40
CA GLN A 65 -7.84 -5.83 -6.09
C GLN A 65 -7.18 -4.64 -5.44
N VAL A 66 -6.45 -3.85 -6.23
CA VAL A 66 -5.80 -2.66 -5.69
C VAL A 66 -6.86 -1.61 -5.31
N LYS A 67 -7.87 -1.49 -6.15
CA LYS A 67 -8.95 -0.56 -5.94
C LYS A 67 -9.72 -0.91 -4.67
N THR A 68 -10.01 -2.19 -4.51
CA THR A 68 -10.77 -2.68 -3.38
C THR A 68 -9.95 -2.58 -2.09
N TRP A 69 -8.69 -2.96 -2.15
CA TRP A 69 -7.81 -2.92 -0.98
C TRP A 69 -7.69 -1.48 -0.47
N PHE A 70 -7.52 -0.54 -1.40
CA PHE A 70 -7.42 0.87 -1.06
C PHE A 70 -8.71 1.35 -0.39
N GLN A 71 -9.85 1.04 -1.00
CA GLN A 71 -11.14 1.46 -0.45
C GLN A 71 -11.41 0.74 0.88
N ASN A 72 -10.86 -0.44 1.03
CA ASN A 72 -11.00 -1.21 2.26
C ASN A 72 -10.23 -0.56 3.39
N GLN A 73 -9.00 -0.15 3.10
CA GLN A 73 -8.19 0.54 4.10
C GLN A 73 -8.82 1.88 4.46
N ARG A 74 -9.48 2.49 3.48
CA ARG A 74 -10.18 3.74 3.70
C ARG A 74 -11.42 3.51 4.56
N MET A 75 -12.15 2.42 4.30
CA MET A 75 -13.36 2.13 5.08
C MET A 75 -12.98 1.67 6.48
N LYS A 76 -11.81 1.04 6.62
CA LYS A 76 -11.28 0.68 7.93
C LYS A 76 -11.05 1.94 8.76
N SER A 77 -10.60 2.99 8.09
CA SER A 77 -10.28 4.24 8.74
C SER A 77 -11.55 5.02 9.13
N LYS A 78 -12.64 4.79 8.38
CA LYS A 78 -13.91 5.46 8.68
C LYS A 78 -14.46 4.94 10.00
N ARG A 79 -14.80 3.66 10.03
CA ARG A 79 -15.31 3.04 11.25
C ARG A 79 -14.82 1.60 11.37
N TRP A 80 -15.44 0.75 10.58
CA TRP A 80 -15.16 -0.68 10.59
C TRP A 80 -15.81 -1.28 9.35
N GLN A 81 -15.02 -1.42 8.28
CA GLN A 81 -15.54 -1.69 6.96
C GLN A 81 -16.51 -0.58 6.54
N LYS A 82 -17.19 -0.75 5.43
CA LYS A 82 -18.16 0.24 5.02
C LYS A 82 -19.57 -0.21 5.38
N ASN A 83 -19.82 -0.27 6.68
CA ASN A 83 -21.13 -0.61 7.20
C ASN A 83 -21.69 0.58 7.95
N ASN A 84 -22.62 1.29 7.29
CA ASN A 84 -23.17 2.55 7.80
C ASN A 84 -22.07 3.60 7.90
N SER A 1 -0.08 10.95 -12.98
CA SER A 1 0.67 9.99 -12.14
C SER A 1 2.16 10.26 -12.22
N LYS A 2 2.63 10.60 -13.44
CA LYS A 2 4.04 10.96 -13.68
C LYS A 2 4.97 9.75 -13.58
N GLN A 3 4.39 8.57 -13.35
CA GLN A 3 5.16 7.33 -13.24
C GLN A 3 6.18 7.38 -12.12
N PRO A 4 5.77 7.03 -10.89
CA PRO A 4 6.66 6.99 -9.73
C PRO A 4 7.71 5.88 -9.84
N THR A 5 8.38 5.60 -8.73
CA THR A 5 9.44 4.60 -8.69
C THR A 5 10.68 5.12 -9.40
N SER A 6 11.45 5.92 -8.70
CA SER A 6 12.65 6.54 -9.26
C SER A 6 13.76 6.63 -8.22
N ALA A 7 13.50 7.38 -7.15
CA ALA A 7 14.48 7.58 -6.10
C ALA A 7 14.15 6.74 -4.88
N GLU A 8 13.04 6.01 -4.96
CA GLU A 8 12.60 5.15 -3.86
C GLU A 8 13.37 3.83 -3.83
N ASN A 9 14.33 3.70 -4.74
CA ASN A 9 15.14 2.49 -4.82
C ASN A 9 16.01 2.34 -3.57
N SER A 10 15.52 1.56 -2.61
CA SER A 10 16.22 1.33 -1.36
C SER A 10 15.61 0.16 -0.61
N VAL A 11 16.28 -0.99 -0.67
CA VAL A 11 15.81 -2.19 0.04
C VAL A 11 16.07 -2.04 1.52
N ALA A 12 15.23 -2.68 2.33
CA ALA A 12 15.31 -2.57 3.78
C ALA A 12 15.18 -1.10 4.18
N LYS A 13 14.03 -0.54 3.88
CA LYS A 13 13.79 0.89 4.04
C LYS A 13 13.44 1.23 5.48
N LYS A 14 13.14 0.19 6.26
CA LYS A 14 12.56 0.35 7.58
C LYS A 14 11.18 0.96 7.43
N GLU A 15 10.45 0.38 6.48
CA GLU A 15 9.10 0.79 6.16
C GLU A 15 8.13 0.36 7.26
N ASP A 16 8.50 -0.68 7.98
CA ASP A 16 7.73 -1.16 9.12
C ASP A 16 8.60 -1.17 10.36
N LYS A 17 8.11 -1.80 11.43
CA LYS A 17 8.85 -1.92 12.67
C LYS A 17 8.33 -3.11 13.47
N VAL A 18 9.26 -3.96 13.90
CA VAL A 18 8.91 -5.22 14.53
C VAL A 18 9.42 -5.32 15.97
N PRO A 19 8.61 -4.87 16.95
CA PRO A 19 8.91 -5.08 18.36
C PRO A 19 8.81 -6.56 18.72
N VAL A 20 9.18 -6.92 19.94
CA VAL A 20 9.19 -8.32 20.35
C VAL A 20 7.79 -8.76 20.73
N LYS A 21 6.98 -8.91 19.70
CA LYS A 21 5.62 -9.43 19.82
C LYS A 21 4.69 -8.44 20.51
N LYS A 22 4.23 -7.45 19.75
CA LYS A 22 3.31 -6.44 20.27
C LYS A 22 1.88 -6.85 19.91
N GLN A 23 1.68 -7.17 18.64
CA GLN A 23 0.38 -7.60 18.15
C GLN A 23 0.56 -8.76 17.19
N LYS A 24 -0.53 -9.41 16.80
CA LYS A 24 -0.48 -10.50 15.85
C LYS A 24 -0.94 -10.05 14.48
N THR A 25 0.01 -9.74 13.62
CA THR A 25 -0.30 -9.40 12.25
C THR A 25 -0.32 -10.68 11.42
N ARG A 26 -1.53 -11.16 11.13
CA ARG A 26 -1.72 -12.45 10.49
C ARG A 26 -1.16 -12.48 9.06
N THR A 27 -1.81 -11.76 8.17
CA THR A 27 -1.37 -11.69 6.79
C THR A 27 -0.60 -10.41 6.54
N VAL A 28 0.47 -10.52 5.78
CA VAL A 28 1.35 -9.38 5.52
C VAL A 28 1.86 -9.43 4.09
N PHE A 29 2.34 -8.30 3.60
CA PHE A 29 3.01 -8.23 2.33
C PHE A 29 4.51 -8.16 2.56
N SER A 30 5.29 -8.21 1.49
CA SER A 30 6.73 -8.08 1.61
C SER A 30 7.08 -6.64 1.97
N SER A 31 8.23 -6.45 2.60
CA SER A 31 8.67 -5.13 3.01
C SER A 31 8.62 -4.15 1.84
N THR A 32 9.13 -4.59 0.69
CA THR A 32 9.14 -3.77 -0.51
C THR A 32 7.72 -3.37 -0.92
N GLN A 33 6.79 -4.31 -0.84
CA GLN A 33 5.41 -4.04 -1.23
C GLN A 33 4.78 -3.04 -0.26
N LEU A 34 5.01 -3.26 1.03
CA LEU A 34 4.52 -2.37 2.07
C LEU A 34 5.18 -0.99 1.95
N CYS A 35 6.45 -0.97 1.60
CA CYS A 35 7.18 0.26 1.40
C CYS A 35 6.50 1.13 0.33
N VAL A 36 6.15 0.50 -0.79
CA VAL A 36 5.47 1.21 -1.87
C VAL A 36 4.16 1.80 -1.39
N LEU A 37 3.42 1.02 -0.61
CA LEU A 37 2.15 1.47 -0.05
C LEU A 37 2.35 2.65 0.90
N ASN A 38 3.33 2.50 1.79
CA ASN A 38 3.59 3.52 2.81
C ASN A 38 4.10 4.79 2.17
N ASP A 39 5.03 4.65 1.23
CA ASP A 39 5.63 5.79 0.55
C ASP A 39 4.58 6.62 -0.17
N ARG A 40 3.71 5.96 -0.92
CA ARG A 40 2.69 6.64 -1.71
C ARG A 40 1.70 7.37 -0.81
N PHE A 41 1.24 6.68 0.24
CA PHE A 41 0.29 7.27 1.19
C PHE A 41 0.96 8.36 2.03
N GLN A 42 2.28 8.30 2.11
CA GLN A 42 3.04 9.29 2.85
C GLN A 42 3.09 10.61 2.07
N ARG A 43 3.07 10.51 0.74
CA ARG A 43 3.14 11.68 -0.11
C ARG A 43 1.74 12.21 -0.41
N GLN A 44 0.83 11.29 -0.70
CA GLN A 44 -0.56 11.64 -0.95
C GLN A 44 -1.47 10.77 -0.09
N LYS A 45 -2.49 11.40 0.49
CA LYS A 45 -3.33 10.73 1.48
C LYS A 45 -4.10 9.57 0.87
N TYR A 46 -4.64 9.78 -0.33
CA TYR A 46 -5.36 8.73 -1.03
C TYR A 46 -4.96 8.70 -2.50
N LEU A 47 -5.01 7.52 -3.09
CA LEU A 47 -4.60 7.33 -4.47
C LEU A 47 -5.67 7.75 -5.45
N SER A 48 -5.25 8.23 -6.61
CA SER A 48 -6.15 8.62 -7.68
C SER A 48 -6.60 7.38 -8.45
N LEU A 49 -7.50 7.58 -9.39
CA LEU A 49 -8.01 6.49 -10.21
C LEU A 49 -6.89 5.97 -11.11
N GLN A 50 -6.12 6.90 -11.67
CA GLN A 50 -4.99 6.54 -12.53
C GLN A 50 -3.87 5.95 -11.69
N GLN A 51 -3.82 6.33 -10.42
CA GLN A 51 -2.78 5.86 -9.52
C GLN A 51 -3.02 4.41 -9.09
N MET A 52 -4.26 4.06 -8.76
CA MET A 52 -4.57 2.71 -8.31
C MET A 52 -4.33 1.68 -9.42
N GLN A 53 -4.65 2.03 -10.67
CA GLN A 53 -4.41 1.12 -11.78
C GLN A 53 -2.91 1.06 -12.11
N GLU A 54 -2.22 2.17 -11.93
CA GLU A 54 -0.79 2.21 -12.18
C GLU A 54 -0.06 1.42 -11.11
N LEU A 55 -0.54 1.53 -9.87
CA LEU A 55 0.05 0.82 -8.74
C LEU A 55 0.00 -0.68 -8.98
N SER A 56 -1.16 -1.17 -9.41
CA SER A 56 -1.30 -2.59 -9.71
C SER A 56 -0.34 -3.00 -10.83
N ASN A 57 -0.14 -2.10 -11.78
CA ASN A 57 0.75 -2.35 -12.91
C ASN A 57 2.21 -2.51 -12.44
N ILE A 58 2.60 -1.71 -11.45
CA ILE A 58 3.96 -1.73 -10.95
C ILE A 58 4.24 -3.01 -10.16
N LEU A 59 3.29 -3.39 -9.31
CA LEU A 59 3.47 -4.55 -8.45
C LEU A 59 2.99 -5.83 -9.13
N ASN A 60 2.61 -5.70 -10.41
CA ASN A 60 2.15 -6.84 -11.22
C ASN A 60 0.92 -7.51 -10.61
N LEU A 61 0.10 -6.69 -9.97
CA LEU A 61 -1.13 -7.17 -9.35
C LEU A 61 -2.33 -6.68 -10.13
N SER A 62 -3.51 -7.12 -9.71
CA SER A 62 -4.73 -6.70 -10.39
C SER A 62 -5.19 -5.34 -9.90
N TYR A 63 -5.75 -4.57 -10.82
CA TYR A 63 -6.36 -3.29 -10.53
C TYR A 63 -7.45 -3.46 -9.48
N LYS A 64 -8.18 -4.56 -9.57
CA LYS A 64 -9.26 -4.85 -8.64
C LYS A 64 -8.71 -5.22 -7.27
N GLN A 65 -7.52 -5.83 -7.25
CA GLN A 65 -6.84 -6.12 -6.00
C GLN A 65 -6.46 -4.82 -5.31
N VAL A 66 -5.94 -3.87 -6.08
CA VAL A 66 -5.52 -2.59 -5.54
C VAL A 66 -6.75 -1.74 -5.17
N LYS A 67 -7.72 -1.71 -6.07
CA LYS A 67 -8.95 -0.94 -5.93
C LYS A 67 -9.71 -1.34 -4.67
N THR A 68 -9.81 -2.65 -4.45
CA THR A 68 -10.58 -3.17 -3.33
C THR A 68 -9.82 -2.96 -2.01
N TRP A 69 -8.50 -3.16 -2.04
CA TRP A 69 -7.69 -2.97 -0.84
C TRP A 69 -7.76 -1.51 -0.38
N PHE A 70 -7.55 -0.60 -1.33
CA PHE A 70 -7.61 0.83 -1.06
C PHE A 70 -8.95 1.21 -0.43
N GLN A 71 -10.03 0.64 -0.95
CA GLN A 71 -11.37 0.96 -0.47
C GLN A 71 -11.55 0.49 0.97
N ASN A 72 -11.15 -0.74 1.25
CA ASN A 72 -11.29 -1.31 2.58
C ASN A 72 -10.42 -0.58 3.58
N GLN A 73 -9.23 -0.21 3.15
CA GLN A 73 -8.29 0.52 3.98
C GLN A 73 -8.90 1.85 4.42
N ARG A 74 -9.45 2.60 3.46
CA ARG A 74 -10.07 3.87 3.79
C ARG A 74 -11.39 3.68 4.53
N MET A 75 -12.04 2.52 4.33
CA MET A 75 -13.27 2.23 5.07
C MET A 75 -12.98 2.04 6.55
N LYS A 76 -11.90 1.33 6.84
CA LYS A 76 -11.45 1.12 8.22
C LYS A 76 -11.16 2.46 8.89
N SER A 77 -10.65 3.40 8.10
CA SER A 77 -10.25 4.70 8.61
C SER A 77 -11.46 5.57 8.92
N LYS A 78 -12.47 5.53 8.07
CA LYS A 78 -13.63 6.40 8.23
C LYS A 78 -14.61 5.85 9.28
N ARG A 79 -14.92 4.56 9.19
CA ARG A 79 -15.88 3.93 10.10
C ARG A 79 -15.45 2.52 10.45
N TRP A 80 -15.67 1.61 9.50
CA TRP A 80 -15.41 0.19 9.71
C TRP A 80 -15.44 -0.55 8.38
N GLN A 81 -15.11 -1.83 8.40
CA GLN A 81 -15.05 -2.62 7.18
C GLN A 81 -16.42 -3.18 6.85
N LYS A 82 -17.17 -2.48 6.01
CA LYS A 82 -18.49 -2.91 5.60
C LYS A 82 -18.38 -3.77 4.35
N ASN A 83 -18.41 -5.08 4.54
CA ASN A 83 -18.22 -6.02 3.44
C ASN A 83 -19.48 -6.15 2.61
N ASN A 84 -20.62 -5.94 3.25
CA ASN A 84 -21.90 -6.04 2.58
C ASN A 84 -22.88 -5.03 3.15
N SER A 1 0.30 12.75 -9.32
CA SER A 1 0.35 11.28 -9.22
C SER A 1 1.67 10.82 -8.61
N LYS A 2 2.75 10.94 -9.39
CA LYS A 2 4.10 10.54 -8.97
C LYS A 2 4.18 9.04 -8.77
N GLN A 3 4.55 8.36 -9.85
CA GLN A 3 4.63 6.91 -9.91
C GLN A 3 6.07 6.42 -9.81
N PRO A 4 6.55 6.15 -8.60
CA PRO A 4 7.95 5.78 -8.35
C PRO A 4 8.34 4.52 -9.10
N THR A 5 9.33 4.64 -9.96
CA THR A 5 9.85 3.50 -10.70
C THR A 5 10.94 2.83 -9.86
N SER A 6 11.49 1.74 -10.38
CA SER A 6 12.51 0.97 -9.68
C SER A 6 13.68 1.85 -9.24
N ALA A 7 13.76 2.09 -7.94
CA ALA A 7 14.81 2.92 -7.37
C ALA A 7 15.23 2.37 -6.02
N GLU A 8 14.65 1.24 -5.66
CA GLU A 8 14.89 0.61 -4.37
C GLU A 8 16.11 -0.29 -4.43
N ASN A 9 16.48 -0.84 -3.29
CA ASN A 9 17.60 -1.76 -3.18
C ASN A 9 17.12 -3.01 -2.45
N SER A 10 18.03 -3.88 -2.03
CA SER A 10 17.66 -5.10 -1.34
C SER A 10 16.89 -4.78 -0.05
N VAL A 11 15.58 -4.99 -0.10
CA VAL A 11 14.72 -4.72 1.05
C VAL A 11 14.88 -5.80 2.10
N ALA A 12 14.85 -5.41 3.35
CA ALA A 12 15.01 -6.34 4.45
C ALA A 12 13.73 -7.17 4.64
N LYS A 13 13.78 -8.07 5.62
CA LYS A 13 12.64 -8.93 5.91
C LYS A 13 11.49 -8.14 6.50
N LYS A 14 11.83 -7.02 7.15
CA LYS A 14 10.83 -6.09 7.63
C LYS A 14 10.84 -4.84 6.77
N GLU A 15 9.82 -4.00 6.92
CA GLU A 15 9.63 -2.81 6.09
C GLU A 15 10.85 -1.89 6.11
N ASP A 16 11.07 -1.24 7.24
CA ASP A 16 12.16 -0.27 7.37
C ASP A 16 13.22 -0.81 8.30
N LYS A 17 14.23 0.00 8.62
CA LYS A 17 15.33 -0.44 9.47
C LYS A 17 15.00 -0.22 10.94
N VAL A 18 13.71 -0.25 11.24
CA VAL A 18 13.23 -0.24 12.60
C VAL A 18 12.24 -1.39 12.78
N PRO A 19 12.74 -2.62 12.82
CA PRO A 19 11.90 -3.81 12.82
C PRO A 19 11.46 -4.22 14.21
N VAL A 20 10.42 -3.56 14.72
CA VAL A 20 9.85 -3.91 16.01
C VAL A 20 8.32 -3.82 15.92
N LYS A 21 7.82 -3.95 14.71
CA LYS A 21 6.40 -3.82 14.46
C LYS A 21 5.79 -5.16 14.05
N LYS A 22 5.38 -5.94 15.05
CA LYS A 22 4.73 -7.22 14.82
C LYS A 22 3.22 -7.04 14.88
N GLN A 23 2.74 -5.93 14.33
CA GLN A 23 1.33 -5.58 14.38
C GLN A 23 0.51 -6.34 13.35
N LYS A 24 1.19 -7.13 12.52
CA LYS A 24 0.52 -7.84 11.45
C LYS A 24 0.06 -9.22 11.91
N THR A 25 -1.08 -9.28 12.58
CA THR A 25 -1.69 -10.55 12.91
C THR A 25 -2.59 -10.99 11.77
N ARG A 26 -2.97 -10.01 10.95
CA ARG A 26 -3.72 -10.26 9.73
C ARG A 26 -2.75 -10.22 8.54
N THR A 27 -2.89 -11.17 7.64
CA THR A 27 -2.01 -11.25 6.48
C THR A 27 -2.05 -9.97 5.65
N VAL A 28 -0.88 -9.59 5.16
CA VAL A 28 -0.70 -8.36 4.41
C VAL A 28 0.24 -8.59 3.23
N PHE A 29 0.75 -7.52 2.65
CA PHE A 29 1.68 -7.61 1.54
C PHE A 29 3.11 -7.78 2.06
N SER A 30 4.04 -7.96 1.15
CA SER A 30 5.44 -8.13 1.52
C SER A 30 6.03 -6.80 1.97
N SER A 31 7.12 -6.86 2.73
CA SER A 31 7.75 -5.67 3.29
C SER A 31 8.04 -4.62 2.22
N THR A 32 8.54 -5.07 1.07
CA THR A 32 8.82 -4.18 -0.05
C THR A 32 7.58 -3.40 -0.46
N GLN A 33 6.48 -4.11 -0.67
CA GLN A 33 5.24 -3.51 -1.14
C GLN A 33 4.66 -2.60 -0.06
N LEU A 34 4.73 -3.04 1.19
CA LEU A 34 4.26 -2.24 2.32
C LEU A 34 5.00 -0.89 2.37
N CYS A 35 6.32 -0.93 2.17
CA CYS A 35 7.14 0.27 2.23
C CYS A 35 6.79 1.23 1.09
N VAL A 36 6.57 0.68 -0.11
CA VAL A 36 6.22 1.50 -1.27
C VAL A 36 4.88 2.18 -1.06
N LEU A 37 3.92 1.42 -0.57
CA LEU A 37 2.58 1.95 -0.30
C LEU A 37 2.63 3.06 0.74
N ASN A 38 3.30 2.79 1.84
CA ASN A 38 3.38 3.73 2.95
C ASN A 38 4.06 5.02 2.52
N ASP A 39 5.11 4.88 1.71
CA ASP A 39 5.83 6.03 1.21
C ASP A 39 4.93 6.94 0.39
N ARG A 40 4.21 6.37 -0.57
CA ARG A 40 3.37 7.17 -1.45
C ARG A 40 2.10 7.63 -0.76
N PHE A 41 1.62 6.87 0.22
CA PHE A 41 0.50 7.30 1.04
C PHE A 41 0.90 8.45 1.96
N GLN A 42 2.21 8.60 2.16
CA GLN A 42 2.74 9.74 2.90
C GLN A 42 2.88 10.95 1.98
N ARG A 43 3.50 10.75 0.81
CA ARG A 43 3.72 11.84 -0.15
C ARG A 43 2.37 12.32 -0.70
N GLN A 44 1.60 11.37 -1.20
CA GLN A 44 0.24 11.62 -1.64
C GLN A 44 -0.68 11.37 -0.44
N LYS A 45 -1.98 11.50 -0.63
CA LYS A 45 -2.90 11.18 0.44
C LYS A 45 -3.71 9.95 0.09
N TYR A 46 -4.08 9.82 -1.17
CA TYR A 46 -4.79 8.64 -1.66
C TYR A 46 -4.40 8.33 -3.09
N LEU A 47 -4.94 7.23 -3.62
CA LEU A 47 -4.68 6.82 -4.98
C LEU A 47 -5.81 7.27 -5.89
N SER A 48 -5.46 7.77 -7.05
CA SER A 48 -6.44 8.17 -8.03
C SER A 48 -6.72 7.02 -8.98
N LEU A 49 -7.61 7.25 -9.93
CA LEU A 49 -7.99 6.22 -10.89
C LEU A 49 -6.78 5.77 -11.71
N GLN A 50 -5.92 6.72 -12.04
CA GLN A 50 -4.72 6.42 -12.81
C GLN A 50 -3.70 5.70 -11.92
N GLN A 51 -3.55 6.22 -10.71
CA GLN A 51 -2.56 5.67 -9.77
C GLN A 51 -2.87 4.22 -9.41
N MET A 52 -4.15 3.90 -9.22
CA MET A 52 -4.53 2.55 -8.80
C MET A 52 -4.28 1.52 -9.91
N GLN A 53 -4.54 1.89 -11.16
CA GLN A 53 -4.34 0.96 -12.27
C GLN A 53 -2.86 0.78 -12.56
N GLU A 54 -2.10 1.87 -12.50
CA GLU A 54 -0.67 1.81 -12.76
C GLU A 54 0.05 1.11 -11.61
N LEU A 55 -0.38 1.38 -10.37
CA LEU A 55 0.21 0.73 -9.20
C LEU A 55 0.02 -0.78 -9.28
N SER A 56 -1.16 -1.18 -9.75
CA SER A 56 -1.45 -2.58 -10.02
C SER A 56 -0.39 -3.19 -10.94
N ASN A 57 -0.05 -2.48 -12.01
CA ASN A 57 0.97 -2.94 -12.94
C ASN A 57 2.33 -3.06 -12.24
N ILE A 58 2.64 -2.09 -11.37
CA ILE A 58 3.94 -2.03 -10.72
C ILE A 58 4.08 -3.13 -9.68
N LEU A 59 3.08 -3.28 -8.83
CA LEU A 59 3.15 -4.24 -7.73
C LEU A 59 2.89 -5.67 -8.21
N ASN A 60 2.64 -5.81 -9.50
CA ASN A 60 2.39 -7.11 -10.13
C ASN A 60 1.11 -7.73 -9.56
N LEU A 61 0.21 -6.87 -9.09
CA LEU A 61 -1.04 -7.32 -8.50
C LEU A 61 -2.19 -6.97 -9.44
N SER A 62 -3.38 -7.44 -9.09
CA SER A 62 -4.55 -7.17 -9.89
C SER A 62 -5.13 -5.79 -9.59
N TYR A 63 -5.73 -5.18 -10.60
CA TYR A 63 -6.39 -3.89 -10.45
C TYR A 63 -7.53 -4.02 -9.45
N LYS A 64 -8.16 -5.19 -9.44
CA LYS A 64 -9.26 -5.46 -8.54
C LYS A 64 -8.74 -5.53 -7.11
N GLN A 65 -7.53 -6.07 -6.96
CA GLN A 65 -6.90 -6.16 -5.66
C GLN A 65 -6.54 -4.76 -5.15
N VAL A 66 -5.98 -3.95 -6.05
CA VAL A 66 -5.57 -2.60 -5.67
C VAL A 66 -6.78 -1.71 -5.42
N LYS A 67 -7.78 -1.83 -6.28
CA LYS A 67 -8.99 -1.01 -6.20
C LYS A 67 -9.76 -1.30 -4.92
N THR A 68 -10.00 -2.57 -4.66
CA THR A 68 -10.79 -3.00 -3.51
C THR A 68 -10.06 -2.67 -2.21
N TRP A 69 -8.74 -2.80 -2.21
CA TRP A 69 -7.94 -2.50 -1.03
C TRP A 69 -8.06 -1.02 -0.67
N PHE A 70 -7.88 -0.17 -1.68
CA PHE A 70 -7.99 1.27 -1.51
C PHE A 70 -9.38 1.66 -1.02
N GLN A 71 -10.41 1.02 -1.55
CA GLN A 71 -11.79 1.34 -1.18
C GLN A 71 -12.05 0.97 0.28
N ASN A 72 -11.38 -0.06 0.75
CA ASN A 72 -11.57 -0.58 2.10
C ASN A 72 -10.83 0.28 3.11
N GLN A 73 -9.58 0.62 2.79
CA GLN A 73 -8.78 1.45 3.67
C GLN A 73 -9.45 2.81 3.84
N ARG A 74 -10.14 3.24 2.80
CA ARG A 74 -10.87 4.50 2.83
C ARG A 74 -12.09 4.39 3.75
N MET A 75 -12.82 3.30 3.64
CA MET A 75 -14.09 3.17 4.34
C MET A 75 -13.92 2.80 5.83
N LYS A 76 -13.32 1.65 6.11
CA LYS A 76 -13.39 1.07 7.46
C LYS A 76 -12.30 1.56 8.40
N SER A 77 -11.22 2.10 7.85
CA SER A 77 -10.09 2.52 8.67
C SER A 77 -10.44 3.69 9.58
N LYS A 78 -11.62 4.29 9.35
CA LYS A 78 -12.08 5.39 10.21
C LYS A 78 -12.37 4.91 11.62
N ARG A 79 -12.82 3.67 11.75
CA ARG A 79 -13.20 3.14 13.07
C ARG A 79 -11.99 2.66 13.84
N TRP A 80 -10.96 2.23 13.13
CA TRP A 80 -9.77 1.70 13.76
C TRP A 80 -8.66 2.73 13.76
N GLN A 81 -8.53 3.44 14.87
CA GLN A 81 -7.54 4.49 15.00
C GLN A 81 -6.33 4.00 15.79
N LYS A 82 -6.14 2.69 15.80
CA LYS A 82 -4.98 2.09 16.45
C LYS A 82 -3.83 2.00 15.46
N ASN A 83 -2.93 2.97 15.51
CA ASN A 83 -1.83 3.04 14.57
C ASN A 83 -0.51 3.32 15.31
N ASN A 84 0.42 2.40 15.20
CA ASN A 84 1.71 2.54 15.88
C ASN A 84 2.84 2.12 14.94
N SER A 1 -1.02 8.19 -13.87
CA SER A 1 -1.46 9.35 -13.08
C SER A 1 -0.33 10.37 -12.99
N LYS A 2 0.86 9.90 -12.64
CA LYS A 2 2.03 10.76 -12.58
C LYS A 2 3.28 10.01 -13.03
N GLN A 3 3.22 8.68 -13.00
CA GLN A 3 4.36 7.83 -13.35
C GLN A 3 5.59 8.22 -12.54
N PRO A 4 5.60 7.87 -11.24
CA PRO A 4 6.69 8.26 -10.33
C PRO A 4 7.91 7.38 -10.49
N THR A 5 7.79 6.36 -11.34
CA THR A 5 8.89 5.43 -11.59
C THR A 5 10.07 6.15 -12.21
N SER A 6 11.02 6.52 -11.37
CA SER A 6 12.22 7.21 -11.81
C SER A 6 13.44 6.66 -11.07
N ALA A 7 13.21 5.59 -10.32
CA ALA A 7 14.24 4.98 -9.49
C ALA A 7 13.79 3.62 -9.01
N GLU A 8 14.71 2.88 -8.40
CA GLU A 8 14.39 1.59 -7.81
C GLU A 8 15.24 1.40 -6.56
N ASN A 9 14.63 1.66 -5.41
CA ASN A 9 15.35 1.62 -4.14
C ASN A 9 14.60 0.75 -3.14
N SER A 10 15.21 0.54 -1.98
CA SER A 10 14.60 -0.28 -0.95
C SER A 10 14.42 0.51 0.35
N VAL A 11 15.31 1.47 0.58
CA VAL A 11 15.29 2.32 1.77
C VAL A 11 15.64 1.53 3.03
N ALA A 12 16.79 1.84 3.61
CA ALA A 12 17.20 1.16 4.83
C ALA A 12 16.42 1.68 6.03
N LYS A 13 15.22 1.13 6.20
CA LYS A 13 14.35 1.48 7.31
C LYS A 13 13.21 0.49 7.38
N LYS A 14 12.45 0.41 6.28
CA LYS A 14 11.42 -0.61 6.08
C LYS A 14 10.29 -0.49 7.10
N GLU A 15 9.40 -1.48 7.12
CA GLU A 15 8.23 -1.45 7.99
C GLU A 15 8.49 -2.22 9.29
N ASP A 16 9.26 -3.31 9.19
CA ASP A 16 9.58 -4.10 10.37
C ASP A 16 10.68 -3.44 11.19
N LYS A 17 10.25 -2.69 12.18
CA LYS A 17 11.14 -1.93 13.05
C LYS A 17 11.48 -2.73 14.29
N VAL A 18 12.76 -2.72 14.66
CA VAL A 18 13.29 -3.57 15.73
C VAL A 18 12.96 -5.04 15.44
N PRO A 19 13.69 -5.62 14.48
CA PRO A 19 13.43 -6.98 13.99
C PRO A 19 13.94 -8.06 14.94
N VAL A 20 13.01 -8.77 15.56
CA VAL A 20 13.35 -9.92 16.38
C VAL A 20 12.82 -11.19 15.69
N LYS A 21 13.44 -11.50 14.56
CA LYS A 21 13.01 -12.60 13.68
C LYS A 21 11.71 -12.22 12.97
N LYS A 22 11.51 -12.74 11.77
CA LYS A 22 10.32 -12.45 11.00
C LYS A 22 9.79 -13.72 10.31
N GLN A 23 10.53 -14.22 9.32
CA GLN A 23 10.11 -15.42 8.58
C GLN A 23 8.75 -15.23 7.92
N LYS A 24 8.16 -16.35 7.50
CA LYS A 24 6.79 -16.37 6.98
C LYS A 24 6.26 -17.80 6.92
N THR A 25 5.18 -18.06 7.65
CA THR A 25 4.57 -19.38 7.68
C THR A 25 3.59 -19.55 6.50
N ARG A 26 3.47 -18.51 5.69
CA ARG A 26 2.67 -18.52 4.47
C ARG A 26 2.95 -17.26 3.67
N THR A 27 2.39 -17.16 2.49
CA THR A 27 2.64 -16.02 1.64
C THR A 27 1.82 -14.81 2.08
N VAL A 28 2.45 -13.64 1.99
CA VAL A 28 1.85 -12.37 2.40
C VAL A 28 2.47 -11.23 1.58
N PHE A 29 2.21 -10.01 1.98
CA PHE A 29 2.85 -8.86 1.37
C PHE A 29 4.19 -8.61 2.04
N SER A 30 5.22 -8.50 1.23
CA SER A 30 6.58 -8.34 1.73
C SER A 30 6.81 -6.91 2.18
N SER A 31 7.83 -6.72 3.03
CA SER A 31 8.19 -5.39 3.53
C SER A 31 8.32 -4.40 2.37
N THR A 32 8.92 -4.86 1.27
CA THR A 32 9.09 -4.04 0.08
C THR A 32 7.76 -3.50 -0.42
N GLN A 33 6.79 -4.40 -0.62
CA GLN A 33 5.48 -4.02 -1.12
C GLN A 33 4.74 -3.16 -0.10
N LEU A 34 4.91 -3.49 1.18
CA LEU A 34 4.30 -2.73 2.25
C LEU A 34 4.78 -1.28 2.22
N CYS A 35 6.10 -1.10 2.10
CA CYS A 35 6.68 0.23 2.03
C CYS A 35 6.20 0.98 0.78
N VAL A 36 6.01 0.27 -0.33
CA VAL A 36 5.50 0.88 -1.56
C VAL A 36 4.10 1.44 -1.32
N LEU A 37 3.24 0.63 -0.68
CA LEU A 37 1.88 1.05 -0.37
C LEU A 37 1.91 2.20 0.64
N ASN A 38 2.76 2.06 1.65
CA ASN A 38 2.88 3.05 2.71
C ASN A 38 3.42 4.36 2.15
N ASP A 39 4.31 4.27 1.18
CA ASP A 39 4.88 5.45 0.55
C ASP A 39 3.82 6.24 -0.20
N ARG A 40 3.00 5.54 -1.00
CA ARG A 40 1.95 6.20 -1.78
C ARG A 40 0.99 6.94 -0.86
N PHE A 41 0.65 6.33 0.27
CA PHE A 41 -0.23 6.94 1.26
C PHE A 41 0.50 8.02 2.06
N GLN A 42 1.82 7.95 2.06
CA GLN A 42 2.65 8.97 2.68
C GLN A 42 2.70 10.20 1.78
N ARG A 43 2.75 9.96 0.47
CA ARG A 43 2.74 11.04 -0.51
C ARG A 43 1.38 11.71 -0.55
N GLN A 44 0.33 10.91 -0.72
CA GLN A 44 -1.02 11.41 -0.78
C GLN A 44 -1.90 10.63 0.18
N LYS A 45 -2.92 11.29 0.73
CA LYS A 45 -3.80 10.66 1.69
C LYS A 45 -4.55 9.49 1.05
N TYR A 46 -4.95 9.67 -0.19
CA TYR A 46 -5.65 8.62 -0.92
C TYR A 46 -5.19 8.56 -2.36
N LEU A 47 -5.39 7.41 -2.99
CA LEU A 47 -5.06 7.22 -4.39
C LEU A 47 -6.28 7.51 -5.27
N SER A 48 -6.03 8.03 -6.46
CA SER A 48 -7.09 8.35 -7.38
C SER A 48 -7.38 7.14 -8.27
N LEU A 49 -8.37 7.28 -9.14
CA LEU A 49 -8.74 6.21 -10.05
C LEU A 49 -7.60 5.91 -11.01
N GLN A 50 -6.90 6.97 -11.39
CA GLN A 50 -5.75 6.85 -12.26
C GLN A 50 -4.56 6.25 -11.50
N GLN A 51 -4.38 6.66 -10.25
CA GLN A 51 -3.23 6.25 -9.47
C GLN A 51 -3.34 4.78 -9.03
N MET A 52 -4.55 4.31 -8.75
CA MET A 52 -4.73 2.91 -8.33
C MET A 52 -4.36 1.95 -9.46
N GLN A 53 -4.80 2.26 -10.69
CA GLN A 53 -4.46 1.42 -11.83
C GLN A 53 -2.98 1.60 -12.20
N GLU A 54 -2.47 2.81 -11.99
CA GLU A 54 -1.05 3.09 -12.18
C GLU A 54 -0.22 2.18 -11.30
N LEU A 55 -0.53 2.20 -10.00
CA LEU A 55 0.21 1.40 -9.02
C LEU A 55 0.11 -0.08 -9.35
N SER A 56 -1.05 -0.50 -9.84
CA SER A 56 -1.26 -1.88 -10.23
C SER A 56 -0.19 -2.35 -11.22
N ASN A 57 -0.02 -1.60 -12.30
CA ASN A 57 0.92 -1.97 -13.35
C ASN A 57 2.36 -1.94 -12.83
N ILE A 58 2.64 -1.02 -11.92
CA ILE A 58 3.98 -0.87 -11.37
C ILE A 58 4.33 -2.05 -10.46
N LEU A 59 3.36 -2.51 -9.70
CA LEU A 59 3.59 -3.56 -8.73
C LEU A 59 3.31 -4.94 -9.35
N ASN A 60 2.93 -4.93 -10.63
CA ASN A 60 2.56 -6.16 -11.34
C ASN A 60 1.36 -6.82 -10.65
N LEU A 61 0.54 -5.99 -10.03
CA LEU A 61 -0.63 -6.46 -9.30
C LEU A 61 -1.88 -6.09 -10.08
N SER A 62 -3.00 -6.69 -9.72
CA SER A 62 -4.24 -6.45 -10.41
C SER A 62 -4.89 -5.16 -9.91
N TYR A 63 -5.52 -4.44 -10.83
CA TYR A 63 -6.25 -3.22 -10.51
C TYR A 63 -7.27 -3.47 -9.40
N LYS A 64 -7.95 -4.61 -9.47
CA LYS A 64 -8.96 -4.94 -8.49
C LYS A 64 -8.33 -5.29 -7.15
N GLN A 65 -7.10 -5.76 -7.18
CA GLN A 65 -6.37 -6.05 -5.95
C GLN A 65 -5.90 -4.76 -5.31
N VAL A 66 -5.46 -3.81 -6.13
CA VAL A 66 -5.03 -2.51 -5.60
C VAL A 66 -6.23 -1.69 -5.13
N LYS A 67 -7.29 -1.72 -5.92
CA LYS A 67 -8.52 -1.00 -5.61
C LYS A 67 -9.14 -1.48 -4.31
N THR A 68 -9.30 -2.79 -4.20
CA THR A 68 -9.94 -3.41 -3.04
C THR A 68 -9.16 -3.14 -1.75
N TRP A 69 -7.83 -3.24 -1.82
CA TRP A 69 -7.00 -2.99 -0.64
C TRP A 69 -7.14 -1.53 -0.22
N PHE A 70 -7.09 -0.65 -1.21
CA PHE A 70 -7.25 0.79 -0.99
C PHE A 70 -8.62 1.10 -0.40
N GLN A 71 -9.66 0.45 -0.91
CA GLN A 71 -11.01 0.71 -0.45
C GLN A 71 -11.18 0.24 0.99
N ASN A 72 -10.52 -0.85 1.33
CA ASN A 72 -10.58 -1.41 2.68
C ASN A 72 -9.89 -0.48 3.67
N GLN A 73 -8.65 -0.08 3.35
CA GLN A 73 -7.91 0.84 4.21
C GLN A 73 -8.64 2.18 4.29
N ARG A 74 -9.33 2.53 3.20
CA ARG A 74 -10.13 3.74 3.16
C ARG A 74 -11.31 3.63 4.11
N MET A 75 -11.98 2.48 4.09
CA MET A 75 -13.10 2.24 4.99
C MET A 75 -12.63 2.22 6.44
N LYS A 76 -11.45 1.65 6.66
CA LYS A 76 -10.85 1.62 8.01
C LYS A 76 -10.62 3.03 8.52
N SER A 77 -10.07 3.89 7.66
CA SER A 77 -9.74 5.25 8.03
C SER A 77 -10.98 6.13 8.16
N LYS A 78 -12.06 5.70 7.51
CA LYS A 78 -13.29 6.49 7.49
C LYS A 78 -14.18 6.11 8.67
N ARG A 79 -14.33 4.82 8.92
CA ARG A 79 -15.19 4.34 10.00
C ARG A 79 -14.46 4.40 11.34
N TRP A 80 -13.37 3.65 11.43
CA TRP A 80 -12.61 3.54 12.67
C TRP A 80 -11.92 4.86 13.00
N GLN A 81 -11.73 5.12 14.29
CA GLN A 81 -11.04 6.32 14.73
C GLN A 81 -9.53 6.13 14.64
N LYS A 82 -9.00 6.39 13.45
CA LYS A 82 -7.58 6.23 13.20
C LYS A 82 -6.85 7.55 13.44
N ASN A 83 -7.53 8.64 13.09
CA ASN A 83 -6.97 10.00 13.24
C ASN A 83 -5.74 10.17 12.36
N ASN A 84 -5.99 10.61 11.13
CA ASN A 84 -4.92 10.85 10.15
C ASN A 84 -4.10 9.59 9.93
N SER A 1 1.81 8.45 -10.96
CA SER A 1 1.13 8.70 -12.25
C SER A 1 2.17 8.71 -13.39
N LYS A 2 3.33 9.30 -13.12
CA LYS A 2 4.45 9.25 -14.04
C LYS A 2 5.77 9.32 -13.30
N GLN A 3 6.52 8.23 -13.35
CA GLN A 3 7.84 8.14 -12.71
C GLN A 3 7.74 8.31 -11.19
N PRO A 4 7.48 7.20 -10.48
CA PRO A 4 7.41 7.21 -9.01
C PRO A 4 8.79 7.18 -8.36
N THR A 5 8.82 6.94 -7.05
CA THR A 5 10.06 6.83 -6.25
C THR A 5 10.98 8.05 -6.41
N SER A 6 10.99 8.89 -5.38
CA SER A 6 11.75 10.12 -5.40
C SER A 6 13.22 9.88 -5.10
N ALA A 7 14.00 9.65 -6.16
CA ALA A 7 15.45 9.50 -6.07
C ALA A 7 15.86 8.23 -5.32
N GLU A 8 15.89 7.11 -6.04
CA GLU A 8 16.35 5.83 -5.52
C GLU A 8 15.48 5.34 -4.36
N ASN A 9 14.24 4.96 -4.69
CA ASN A 9 13.30 4.41 -3.72
C ASN A 9 12.95 5.44 -2.63
N SER A 10 12.20 5.02 -1.62
CA SER A 10 11.86 5.88 -0.51
C SER A 10 13.08 6.06 0.40
N VAL A 11 13.60 7.28 0.47
CA VAL A 11 14.77 7.56 1.30
C VAL A 11 14.38 7.70 2.77
N ALA A 12 14.77 6.69 3.55
CA ALA A 12 14.54 6.66 4.99
C ALA A 12 13.05 6.54 5.32
N LYS A 13 12.75 6.26 6.59
CA LYS A 13 11.38 6.19 7.08
C LYS A 13 10.59 5.07 6.38
N LYS A 14 11.33 4.10 5.87
CA LYS A 14 10.74 2.98 5.15
C LYS A 14 10.05 2.02 6.11
N GLU A 15 9.05 1.30 5.59
CA GLU A 15 8.50 0.17 6.32
C GLU A 15 9.59 -0.88 6.48
N ASP A 16 9.99 -1.10 7.72
CA ASP A 16 11.08 -2.02 8.01
C ASP A 16 10.63 -3.06 9.01
N LYS A 17 10.05 -4.13 8.50
CA LYS A 17 9.51 -5.19 9.34
C LYS A 17 9.87 -6.56 8.78
N VAL A 18 10.89 -7.17 9.35
CA VAL A 18 11.38 -8.45 8.88
C VAL A 18 11.38 -9.48 10.01
N PRO A 19 10.23 -10.15 10.23
CA PRO A 19 10.10 -11.15 11.28
C PRO A 19 10.68 -12.50 10.88
N VAL A 20 11.92 -12.75 11.31
CA VAL A 20 12.59 -14.01 11.01
C VAL A 20 12.93 -14.73 12.31
N LYS A 21 12.08 -14.55 13.32
CA LYS A 21 12.31 -15.18 14.61
C LYS A 21 11.19 -16.18 14.90
N LYS A 22 10.03 -15.66 15.29
CA LYS A 22 8.87 -16.50 15.52
C LYS A 22 7.61 -15.80 15.01
N GLN A 23 7.09 -16.29 13.89
CA GLN A 23 5.86 -15.76 13.31
C GLN A 23 5.51 -16.51 12.03
N LYS A 24 4.96 -17.71 12.15
CA LYS A 24 4.54 -18.47 10.99
C LYS A 24 3.16 -18.02 10.56
N THR A 25 3.11 -17.16 9.56
CA THR A 25 1.86 -16.58 9.11
C THR A 25 1.39 -17.27 7.83
N ARG A 26 0.09 -17.27 7.61
CA ARG A 26 -0.49 -17.85 6.41
C ARG A 26 -0.07 -17.05 5.18
N THR A 27 -0.54 -15.82 5.10
CA THR A 27 -0.17 -14.92 4.01
C THR A 27 -0.13 -13.48 4.49
N VAL A 28 0.82 -12.72 3.95
CA VAL A 28 1.03 -11.31 4.30
C VAL A 28 1.69 -10.58 3.14
N PHE A 29 1.77 -9.27 3.26
CA PHE A 29 2.48 -8.46 2.29
C PHE A 29 3.92 -8.25 2.75
N SER A 30 4.82 -8.14 1.79
CA SER A 30 6.24 -7.98 2.10
C SER A 30 6.55 -6.57 2.60
N SER A 31 7.62 -6.44 3.37
CA SER A 31 8.04 -5.16 3.93
C SER A 31 8.37 -4.18 2.81
N THR A 32 8.82 -4.71 1.68
CA THR A 32 9.14 -3.90 0.51
C THR A 32 7.87 -3.40 -0.16
N GLN A 33 6.91 -4.31 -0.34
CA GLN A 33 5.64 -3.98 -0.95
C GLN A 33 4.87 -2.97 -0.10
N LEU A 34 4.92 -3.15 1.21
CA LEU A 34 4.28 -2.23 2.14
C LEU A 34 4.90 -0.84 2.05
N CYS A 35 6.20 -0.80 1.79
CA CYS A 35 6.92 0.46 1.66
C CYS A 35 6.41 1.23 0.44
N VAL A 36 6.09 0.50 -0.62
CA VAL A 36 5.56 1.11 -1.84
C VAL A 36 4.18 1.71 -1.59
N LEU A 37 3.39 1.02 -0.78
CA LEU A 37 2.06 1.50 -0.40
C LEU A 37 2.17 2.75 0.47
N ASN A 38 3.10 2.71 1.41
CA ASN A 38 3.35 3.83 2.30
C ASN A 38 3.89 5.02 1.52
N ASP A 39 4.82 4.74 0.61
CA ASP A 39 5.42 5.77 -0.24
C ASP A 39 4.33 6.51 -1.00
N ARG A 40 3.35 5.76 -1.50
CA ARG A 40 2.21 6.34 -2.20
C ARG A 40 1.50 7.38 -1.34
N PHE A 41 1.23 7.01 -0.10
CA PHE A 41 0.55 7.89 0.84
C PHE A 41 1.46 9.00 1.37
N GLN A 42 2.77 8.80 1.28
CA GLN A 42 3.73 9.81 1.72
C GLN A 42 4.03 10.81 0.60
N ARG A 43 3.86 10.39 -0.65
CA ARG A 43 4.05 11.28 -1.77
C ARG A 43 2.76 12.06 -2.06
N GLN A 44 1.64 11.35 -2.01
CA GLN A 44 0.33 11.96 -2.21
C GLN A 44 -0.58 11.56 -1.06
N LYS A 45 -1.46 12.47 -0.63
CA LYS A 45 -2.30 12.20 0.53
C LYS A 45 -3.25 11.03 0.29
N TYR A 46 -3.54 10.76 -0.98
CA TYR A 46 -4.36 9.62 -1.37
C TYR A 46 -3.90 9.10 -2.73
N LEU A 47 -4.52 8.02 -3.20
CA LEU A 47 -4.25 7.52 -4.53
C LEU A 47 -5.43 7.81 -5.45
N SER A 48 -5.13 8.41 -6.59
CA SER A 48 -6.12 8.71 -7.59
C SER A 48 -6.36 7.49 -8.46
N LEU A 49 -7.17 7.66 -9.49
CA LEU A 49 -7.55 6.57 -10.37
C LEU A 49 -6.34 6.13 -11.18
N GLN A 50 -5.51 7.11 -11.51
CA GLN A 50 -4.29 6.86 -12.27
C GLN A 50 -3.25 6.19 -11.38
N GLN A 51 -3.31 6.46 -10.08
CA GLN A 51 -2.35 5.92 -9.14
C GLN A 51 -2.61 4.45 -8.84
N MET A 52 -3.88 4.10 -8.61
CA MET A 52 -4.25 2.71 -8.32
C MET A 52 -3.87 1.77 -9.46
N GLN A 53 -4.04 2.21 -10.70
CA GLN A 53 -3.68 1.38 -11.86
C GLN A 53 -2.16 1.30 -12.00
N GLU A 54 -1.48 2.41 -11.72
CA GLU A 54 -0.02 2.43 -11.74
C GLU A 54 0.53 1.50 -10.66
N LEU A 55 -0.06 1.59 -9.47
CA LEU A 55 0.33 0.79 -8.32
C LEU A 55 0.22 -0.70 -8.63
N SER A 56 -0.91 -1.07 -9.23
CA SER A 56 -1.14 -2.46 -9.62
C SER A 56 0.01 -2.99 -10.49
N ASN A 57 0.40 -2.21 -11.49
CA ASN A 57 1.46 -2.61 -12.42
C ASN A 57 2.79 -2.82 -11.71
N ILE A 58 3.05 -2.03 -10.67
CA ILE A 58 4.33 -2.08 -9.98
C ILE A 58 4.46 -3.34 -9.14
N LEU A 59 3.38 -3.75 -8.50
CA LEU A 59 3.43 -4.90 -7.59
C LEU A 59 3.00 -6.18 -8.31
N ASN A 60 2.69 -6.05 -9.61
CA ASN A 60 2.18 -7.18 -10.40
C ASN A 60 0.86 -7.66 -9.80
N LEU A 61 0.09 -6.71 -9.31
CA LEU A 61 -1.19 -7.01 -8.67
C LEU A 61 -2.34 -6.59 -9.57
N SER A 62 -3.53 -7.01 -9.20
CA SER A 62 -4.70 -6.75 -10.01
C SER A 62 -5.28 -5.38 -9.67
N TYR A 63 -5.67 -4.66 -10.71
CA TYR A 63 -6.32 -3.36 -10.57
C TYR A 63 -7.56 -3.48 -9.69
N LYS A 64 -8.22 -4.64 -9.79
CA LYS A 64 -9.40 -4.92 -8.99
C LYS A 64 -9.01 -5.11 -7.54
N GLN A 65 -7.87 -5.74 -7.32
CA GLN A 65 -7.35 -5.95 -5.97
C GLN A 65 -6.92 -4.62 -5.35
N VAL A 66 -6.20 -3.82 -6.11
CA VAL A 66 -5.68 -2.55 -5.60
C VAL A 66 -6.82 -1.58 -5.31
N LYS A 67 -7.80 -1.55 -6.20
CA LYS A 67 -8.96 -0.67 -6.05
C LYS A 67 -9.78 -1.05 -4.83
N THR A 68 -10.01 -2.34 -4.66
CA THR A 68 -10.82 -2.85 -3.57
C THR A 68 -10.08 -2.70 -2.24
N TRP A 69 -8.76 -2.86 -2.28
CA TRP A 69 -7.91 -2.65 -1.11
C TRP A 69 -8.12 -1.25 -0.56
N PHE A 70 -8.06 -0.27 -1.45
CA PHE A 70 -8.24 1.13 -1.08
C PHE A 70 -9.62 1.35 -0.44
N GLN A 71 -10.64 0.71 -1.01
CA GLN A 71 -12.01 0.89 -0.52
C GLN A 71 -12.17 0.29 0.88
N ASN A 72 -11.45 -0.78 1.15
CA ASN A 72 -11.50 -1.45 2.44
C ASN A 72 -10.75 -0.63 3.47
N GLN A 73 -9.57 -0.15 3.11
CA GLN A 73 -8.81 0.73 3.98
C GLN A 73 -9.60 2.00 4.25
N ARG A 74 -10.27 2.50 3.21
CA ARG A 74 -11.13 3.67 3.34
C ARG A 74 -12.19 3.47 4.42
N MET A 75 -12.89 2.34 4.35
CA MET A 75 -14.02 2.13 5.25
C MET A 75 -13.59 1.85 6.69
N LYS A 76 -12.49 1.14 6.88
CA LYS A 76 -12.08 0.75 8.22
C LYS A 76 -11.24 1.83 8.90
N SER A 77 -10.66 2.73 8.12
CA SER A 77 -9.93 3.85 8.70
C SER A 77 -10.89 4.77 9.46
N LYS A 78 -12.10 4.91 8.93
CA LYS A 78 -13.12 5.72 9.57
C LYS A 78 -13.71 4.96 10.76
N ARG A 79 -14.38 3.85 10.49
CA ARG A 79 -14.83 2.97 11.55
C ARG A 79 -14.78 1.51 11.12
N TRP A 80 -15.68 1.14 10.20
CA TRP A 80 -15.77 -0.22 9.70
C TRP A 80 -16.63 -0.26 8.45
N GLN A 81 -16.86 -1.46 7.91
CA GLN A 81 -17.64 -1.62 6.70
C GLN A 81 -19.12 -1.33 6.96
N LYS A 82 -19.61 -0.22 6.46
CA LYS A 82 -21.03 0.05 6.53
C LYS A 82 -21.75 -0.73 5.43
N ASN A 83 -22.49 -1.75 5.81
CA ASN A 83 -23.20 -2.57 4.85
C ASN A 83 -24.70 -2.35 5.00
N ASN A 84 -25.05 -1.20 5.56
CA ASN A 84 -26.45 -0.81 5.74
C ASN A 84 -26.56 0.70 5.72
N SER A 1 1.25 11.42 -12.50
CA SER A 1 0.92 10.00 -12.69
C SER A 1 1.24 9.56 -14.11
N LYS A 2 2.24 8.68 -14.23
CA LYS A 2 2.70 8.14 -15.51
C LYS A 2 3.94 7.29 -15.26
N GLN A 3 4.89 7.86 -14.53
CA GLN A 3 6.01 7.12 -13.99
C GLN A 3 6.11 7.39 -12.49
N PRO A 4 5.36 6.61 -11.69
CA PRO A 4 5.29 6.83 -10.24
C PRO A 4 6.65 6.78 -9.57
N THR A 5 7.35 5.66 -9.78
CA THR A 5 8.67 5.44 -9.16
C THR A 5 8.57 5.61 -7.64
N SER A 6 9.71 5.76 -6.96
CA SER A 6 9.70 5.93 -5.51
C SER A 6 11.10 6.18 -4.98
N ALA A 7 11.38 7.45 -4.64
CA ALA A 7 12.66 7.84 -4.05
C ALA A 7 13.84 7.40 -4.91
N GLU A 8 14.14 8.20 -5.92
CA GLU A 8 15.22 7.88 -6.85
C GLU A 8 16.57 8.09 -6.19
N ASN A 9 17.18 6.99 -5.76
CA ASN A 9 18.50 7.00 -5.13
C ASN A 9 18.46 7.76 -3.80
N SER A 10 17.25 7.88 -3.25
CA SER A 10 17.05 8.59 -1.99
C SER A 10 16.11 7.81 -1.09
N VAL A 11 16.26 6.48 -1.09
CA VAL A 11 15.39 5.59 -0.33
C VAL A 11 15.55 5.82 1.17
N ALA A 12 14.52 6.41 1.77
CA ALA A 12 14.49 6.64 3.20
C ALA A 12 13.10 6.33 3.74
N LYS A 13 13.05 5.87 4.98
CA LYS A 13 11.79 5.45 5.63
C LYS A 13 11.20 4.24 4.92
N LYS A 14 11.44 3.06 5.47
CA LYS A 14 10.87 1.84 4.92
C LYS A 14 10.34 0.97 6.06
N GLU A 15 9.46 0.04 5.72
CA GLU A 15 8.87 -0.86 6.71
C GLU A 15 9.97 -1.71 7.36
N ASP A 16 10.37 -1.29 8.56
CA ASP A 16 11.49 -1.92 9.24
C ASP A 16 11.16 -2.07 10.73
N LYS A 17 11.86 -2.99 11.40
CA LYS A 17 11.55 -3.35 12.80
C LYS A 17 10.11 -3.87 12.91
N VAL A 18 9.83 -4.95 12.21
CA VAL A 18 8.50 -5.54 12.22
C VAL A 18 8.56 -6.94 12.83
N PRO A 19 8.43 -7.03 14.17
CA PRO A 19 8.53 -8.30 14.88
C PRO A 19 7.28 -9.17 14.70
N VAL A 20 7.22 -10.26 15.45
CA VAL A 20 6.08 -11.16 15.45
C VAL A 20 5.89 -11.82 14.09
N LYS A 21 6.56 -12.94 13.89
CA LYS A 21 6.43 -13.72 12.66
C LYS A 21 6.95 -15.13 12.87
N LYS A 22 6.84 -15.61 14.10
CA LYS A 22 7.30 -16.96 14.42
C LYS A 22 6.33 -18.00 13.86
N GLN A 23 5.06 -17.63 13.83
CA GLN A 23 4.04 -18.50 13.28
C GLN A 23 3.43 -17.86 12.03
N LYS A 24 3.76 -18.41 10.88
CA LYS A 24 3.17 -17.96 9.63
C LYS A 24 2.07 -18.91 9.18
N THR A 25 0.85 -18.62 9.57
CA THR A 25 -0.28 -19.46 9.24
C THR A 25 -1.11 -18.82 8.13
N ARG A 26 -0.74 -17.60 7.77
CA ARG A 26 -1.44 -16.85 6.74
C ARG A 26 -0.44 -16.13 5.84
N THR A 27 -0.90 -15.72 4.66
CA THR A 27 -0.06 -15.04 3.70
C THR A 27 0.14 -13.58 4.08
N VAL A 28 1.16 -12.96 3.52
CA VAL A 28 1.47 -11.55 3.76
C VAL A 28 1.96 -10.90 2.49
N PHE A 29 2.05 -9.58 2.50
CA PHE A 29 2.63 -8.85 1.39
C PHE A 29 4.10 -8.62 1.65
N SER A 30 4.85 -8.27 0.61
CA SER A 30 6.28 -8.05 0.75
C SER A 30 6.52 -6.71 1.43
N SER A 31 7.67 -6.58 2.09
CA SER A 31 8.02 -5.35 2.78
C SER A 31 8.05 -4.19 1.80
N THR A 32 8.53 -4.46 0.59
CA THR A 32 8.58 -3.46 -0.47
C THR A 32 7.17 -2.99 -0.82
N GLN A 33 6.25 -3.93 -1.01
CA GLN A 33 4.88 -3.62 -1.37
C GLN A 33 4.22 -2.76 -0.30
N LEU A 34 4.36 -3.19 0.95
CA LEU A 34 3.81 -2.44 2.08
C LEU A 34 4.41 -1.05 2.13
N CYS A 35 5.72 -0.96 1.93
CA CYS A 35 6.41 0.32 1.93
C CYS A 35 5.90 1.22 0.82
N VAL A 36 5.74 0.66 -0.37
CA VAL A 36 5.25 1.42 -1.51
C VAL A 36 3.84 1.97 -1.25
N LEU A 37 2.97 1.13 -0.69
CA LEU A 37 1.61 1.56 -0.36
C LEU A 37 1.64 2.68 0.69
N ASN A 38 2.48 2.50 1.70
CA ASN A 38 2.62 3.48 2.77
C ASN A 38 3.22 4.78 2.25
N ASP A 39 4.22 4.65 1.39
CA ASP A 39 4.85 5.82 0.80
C ASP A 39 3.92 6.55 -0.15
N ARG A 40 3.03 5.83 -0.80
CA ARG A 40 2.03 6.47 -1.65
C ARG A 40 1.13 7.37 -0.82
N PHE A 41 0.75 6.91 0.37
CA PHE A 41 -0.06 7.72 1.27
C PHE A 41 0.76 8.81 1.96
N GLN A 42 2.05 8.55 2.15
CA GLN A 42 2.93 9.50 2.81
C GLN A 42 3.43 10.58 1.86
N ARG A 43 3.95 10.17 0.70
CA ARG A 43 4.54 11.10 -0.25
C ARG A 43 3.45 11.82 -1.04
N GLN A 44 2.41 11.08 -1.39
CA GLN A 44 1.27 11.63 -2.11
C GLN A 44 0.13 11.86 -1.14
N LYS A 45 -1.00 12.35 -1.62
CA LYS A 45 -2.15 12.52 -0.78
C LYS A 45 -3.01 11.26 -0.81
N TYR A 46 -3.35 10.83 -2.02
CA TYR A 46 -4.12 9.61 -2.23
C TYR A 46 -3.84 9.06 -3.62
N LEU A 47 -4.41 7.91 -3.92
CA LEU A 47 -4.26 7.30 -5.23
C LEU A 47 -5.51 7.53 -6.06
N SER A 48 -5.32 8.02 -7.27
CA SER A 48 -6.43 8.24 -8.19
C SER A 48 -6.76 6.93 -8.89
N LEU A 49 -7.72 6.99 -9.80
CA LEU A 49 -8.15 5.82 -10.55
C LEU A 49 -7.04 5.36 -11.48
N GLN A 50 -6.22 6.30 -11.92
CA GLN A 50 -5.04 5.95 -12.70
C GLN A 50 -3.96 5.38 -11.81
N GLN A 51 -3.71 6.04 -10.67
CA GLN A 51 -2.63 5.66 -9.78
C GLN A 51 -2.83 4.25 -9.22
N MET A 52 -4.07 3.85 -8.97
CA MET A 52 -4.34 2.52 -8.44
C MET A 52 -3.99 1.43 -9.47
N GLN A 53 -4.35 1.65 -10.72
CA GLN A 53 -4.01 0.69 -11.78
C GLN A 53 -2.52 0.80 -12.12
N GLU A 54 -2.02 2.01 -12.09
CA GLU A 54 -0.62 2.28 -12.40
C GLU A 54 0.30 1.60 -11.39
N LEU A 55 -0.14 1.58 -10.13
CA LEU A 55 0.65 0.97 -9.07
C LEU A 55 0.46 -0.55 -9.05
N SER A 56 -0.75 -1.00 -9.33
CA SER A 56 -1.03 -2.43 -9.36
C SER A 56 -0.13 -3.13 -10.37
N ASN A 57 0.20 -2.45 -11.45
CA ASN A 57 1.05 -3.00 -12.48
C ASN A 57 2.49 -3.17 -11.99
N ILE A 58 2.94 -2.24 -11.16
CA ILE A 58 4.31 -2.24 -10.66
C ILE A 58 4.53 -3.37 -9.66
N LEU A 59 3.61 -3.48 -8.71
CA LEU A 59 3.74 -4.48 -7.64
C LEU A 59 3.26 -5.86 -8.09
N ASN A 60 2.92 -5.96 -9.37
CA ASN A 60 2.38 -7.19 -9.94
C ASN A 60 1.14 -7.64 -9.18
N LEU A 61 0.12 -6.80 -9.25
CA LEU A 61 -1.15 -7.07 -8.61
C LEU A 61 -2.28 -6.69 -9.55
N SER A 62 -3.50 -7.04 -9.19
CA SER A 62 -4.65 -6.72 -10.00
C SER A 62 -5.17 -5.32 -9.65
N TYR A 63 -5.71 -4.64 -10.65
CA TYR A 63 -6.32 -3.34 -10.47
C TYR A 63 -7.45 -3.44 -9.45
N LYS A 64 -8.16 -4.57 -9.49
CA LYS A 64 -9.27 -4.80 -8.59
C LYS A 64 -8.75 -5.04 -7.17
N GLN A 65 -7.59 -5.70 -7.08
CA GLN A 65 -6.95 -5.95 -5.79
C GLN A 65 -6.52 -4.64 -5.16
N VAL A 66 -5.91 -3.77 -5.96
CA VAL A 66 -5.43 -2.48 -5.46
C VAL A 66 -6.60 -1.54 -5.19
N LYS A 67 -7.60 -1.58 -6.07
CA LYS A 67 -8.82 -0.80 -5.90
C LYS A 67 -9.49 -1.16 -4.57
N THR A 68 -9.58 -2.44 -4.32
CA THR A 68 -10.19 -2.96 -3.11
C THR A 68 -9.42 -2.53 -1.87
N TRP A 69 -8.11 -2.74 -1.89
CA TRP A 69 -7.27 -2.40 -0.74
C TRP A 69 -7.36 -0.91 -0.44
N PHE A 70 -7.29 -0.09 -1.48
CA PHE A 70 -7.38 1.36 -1.32
C PHE A 70 -8.70 1.75 -0.67
N GLN A 71 -9.79 1.19 -1.17
CA GLN A 71 -11.12 1.51 -0.67
C GLN A 71 -11.31 0.96 0.74
N ASN A 72 -10.84 -0.26 0.94
CA ASN A 72 -10.97 -0.95 2.22
C ASN A 72 -10.20 -0.23 3.30
N GLN A 73 -8.94 0.07 3.02
CA GLN A 73 -8.09 0.77 3.98
C GLN A 73 -8.70 2.12 4.34
N ARG A 74 -9.27 2.78 3.34
CA ARG A 74 -9.93 4.05 3.55
C ARG A 74 -11.19 3.88 4.39
N MET A 75 -12.03 2.91 4.03
CA MET A 75 -13.32 2.77 4.68
C MET A 75 -13.18 2.25 6.12
N LYS A 76 -12.23 1.34 6.35
CA LYS A 76 -12.10 0.75 7.68
C LYS A 76 -11.35 1.67 8.62
N SER A 77 -10.49 2.52 8.08
CA SER A 77 -9.79 3.50 8.89
C SER A 77 -10.74 4.63 9.30
N LYS A 78 -11.79 4.81 8.49
CA LYS A 78 -12.79 5.82 8.79
C LYS A 78 -13.68 5.39 9.95
N ARG A 79 -13.85 4.08 10.09
CA ARG A 79 -14.67 3.53 11.15
C ARG A 79 -13.82 3.23 12.38
N TRP A 80 -12.74 2.49 12.17
CA TRP A 80 -11.88 2.06 13.25
C TRP A 80 -10.49 2.67 13.11
N GLN A 81 -10.22 3.70 13.87
CA GLN A 81 -8.92 4.34 13.84
C GLN A 81 -7.96 3.65 14.79
N LYS A 82 -7.30 2.61 14.30
CA LYS A 82 -6.34 1.86 15.12
C LYS A 82 -4.95 2.48 15.03
N ASN A 83 -4.71 3.28 13.99
CA ASN A 83 -3.43 3.94 13.80
C ASN A 83 -3.63 5.32 13.19
N ASN A 84 -2.55 6.07 13.09
CA ASN A 84 -2.58 7.38 12.45
C ASN A 84 -1.23 7.65 11.80
N SER A 1 -0.75 10.03 -13.27
CA SER A 1 0.30 9.33 -12.51
C SER A 1 1.32 8.71 -13.46
N LYS A 2 2.56 9.15 -13.36
CA LYS A 2 3.63 8.62 -14.18
C LYS A 2 4.92 8.53 -13.35
N GLN A 3 4.75 8.44 -12.05
CA GLN A 3 5.87 8.45 -11.11
C GLN A 3 5.67 7.43 -10.01
N PRO A 4 6.13 6.19 -10.25
CA PRO A 4 6.01 5.08 -9.29
C PRO A 4 6.84 5.28 -8.02
N THR A 5 7.61 6.36 -7.99
CA THR A 5 8.55 6.64 -6.90
C THR A 5 9.77 5.71 -7.00
N SER A 6 10.88 6.26 -7.48
CA SER A 6 12.10 5.48 -7.62
C SER A 6 13.26 6.16 -6.92
N ALA A 7 13.90 5.43 -6.03
CA ALA A 7 15.05 5.93 -5.29
C ALA A 7 15.99 4.78 -5.01
N GLU A 8 15.50 3.81 -4.24
CA GLU A 8 16.25 2.60 -3.90
C GLU A 8 17.60 2.94 -3.30
N ASN A 9 17.65 4.06 -2.60
CA ASN A 9 18.91 4.58 -2.08
C ASN A 9 18.80 4.83 -0.58
N SER A 10 19.81 4.36 0.16
CA SER A 10 19.96 4.64 1.60
C SER A 10 18.96 3.88 2.46
N VAL A 11 17.69 3.96 2.11
CA VAL A 11 16.63 3.42 2.95
C VAL A 11 16.54 1.89 2.81
N ALA A 12 17.36 1.20 3.57
CA ALA A 12 17.27 -0.25 3.70
C ALA A 12 16.87 -0.58 5.13
N LYS A 13 15.60 -0.40 5.43
CA LYS A 13 15.13 -0.45 6.80
C LYS A 13 13.87 -1.32 6.92
N LYS A 14 13.15 -1.46 5.80
CA LYS A 14 11.93 -2.26 5.74
C LYS A 14 10.88 -1.75 6.73
N GLU A 15 10.30 -0.60 6.39
CA GLU A 15 9.30 0.09 7.24
C GLU A 15 9.90 0.54 8.56
N ASP A 16 10.02 -0.38 9.50
CA ASP A 16 10.50 -0.07 10.83
C ASP A 16 11.45 -1.16 11.30
N LYS A 17 12.70 -0.79 11.53
CA LYS A 17 13.71 -1.74 11.94
C LYS A 17 13.57 -2.04 13.44
N VAL A 18 12.55 -2.83 13.77
CA VAL A 18 12.28 -3.17 15.16
C VAL A 18 12.02 -4.67 15.32
N PRO A 19 13.09 -5.45 15.50
CA PRO A 19 12.98 -6.87 15.76
C PRO A 19 12.91 -7.18 17.26
N VAL A 20 11.70 -7.11 17.79
CA VAL A 20 11.47 -7.43 19.19
C VAL A 20 10.22 -8.29 19.30
N LYS A 21 10.28 -9.45 18.64
CA LYS A 21 9.13 -10.34 18.53
C LYS A 21 7.97 -9.63 17.84
N LYS A 22 6.79 -10.22 17.97
CA LYS A 22 5.56 -9.66 17.42
C LYS A 22 5.62 -9.61 15.90
N GLN A 23 5.62 -10.79 15.29
CA GLN A 23 5.53 -10.88 13.85
C GLN A 23 4.17 -10.38 13.42
N LYS A 24 4.13 -9.61 12.35
CA LYS A 24 2.88 -9.05 11.87
C LYS A 24 2.00 -10.17 11.34
N THR A 25 1.13 -10.66 12.20
CA THR A 25 0.39 -11.88 11.95
C THR A 25 -0.91 -11.62 11.18
N ARG A 26 -0.78 -11.54 9.87
CA ARG A 26 -1.92 -11.44 8.97
C ARG A 26 -1.41 -11.56 7.55
N THR A 27 -2.31 -11.49 6.58
CA THR A 27 -1.89 -11.52 5.20
C THR A 27 -1.33 -10.16 4.79
N VAL A 28 -0.19 -10.20 4.13
CA VAL A 28 0.56 -8.99 3.77
C VAL A 28 1.42 -9.26 2.55
N PHE A 29 2.11 -8.24 2.10
CA PHE A 29 3.08 -8.35 1.04
C PHE A 29 4.48 -8.28 1.64
N SER A 30 5.49 -8.45 0.81
CA SER A 30 6.87 -8.33 1.26
C SER A 30 7.10 -6.90 1.75
N SER A 31 8.08 -6.73 2.64
CA SER A 31 8.39 -5.42 3.22
C SER A 31 8.63 -4.38 2.11
N THR A 32 9.22 -4.84 1.02
CA THR A 32 9.48 -3.99 -0.14
C THR A 32 8.17 -3.46 -0.73
N GLN A 33 7.17 -4.33 -0.86
CA GLN A 33 5.91 -3.97 -1.47
C GLN A 33 5.09 -3.12 -0.52
N LEU A 34 5.11 -3.50 0.75
CA LEU A 34 4.44 -2.73 1.80
C LEU A 34 4.99 -1.30 1.84
N CYS A 35 6.30 -1.16 1.64
CA CYS A 35 6.94 0.14 1.61
C CYS A 35 6.41 0.98 0.45
N VAL A 36 6.21 0.34 -0.71
CA VAL A 36 5.66 1.02 -1.88
C VAL A 36 4.23 1.50 -1.61
N LEU A 37 3.46 0.64 -0.95
CA LEU A 37 2.09 0.99 -0.57
C LEU A 37 2.10 2.19 0.36
N ASN A 38 3.02 2.17 1.32
CA ASN A 38 3.14 3.23 2.31
C ASN A 38 3.55 4.53 1.63
N ASP A 39 4.40 4.43 0.62
CA ASP A 39 4.81 5.61 -0.15
C ASP A 39 3.60 6.34 -0.70
N ARG A 40 2.71 5.60 -1.35
CA ARG A 40 1.51 6.19 -1.94
C ARG A 40 0.68 6.88 -0.87
N PHE A 41 0.61 6.26 0.31
CA PHE A 41 -0.14 6.82 1.43
C PHE A 41 0.57 8.01 2.07
N GLN A 42 1.88 8.09 1.85
CA GLN A 42 2.63 9.26 2.32
C GLN A 42 2.48 10.43 1.36
N ARG A 43 2.32 10.14 0.07
CA ARG A 43 2.19 11.18 -0.95
C ARG A 43 0.81 11.85 -0.87
N GLN A 44 -0.20 11.04 -0.59
CA GLN A 44 -1.56 11.51 -0.45
C GLN A 44 -2.29 10.63 0.55
N LYS A 45 -3.41 11.11 1.07
CA LYS A 45 -4.20 10.34 2.02
C LYS A 45 -4.70 9.07 1.36
N TYR A 46 -5.11 9.21 0.10
CA TYR A 46 -5.60 8.09 -0.69
C TYR A 46 -5.14 8.27 -2.13
N LEU A 47 -4.90 7.17 -2.82
CA LEU A 47 -4.42 7.22 -4.20
C LEU A 47 -5.57 7.47 -5.17
N SER A 48 -5.26 8.20 -6.23
CA SER A 48 -6.22 8.55 -7.25
C SER A 48 -6.45 7.38 -8.21
N LEU A 49 -7.34 7.59 -9.17
CA LEU A 49 -7.71 6.56 -10.13
C LEU A 49 -6.49 6.19 -10.97
N GLN A 50 -5.71 7.21 -11.30
CA GLN A 50 -4.52 7.02 -12.09
C GLN A 50 -3.44 6.31 -11.28
N GLN A 51 -3.45 6.52 -9.97
CA GLN A 51 -2.46 5.90 -9.09
C GLN A 51 -2.75 4.43 -8.85
N MET A 52 -4.01 4.10 -8.58
CA MET A 52 -4.39 2.71 -8.35
C MET A 52 -4.06 1.81 -9.55
N GLN A 53 -4.36 2.28 -10.76
CA GLN A 53 -4.05 1.50 -11.97
C GLN A 53 -2.53 1.47 -12.19
N GLU A 54 -1.86 2.58 -11.87
CA GLU A 54 -0.41 2.66 -11.97
C GLU A 54 0.22 1.61 -11.06
N LEU A 55 -0.16 1.63 -9.79
CA LEU A 55 0.41 0.76 -8.79
C LEU A 55 0.19 -0.70 -9.14
N SER A 56 -1.01 -1.01 -9.62
CA SER A 56 -1.35 -2.38 -9.99
C SER A 56 -0.36 -2.96 -11.01
N ASN A 57 -0.16 -2.24 -12.10
CA ASN A 57 0.72 -2.71 -13.18
C ASN A 57 2.15 -2.88 -12.68
N ILE A 58 2.56 -2.00 -11.79
CA ILE A 58 3.94 -2.00 -11.31
C ILE A 58 4.17 -3.05 -10.23
N LEU A 59 3.22 -3.19 -9.30
CA LEU A 59 3.38 -4.10 -8.18
C LEU A 59 2.95 -5.51 -8.56
N ASN A 60 2.61 -5.67 -9.84
CA ASN A 60 2.22 -6.98 -10.40
C ASN A 60 0.96 -7.50 -9.71
N LEU A 61 0.09 -6.58 -9.33
CA LEU A 61 -1.18 -6.93 -8.71
C LEU A 61 -2.33 -6.54 -9.61
N SER A 62 -3.48 -7.10 -9.35
CA SER A 62 -4.65 -6.78 -10.13
C SER A 62 -5.26 -5.46 -9.67
N TYR A 63 -5.84 -4.73 -10.61
CA TYR A 63 -6.51 -3.47 -10.32
C TYR A 63 -7.54 -3.67 -9.22
N LYS A 64 -8.22 -4.80 -9.23
CA LYS A 64 -9.24 -5.10 -8.24
C LYS A 64 -8.60 -5.27 -6.87
N GLN A 65 -7.44 -5.90 -6.85
CA GLN A 65 -6.70 -6.11 -5.60
C GLN A 65 -6.24 -4.78 -5.03
N VAL A 66 -5.70 -3.92 -5.90
CA VAL A 66 -5.18 -2.64 -5.44
C VAL A 66 -6.31 -1.66 -5.10
N LYS A 67 -7.34 -1.66 -5.93
CA LYS A 67 -8.48 -0.78 -5.75
C LYS A 67 -9.25 -1.14 -4.48
N THR A 68 -9.40 -2.43 -4.25
CA THR A 68 -10.09 -2.91 -3.07
C THR A 68 -9.28 -2.63 -1.80
N TRP A 69 -7.96 -2.80 -1.91
CA TRP A 69 -7.07 -2.49 -0.79
C TRP A 69 -7.23 -1.02 -0.39
N PHE A 70 -7.22 -0.16 -1.41
CA PHE A 70 -7.44 1.27 -1.22
C PHE A 70 -8.80 1.54 -0.57
N GLN A 71 -9.86 0.97 -1.15
CA GLN A 71 -11.22 1.22 -0.68
C GLN A 71 -11.42 0.68 0.72
N ASN A 72 -10.76 -0.43 1.02
CA ASN A 72 -10.87 -1.09 2.31
C ASN A 72 -10.20 -0.26 3.39
N GLN A 73 -8.94 0.10 3.16
CA GLN A 73 -8.21 0.96 4.08
C GLN A 73 -8.91 2.31 4.24
N ARG A 74 -9.53 2.76 3.14
CA ARG A 74 -10.30 3.98 3.15
C ARG A 74 -11.51 3.85 4.08
N MET A 75 -12.23 2.75 3.95
CA MET A 75 -13.44 2.54 4.75
C MET A 75 -13.11 2.10 6.18
N LYS A 76 -11.84 1.82 6.46
CA LYS A 76 -11.42 1.38 7.79
C LYS A 76 -11.54 2.51 8.81
N SER A 77 -10.83 3.60 8.55
CA SER A 77 -10.68 4.68 9.51
C SER A 77 -11.99 5.39 9.81
N LYS A 78 -12.86 5.49 8.81
CA LYS A 78 -14.08 6.27 8.93
C LYS A 78 -15.12 5.58 9.83
N ARG A 79 -14.89 4.30 10.13
CA ARG A 79 -15.81 3.56 10.99
C ARG A 79 -15.59 3.92 12.45
N TRP A 80 -14.47 4.58 12.73
CA TRP A 80 -14.10 4.92 14.09
C TRP A 80 -14.39 6.39 14.36
N GLN A 81 -14.94 6.70 15.54
CA GLN A 81 -15.26 8.07 15.92
C GLN A 81 -16.25 8.68 14.94
N LYS A 82 -17.15 7.83 14.45
CA LYS A 82 -18.13 8.21 13.44
C LYS A 82 -19.02 9.37 13.90
N ASN A 83 -19.06 10.42 13.11
CA ASN A 83 -19.94 11.54 13.36
C ASN A 83 -21.07 11.52 12.33
N ASN A 84 -22.28 11.21 12.78
CA ASN A 84 -23.41 11.08 11.87
C ASN A 84 -24.35 12.27 12.04
N SER A 1 0.57 8.73 -11.40
CA SER A 1 -0.49 9.16 -12.34
C SER A 1 0.05 9.33 -13.75
N LYS A 2 1.37 9.31 -13.89
CA LYS A 2 2.02 9.45 -15.18
C LYS A 2 3.48 9.04 -15.06
N GLN A 3 3.76 7.78 -15.39
CA GLN A 3 5.09 7.19 -15.27
C GLN A 3 5.45 7.06 -13.79
N PRO A 4 5.05 5.92 -13.20
CA PRO A 4 5.05 5.72 -11.74
C PRO A 4 6.43 5.71 -11.11
N THR A 5 7.46 5.47 -11.91
CA THR A 5 8.82 5.42 -11.40
C THR A 5 9.37 6.84 -11.20
N SER A 6 10.65 6.94 -10.88
CA SER A 6 11.30 8.23 -10.59
C SER A 6 10.75 8.81 -9.29
N ALA A 7 11.36 8.42 -8.18
CA ALA A 7 10.94 8.90 -6.88
C ALA A 7 11.94 9.91 -6.33
N GLU A 8 11.70 10.36 -5.10
CA GLU A 8 12.55 11.35 -4.48
C GLU A 8 12.49 11.18 -2.95
N ASN A 9 13.24 12.01 -2.24
CA ASN A 9 13.30 11.98 -0.77
C ASN A 9 14.03 10.73 -0.30
N SER A 10 15.34 10.72 -0.52
CA SER A 10 16.24 9.66 -0.06
C SER A 10 16.05 8.36 -0.84
N VAL A 11 14.85 7.81 -0.78
CA VAL A 11 14.53 6.51 -1.39
C VAL A 11 15.25 5.39 -0.63
N ALA A 12 14.77 4.16 -0.80
CA ALA A 12 15.36 2.98 -0.17
C ALA A 12 15.13 3.03 1.34
N LYS A 13 15.92 2.25 2.09
CA LYS A 13 15.84 2.20 3.54
C LYS A 13 14.55 1.54 4.01
N LYS A 14 14.19 1.72 5.27
CA LYS A 14 13.05 1.03 5.86
C LYS A 14 11.78 1.88 5.81
N GLU A 15 10.65 1.21 6.03
CA GLU A 15 9.35 1.86 6.09
C GLU A 15 9.33 2.93 7.18
N ASP A 16 8.37 3.83 7.09
CA ASP A 16 8.26 4.93 8.04
C ASP A 16 7.61 4.45 9.33
N LYS A 17 8.44 4.26 10.37
CA LYS A 17 8.01 3.77 11.68
C LYS A 17 7.59 2.30 11.64
N VAL A 18 8.51 1.43 12.06
CA VAL A 18 8.24 0.00 12.14
C VAL A 18 8.06 -0.40 13.60
N PRO A 19 6.83 -0.33 14.13
CA PRO A 19 6.55 -0.58 15.54
C PRO A 19 6.27 -2.05 15.86
N VAL A 20 7.05 -2.61 16.79
CA VAL A 20 6.83 -3.96 17.31
C VAL A 20 7.05 -5.03 16.25
N LYS A 21 8.21 -5.66 16.30
CA LYS A 21 8.54 -6.75 15.40
C LYS A 21 8.01 -8.07 15.95
N LYS A 22 7.05 -8.66 15.26
CA LYS A 22 6.55 -9.98 15.61
C LYS A 22 6.56 -10.87 14.38
N GLN A 23 7.55 -11.73 14.28
CA GLN A 23 7.70 -12.58 13.10
C GLN A 23 7.06 -13.95 13.30
N LYS A 24 5.77 -14.03 13.06
CA LYS A 24 5.06 -15.30 13.10
C LYS A 24 5.07 -15.94 11.72
N THR A 25 4.88 -17.24 11.66
CA THR A 25 4.91 -17.95 10.39
C THR A 25 3.53 -17.89 9.74
N ARG A 26 3.19 -16.71 9.25
CA ARG A 26 1.93 -16.50 8.56
C ARG A 26 2.22 -15.93 7.17
N THR A 27 1.21 -15.85 6.32
CA THR A 27 1.37 -15.21 5.03
C THR A 27 1.09 -13.72 5.15
N VAL A 28 1.93 -12.92 4.53
CA VAL A 28 1.86 -11.47 4.65
C VAL A 28 2.19 -10.80 3.33
N PHE A 29 2.26 -9.47 3.34
CA PHE A 29 2.63 -8.73 2.16
C PHE A 29 4.15 -8.60 2.08
N SER A 30 4.66 -8.52 0.87
CA SER A 30 6.09 -8.42 0.65
C SER A 30 6.58 -7.01 0.95
N SER A 31 7.84 -6.87 1.29
CA SER A 31 8.41 -5.59 1.68
C SER A 31 8.32 -4.60 0.53
N THR A 32 8.41 -5.11 -0.70
CA THR A 32 8.29 -4.26 -1.88
C THR A 32 6.91 -3.58 -1.94
N GLN A 33 5.86 -4.37 -1.74
CA GLN A 33 4.50 -3.84 -1.75
C GLN A 33 4.31 -2.87 -0.60
N LEU A 34 4.70 -3.32 0.60
CA LEU A 34 4.56 -2.51 1.81
C LEU A 34 5.25 -1.16 1.68
N CYS A 35 6.47 -1.18 1.14
CA CYS A 35 7.27 0.04 1.02
C CYS A 35 6.56 1.07 0.14
N VAL A 36 6.09 0.64 -1.02
CA VAL A 36 5.44 1.54 -1.97
C VAL A 36 4.10 2.04 -1.41
N LEU A 37 3.37 1.14 -0.77
CA LEU A 37 2.10 1.50 -0.16
C LEU A 37 2.32 2.54 0.95
N ASN A 38 3.36 2.31 1.74
CA ASN A 38 3.70 3.20 2.84
C ASN A 38 4.06 4.57 2.32
N ASP A 39 4.94 4.59 1.31
CA ASP A 39 5.38 5.85 0.69
C ASP A 39 4.20 6.66 0.18
N ARG A 40 3.36 6.03 -0.63
CA ARG A 40 2.25 6.70 -1.27
C ARG A 40 1.24 7.22 -0.25
N PHE A 41 0.94 6.41 0.76
CA PHE A 41 -0.03 6.79 1.78
C PHE A 41 0.54 7.83 2.75
N GLN A 42 1.86 7.92 2.83
CA GLN A 42 2.48 8.92 3.71
C GLN A 42 2.67 10.26 2.99
N ARG A 43 2.75 10.23 1.67
CA ARG A 43 2.95 11.46 0.90
C ARG A 43 1.61 11.99 0.35
N GLN A 44 0.66 11.09 0.14
CA GLN A 44 -0.67 11.45 -0.32
C GLN A 44 -1.69 10.68 0.52
N LYS A 45 -2.92 11.18 0.57
CA LYS A 45 -3.96 10.53 1.37
C LYS A 45 -4.39 9.20 0.76
N TYR A 46 -4.76 9.24 -0.51
CA TYR A 46 -5.23 8.05 -1.21
C TYR A 46 -4.88 8.14 -2.69
N LEU A 47 -4.97 7.00 -3.38
CA LEU A 47 -4.65 6.95 -4.81
C LEU A 47 -5.92 7.06 -5.64
N SER A 48 -5.80 7.64 -6.83
CA SER A 48 -6.92 7.78 -7.72
C SER A 48 -7.05 6.54 -8.61
N LEU A 49 -8.08 6.52 -9.44
CA LEU A 49 -8.34 5.39 -10.31
C LEU A 49 -7.21 5.15 -11.29
N GLN A 50 -6.56 6.24 -11.70
CA GLN A 50 -5.44 6.16 -12.61
C GLN A 50 -4.21 5.64 -11.87
N GLN A 51 -4.02 6.09 -10.64
CA GLN A 51 -2.83 5.74 -9.88
C GLN A 51 -2.89 4.31 -9.35
N MET A 52 -4.08 3.82 -9.03
CA MET A 52 -4.22 2.47 -8.52
C MET A 52 -3.89 1.42 -9.58
N GLN A 53 -4.28 1.66 -10.84
CA GLN A 53 -3.95 0.73 -11.91
C GLN A 53 -2.48 0.85 -12.28
N GLU A 54 -1.97 2.06 -12.19
CA GLU A 54 -0.56 2.31 -12.45
C GLU A 54 0.30 1.63 -11.38
N LEU A 55 -0.21 1.64 -10.15
CA LEU A 55 0.47 1.00 -9.03
C LEU A 55 0.47 -0.51 -9.17
N SER A 56 -0.68 -1.06 -9.53
CA SER A 56 -0.81 -2.52 -9.72
C SER A 56 0.14 -3.00 -10.82
N ASN A 57 0.42 -2.12 -11.78
CA ASN A 57 1.32 -2.45 -12.88
C ASN A 57 2.75 -2.64 -12.38
N ILE A 58 3.13 -1.87 -11.36
CA ILE A 58 4.47 -1.95 -10.80
C ILE A 58 4.65 -3.25 -10.03
N LEU A 59 3.67 -3.57 -9.20
CA LEU A 59 3.75 -4.71 -8.31
C LEU A 59 3.36 -6.01 -9.00
N ASN A 60 3.03 -5.92 -10.28
CA ASN A 60 2.61 -7.07 -11.07
C ASN A 60 1.35 -7.68 -10.45
N LEU A 61 0.46 -6.82 -10.00
CA LEU A 61 -0.78 -7.23 -9.36
C LEU A 61 -1.97 -6.72 -10.16
N SER A 62 -3.16 -7.00 -9.66
CA SER A 62 -4.37 -6.60 -10.34
C SER A 62 -4.87 -5.25 -9.84
N TYR A 63 -5.47 -4.50 -10.75
CA TYR A 63 -6.08 -3.20 -10.45
C TYR A 63 -7.13 -3.37 -9.36
N LYS A 64 -7.85 -4.47 -9.42
CA LYS A 64 -8.91 -4.76 -8.49
C LYS A 64 -8.35 -5.11 -7.13
N GLN A 65 -7.16 -5.72 -7.13
CA GLN A 65 -6.49 -6.05 -5.89
C GLN A 65 -6.05 -4.77 -5.21
N VAL A 66 -5.45 -3.86 -5.98
CA VAL A 66 -4.99 -2.58 -5.44
C VAL A 66 -6.17 -1.73 -5.00
N LYS A 67 -7.22 -1.72 -5.83
CA LYS A 67 -8.41 -0.94 -5.57
C LYS A 67 -9.10 -1.39 -4.28
N THR A 68 -9.19 -2.71 -4.10
CA THR A 68 -9.86 -3.26 -2.94
C THR A 68 -9.13 -2.91 -1.64
N TRP A 69 -7.80 -2.93 -1.67
CA TRP A 69 -7.01 -2.61 -0.49
C TRP A 69 -7.21 -1.14 -0.14
N PHE A 70 -7.27 -0.30 -1.17
CA PHE A 70 -7.56 1.13 -1.03
C PHE A 70 -8.90 1.35 -0.34
N GLN A 71 -9.92 0.62 -0.76
CA GLN A 71 -11.26 0.80 -0.23
C GLN A 71 -11.34 0.37 1.23
N ASN A 72 -10.54 -0.62 1.60
CA ASN A 72 -10.48 -1.09 2.99
C ASN A 72 -9.75 -0.08 3.84
N GLN A 73 -8.69 0.49 3.31
CA GLN A 73 -7.96 1.55 4.00
C GLN A 73 -8.87 2.75 4.21
N ARG A 74 -9.75 2.99 3.24
CA ARG A 74 -10.69 4.09 3.29
C ARG A 74 -11.78 3.83 4.33
N MET A 75 -12.29 2.59 4.40
CA MET A 75 -13.38 2.29 5.31
C MET A 75 -12.91 2.26 6.77
N LYS A 76 -11.61 2.04 6.97
CA LYS A 76 -11.02 2.07 8.31
C LYS A 76 -11.19 3.44 8.97
N SER A 77 -10.95 4.49 8.18
CA SER A 77 -10.96 5.84 8.70
C SER A 77 -12.38 6.41 8.81
N LYS A 78 -13.30 5.82 8.07
CA LYS A 78 -14.68 6.29 8.08
C LYS A 78 -15.46 5.70 9.24
N ARG A 79 -15.27 4.40 9.50
CA ARG A 79 -16.03 3.73 10.53
C ARG A 79 -15.11 2.96 11.48
N TRP A 80 -14.64 1.81 11.00
CA TRP A 80 -13.87 0.88 11.80
C TRP A 80 -13.61 -0.36 10.96
N GLN A 81 -13.23 -1.47 11.59
CA GLN A 81 -13.00 -2.71 10.87
C GLN A 81 -14.26 -3.21 10.16
N LYS A 82 -14.41 -2.80 8.90
CA LYS A 82 -15.47 -3.27 8.01
C LYS A 82 -16.83 -2.67 8.40
N ASN A 83 -17.84 -2.95 7.59
CA ASN A 83 -19.15 -2.34 7.76
C ASN A 83 -20.24 -3.41 7.57
N ASN A 84 -21.50 -2.96 7.42
CA ASN A 84 -22.64 -3.84 7.18
C ASN A 84 -23.04 -4.56 8.47
N SER A 1 0.99 11.69 -13.60
CA SER A 1 1.18 10.70 -12.53
C SER A 1 2.40 9.84 -12.81
N LYS A 2 3.16 9.51 -11.76
CA LYS A 2 4.35 8.69 -11.91
C LYS A 2 3.98 7.22 -12.13
N GLN A 3 4.91 6.46 -12.68
CA GLN A 3 4.74 5.02 -12.92
C GLN A 3 5.44 4.22 -11.84
N PRO A 4 4.77 3.91 -10.72
CA PRO A 4 5.38 3.24 -9.57
C PRO A 4 5.83 1.82 -9.91
N THR A 5 7.08 1.71 -10.33
CA THR A 5 7.66 0.43 -10.71
C THR A 5 8.30 -0.23 -9.51
N SER A 6 7.75 -1.37 -9.10
CA SER A 6 8.27 -2.09 -7.94
C SER A 6 9.42 -3.00 -8.33
N ALA A 7 10.63 -2.41 -8.40
CA ALA A 7 11.86 -3.13 -8.72
C ALA A 7 11.82 -3.71 -10.14
N GLU A 8 12.82 -4.50 -10.47
CA GLU A 8 12.90 -5.15 -11.77
C GLU A 8 13.28 -6.62 -11.58
N ASN A 9 12.28 -7.47 -11.48
CA ASN A 9 12.50 -8.91 -11.34
C ASN A 9 11.71 -9.65 -12.42
N SER A 10 12.34 -10.65 -13.01
CA SER A 10 11.70 -11.44 -14.06
C SER A 10 10.75 -12.45 -13.44
N VAL A 11 9.48 -12.38 -13.87
CA VAL A 11 8.42 -13.27 -13.38
C VAL A 11 8.04 -12.94 -11.94
N ALA A 12 6.87 -12.33 -11.77
CA ALA A 12 6.37 -11.99 -10.45
C ALA A 12 4.97 -12.56 -10.27
N LYS A 13 4.89 -13.71 -9.60
CA LYS A 13 3.63 -14.41 -9.43
C LYS A 13 3.10 -14.30 -8.01
N LYS A 14 2.23 -13.32 -7.79
CA LYS A 14 1.52 -13.12 -6.53
C LYS A 14 2.48 -12.86 -5.37
N GLU A 15 1.94 -12.93 -4.16
CA GLU A 15 2.72 -12.69 -2.95
C GLU A 15 3.81 -13.74 -2.80
N ASP A 16 3.43 -15.01 -3.00
CA ASP A 16 4.33 -16.16 -2.88
C ASP A 16 4.66 -16.42 -1.40
N LYS A 17 4.06 -15.59 -0.54
CA LYS A 17 4.23 -15.67 0.90
C LYS A 17 5.66 -15.35 1.33
N VAL A 18 5.94 -15.52 2.61
CA VAL A 18 7.22 -15.11 3.18
C VAL A 18 8.03 -16.31 3.66
N PRO A 19 8.83 -16.92 2.77
CA PRO A 19 9.59 -18.15 3.06
C PRO A 19 10.77 -17.92 3.99
N VAL A 20 10.88 -18.78 5.00
CA VAL A 20 12.01 -18.83 5.92
C VAL A 20 12.22 -17.52 6.68
N LYS A 21 11.30 -17.24 7.59
CA LYS A 21 11.42 -16.11 8.50
C LYS A 21 11.16 -16.58 9.93
N LYS A 22 11.06 -15.63 10.85
CA LYS A 22 10.91 -15.98 12.27
C LYS A 22 9.53 -16.56 12.57
N GLN A 23 8.52 -15.71 12.67
CA GLN A 23 7.17 -16.16 12.96
C GLN A 23 6.16 -15.11 12.52
N LYS A 24 5.49 -15.38 11.41
CA LYS A 24 4.45 -14.49 10.90
C LYS A 24 3.27 -15.30 10.40
N THR A 25 2.15 -14.62 10.16
CA THR A 25 0.88 -15.28 9.89
C THR A 25 0.80 -15.89 8.49
N ARG A 26 -0.38 -16.42 8.17
CA ARG A 26 -0.58 -17.15 6.92
C ARG A 26 -0.60 -16.18 5.74
N THR A 27 -1.19 -15.01 5.97
CA THR A 27 -1.19 -13.96 4.97
C THR A 27 -0.72 -12.65 5.55
N VAL A 28 0.12 -11.98 4.76
CA VAL A 28 0.71 -10.69 5.12
C VAL A 28 1.08 -9.95 3.85
N PHE A 29 1.47 -8.70 3.99
CA PHE A 29 1.98 -7.93 2.88
C PHE A 29 3.50 -7.89 2.96
N SER A 30 4.16 -7.91 1.81
CA SER A 30 5.61 -7.91 1.76
C SER A 30 6.15 -6.56 2.23
N SER A 31 7.37 -6.56 2.74
CA SER A 31 8.01 -5.37 3.24
C SER A 31 8.13 -4.32 2.13
N THR A 32 8.42 -4.79 0.93
CA THR A 32 8.56 -3.92 -0.22
C THR A 32 7.22 -3.32 -0.60
N GLN A 33 6.18 -4.15 -0.63
CA GLN A 33 4.83 -3.70 -0.96
C GLN A 33 4.37 -2.63 0.02
N LEU A 34 4.52 -2.90 1.31
CA LEU A 34 4.14 -1.96 2.35
C LEU A 34 4.91 -0.65 2.20
N CYS A 35 6.19 -0.75 1.87
CA CYS A 35 7.01 0.43 1.69
C CYS A 35 6.49 1.29 0.56
N VAL A 36 6.27 0.67 -0.60
CA VAL A 36 5.80 1.38 -1.78
C VAL A 36 4.47 2.06 -1.50
N LEU A 37 3.55 1.32 -0.89
CA LEU A 37 2.26 1.84 -0.51
C LEU A 37 2.42 3.06 0.39
N ASN A 38 3.18 2.89 1.46
CA ASN A 38 3.31 3.94 2.47
C ASN A 38 4.07 5.14 1.93
N ASP A 39 5.03 4.89 1.03
CA ASP A 39 5.82 5.98 0.45
C ASP A 39 4.94 6.99 -0.27
N ARG A 40 4.16 6.53 -1.23
CA ARG A 40 3.31 7.46 -2.00
C ARG A 40 2.08 7.90 -1.21
N PHE A 41 1.66 7.09 -0.24
CA PHE A 41 0.60 7.49 0.68
C PHE A 41 1.06 8.61 1.62
N GLN A 42 2.37 8.74 1.76
CA GLN A 42 2.93 9.79 2.61
C GLN A 42 3.30 11.01 1.78
N ARG A 43 3.92 10.78 0.64
CA ARG A 43 4.34 11.87 -0.24
C ARG A 43 3.16 12.49 -0.99
N GLN A 44 2.09 11.73 -1.13
CA GLN A 44 0.86 12.22 -1.74
C GLN A 44 -0.30 11.95 -0.80
N LYS A 45 -1.50 12.31 -1.22
CA LYS A 45 -2.67 12.16 -0.37
C LYS A 45 -3.21 10.74 -0.44
N TYR A 46 -3.47 10.26 -1.65
CA TYR A 46 -4.05 8.95 -1.86
C TYR A 46 -3.63 8.38 -3.20
N LEU A 47 -4.20 7.23 -3.55
CA LEU A 47 -3.95 6.63 -4.84
C LEU A 47 -4.70 7.38 -5.93
N SER A 48 -3.98 7.85 -6.92
CA SER A 48 -4.59 8.51 -8.04
C SER A 48 -5.25 7.47 -8.93
N LEU A 49 -5.98 7.95 -9.91
CA LEU A 49 -6.69 7.08 -10.84
C LEU A 49 -5.67 6.28 -11.64
N GLN A 50 -4.61 6.97 -12.05
CA GLN A 50 -3.55 6.31 -12.80
C GLN A 50 -2.75 5.40 -11.88
N GLN A 51 -2.50 5.84 -10.64
CA GLN A 51 -1.66 5.07 -9.72
C GLN A 51 -2.23 3.69 -9.44
N MET A 52 -3.54 3.62 -9.21
CA MET A 52 -4.16 2.34 -8.86
C MET A 52 -4.13 1.37 -10.03
N GLN A 53 -4.43 1.85 -11.24
CA GLN A 53 -4.40 0.99 -12.41
C GLN A 53 -2.95 0.67 -12.81
N GLU A 54 -2.07 1.65 -12.63
CA GLU A 54 -0.66 1.49 -12.93
C GLU A 54 -0.04 0.44 -12.03
N LEU A 55 -0.20 0.63 -10.72
CA LEU A 55 0.40 -0.25 -9.74
C LEU A 55 -0.08 -1.68 -9.95
N SER A 56 -1.38 -1.82 -10.20
CA SER A 56 -1.96 -3.11 -10.51
C SER A 56 -1.21 -3.81 -11.65
N ASN A 57 -1.06 -3.10 -12.77
CA ASN A 57 -0.43 -3.68 -13.95
C ASN A 57 1.04 -3.97 -13.70
N ILE A 58 1.69 -3.13 -12.91
CA ILE A 58 3.12 -3.26 -12.67
C ILE A 58 3.43 -4.34 -11.63
N LEU A 59 2.58 -4.44 -10.61
CA LEU A 59 2.82 -5.40 -9.54
C LEU A 59 2.23 -6.77 -9.89
N ASN A 60 1.62 -6.84 -11.08
CA ASN A 60 1.02 -8.07 -11.58
C ASN A 60 -0.18 -8.48 -10.73
N LEU A 61 -0.88 -7.48 -10.19
CA LEU A 61 -2.07 -7.71 -9.39
C LEU A 61 -3.31 -7.26 -10.16
N SER A 62 -4.46 -7.36 -9.51
CA SER A 62 -5.71 -7.01 -10.15
C SER A 62 -6.16 -5.61 -9.73
N TYR A 63 -6.77 -4.88 -10.66
CA TYR A 63 -7.28 -3.54 -10.39
C TYR A 63 -8.35 -3.60 -9.31
N LYS A 64 -9.06 -4.72 -9.28
CA LYS A 64 -10.07 -4.95 -8.26
C LYS A 64 -9.40 -5.02 -6.89
N GLN A 65 -8.29 -5.74 -6.83
CA GLN A 65 -7.54 -5.89 -5.59
C GLN A 65 -6.95 -4.55 -5.15
N VAL A 66 -6.33 -3.83 -6.10
CA VAL A 66 -5.68 -2.57 -5.78
C VAL A 66 -6.69 -1.52 -5.34
N LYS A 67 -7.82 -1.45 -6.05
CA LYS A 67 -8.86 -0.47 -5.76
C LYS A 67 -9.58 -0.79 -4.45
N THR A 68 -9.91 -2.06 -4.25
CA THR A 68 -10.65 -2.48 -3.07
C THR A 68 -9.83 -2.28 -1.80
N TRP A 69 -8.52 -2.52 -1.88
CA TRP A 69 -7.65 -2.33 -0.74
C TRP A 69 -7.63 -0.86 -0.34
N PHE A 70 -7.58 0.00 -1.36
CA PHE A 70 -7.62 1.45 -1.14
C PHE A 70 -8.91 1.85 -0.42
N GLN A 71 -10.02 1.27 -0.85
CA GLN A 71 -11.32 1.53 -0.22
C GLN A 71 -11.33 1.04 1.23
N ASN A 72 -10.78 -0.14 1.42
CA ASN A 72 -10.76 -0.81 2.73
C ASN A 72 -9.91 0.00 3.71
N GLN A 73 -8.74 0.44 3.24
CA GLN A 73 -7.85 1.27 4.06
C GLN A 73 -8.58 2.53 4.52
N ARG A 74 -9.33 3.14 3.61
CA ARG A 74 -10.07 4.36 3.92
C ARG A 74 -11.25 4.05 4.83
N MET A 75 -11.94 2.93 4.59
CA MET A 75 -13.13 2.62 5.37
C MET A 75 -12.79 2.18 6.79
N LYS A 76 -11.50 1.89 7.03
CA LYS A 76 -11.04 1.46 8.36
C LYS A 76 -11.52 2.40 9.46
N SER A 77 -11.37 3.70 9.25
CA SER A 77 -11.68 4.69 10.28
C SER A 77 -13.16 4.66 10.68
N LYS A 78 -14.02 4.32 9.74
CA LYS A 78 -15.47 4.32 10.00
C LYS A 78 -15.97 2.92 10.34
N ARG A 79 -15.29 1.90 9.81
CA ARG A 79 -15.76 0.52 9.92
C ARG A 79 -14.98 -0.26 10.98
N TRP A 80 -13.92 0.34 11.51
CA TRP A 80 -13.13 -0.31 12.55
C TRP A 80 -12.68 0.70 13.60
N GLN A 81 -13.09 0.47 14.83
CA GLN A 81 -12.73 1.35 15.93
C GLN A 81 -12.21 0.51 17.11
N LYS A 82 -12.11 -0.79 16.87
CA LYS A 82 -11.76 -1.76 17.89
C LYS A 82 -12.77 -1.68 19.03
N ASN A 83 -13.92 -2.29 18.82
CA ASN A 83 -14.98 -2.28 19.80
C ASN A 83 -15.02 -3.62 20.51
N ASN A 84 -14.06 -3.84 21.39
CA ASN A 84 -13.92 -5.09 22.11
C ASN A 84 -13.50 -4.81 23.54
N SER A 1 0.60 9.87 -12.59
CA SER A 1 0.98 8.50 -12.17
C SER A 1 2.49 8.31 -12.33
N LYS A 2 2.94 7.06 -12.42
CA LYS A 2 4.38 6.75 -12.46
C LYS A 2 5.07 7.20 -11.18
N GLN A 3 6.40 7.29 -11.25
CA GLN A 3 7.26 7.68 -10.12
C GLN A 3 6.88 7.01 -8.80
N PRO A 4 7.12 5.69 -8.69
CA PRO A 4 6.91 4.97 -7.43
C PRO A 4 8.07 5.19 -6.46
N THR A 5 9.25 5.44 -7.02
CA THR A 5 10.45 5.66 -6.23
C THR A 5 10.95 7.10 -6.39
N SER A 6 10.56 7.72 -7.49
CA SER A 6 11.01 9.07 -7.80
C SER A 6 10.14 10.09 -7.08
N ALA A 7 10.62 10.55 -5.93
CA ALA A 7 9.94 11.62 -5.17
C ALA A 7 10.75 12.00 -3.94
N GLU A 8 11.93 11.40 -3.80
CA GLU A 8 12.74 11.50 -2.60
C GLU A 8 11.96 11.01 -1.40
N ASN A 9 11.98 9.70 -1.21
CA ASN A 9 11.20 9.08 -0.16
C ASN A 9 12.11 8.58 0.96
N SER A 10 11.78 8.96 2.18
CA SER A 10 12.57 8.58 3.34
C SER A 10 11.66 8.45 4.55
N VAL A 11 12.20 7.89 5.64
CA VAL A 11 11.45 7.65 6.88
C VAL A 11 10.47 6.47 6.72
N ALA A 12 10.22 6.10 5.47
CA ALA A 12 9.37 4.98 5.15
C ALA A 12 10.23 3.81 4.69
N LYS A 13 11.40 3.69 5.31
CA LYS A 13 12.36 2.65 4.98
C LYS A 13 11.72 1.25 5.11
N LYS A 14 10.89 1.09 6.15
CA LYS A 14 10.15 -0.14 6.35
C LYS A 14 8.93 0.16 7.23
N GLU A 15 8.16 -0.87 7.55
CA GLU A 15 6.90 -0.72 8.26
C GLU A 15 7.10 -0.31 9.71
N ASP A 16 6.72 0.93 10.01
CA ASP A 16 6.67 1.44 11.38
C ASP A 16 8.06 1.41 12.03
N LYS A 17 8.09 1.35 13.35
CA LYS A 17 9.34 1.33 14.10
C LYS A 17 9.88 -0.10 14.19
N VAL A 18 9.46 -0.91 13.22
CA VAL A 18 9.81 -2.33 13.15
C VAL A 18 9.57 -3.04 14.49
N PRO A 19 8.33 -3.49 14.75
CA PRO A 19 7.99 -4.23 15.96
C PRO A 19 8.50 -5.67 15.90
N VAL A 20 9.48 -5.98 16.74
CA VAL A 20 10.10 -7.29 16.71
C VAL A 20 9.72 -8.08 17.96
N LYS A 21 8.49 -8.56 17.98
CA LYS A 21 8.02 -9.44 19.04
C LYS A 21 7.77 -10.84 18.51
N LYS A 22 6.58 -11.07 17.98
CA LYS A 22 6.24 -12.35 17.37
C LYS A 22 5.56 -12.12 16.03
N GLN A 23 6.32 -12.19 14.96
CA GLN A 23 5.76 -11.96 13.63
C GLN A 23 5.92 -13.18 12.75
N LYS A 24 4.86 -13.97 12.70
CA LYS A 24 4.82 -15.13 11.84
C LYS A 24 3.59 -15.04 10.93
N THR A 25 3.66 -14.12 9.98
CA THR A 25 2.56 -13.90 9.06
C THR A 25 2.56 -14.95 7.96
N ARG A 26 1.41 -15.61 7.79
CA ARG A 26 1.29 -16.65 6.78
C ARG A 26 1.54 -16.07 5.39
N THR A 27 0.68 -15.16 4.96
CA THR A 27 0.87 -14.49 3.69
C THR A 27 0.54 -13.01 3.79
N VAL A 28 1.35 -12.20 3.14
CA VAL A 28 1.24 -10.74 3.17
C VAL A 28 1.78 -10.14 1.87
N PHE A 29 1.95 -8.83 1.86
CA PHE A 29 2.53 -8.15 0.72
C PHE A 29 4.05 -8.14 0.82
N SER A 30 4.72 -8.01 -0.32
CA SER A 30 6.18 -7.98 -0.34
C SER A 30 6.70 -6.68 0.28
N SER A 31 7.97 -6.69 0.68
CA SER A 31 8.58 -5.51 1.31
C SER A 31 8.42 -4.27 0.44
N THR A 32 8.72 -4.43 -0.86
CA THR A 32 8.62 -3.34 -1.81
C THR A 32 7.19 -2.81 -1.89
N GLN A 33 6.23 -3.72 -1.90
CA GLN A 33 4.83 -3.35 -2.04
C GLN A 33 4.36 -2.54 -0.83
N LEU A 34 4.63 -3.05 0.36
CA LEU A 34 4.25 -2.38 1.59
C LEU A 34 4.89 -1.01 1.70
N CYS A 35 6.17 -0.93 1.36
CA CYS A 35 6.93 0.31 1.47
C CYS A 35 6.32 1.40 0.58
N VAL A 36 6.10 1.08 -0.69
CA VAL A 36 5.60 2.07 -1.65
C VAL A 36 4.20 2.54 -1.27
N LEU A 37 3.35 1.60 -0.87
CA LEU A 37 1.98 1.94 -0.48
C LEU A 37 1.98 2.85 0.74
N ASN A 38 2.76 2.48 1.74
CA ASN A 38 2.80 3.23 3.00
C ASN A 38 3.49 4.58 2.79
N ASP A 39 4.56 4.58 2.00
CA ASP A 39 5.25 5.82 1.70
C ASP A 39 4.33 6.79 0.98
N ARG A 40 3.63 6.29 -0.04
CA ARG A 40 2.74 7.13 -0.83
C ARG A 40 1.55 7.63 -0.02
N PHE A 41 1.06 6.81 0.90
CA PHE A 41 -0.01 7.25 1.79
C PHE A 41 0.50 8.29 2.79
N GLN A 42 1.81 8.31 3.01
CA GLN A 42 2.41 9.32 3.86
C GLN A 42 2.65 10.60 3.07
N ARG A 43 2.87 10.47 1.77
CA ARG A 43 3.06 11.62 0.90
C ARG A 43 1.71 12.25 0.55
N GLN A 44 0.82 11.43 0.04
CA GLN A 44 -0.50 11.88 -0.39
C GLN A 44 -1.58 11.30 0.50
N LYS A 45 -2.74 11.94 0.49
CA LYS A 45 -3.87 11.50 1.30
C LYS A 45 -4.34 10.12 0.88
N TYR A 46 -4.52 9.90 -0.42
CA TYR A 46 -4.99 8.62 -0.94
C TYR A 46 -4.43 8.38 -2.33
N LEU A 47 -4.72 7.20 -2.88
CA LEU A 47 -4.32 6.87 -4.24
C LEU A 47 -5.43 7.22 -5.22
N SER A 48 -5.05 7.79 -6.34
CA SER A 48 -5.99 8.20 -7.36
C SER A 48 -6.43 7.01 -8.20
N LEU A 49 -7.38 7.26 -9.09
CA LEU A 49 -7.93 6.21 -9.94
C LEU A 49 -6.83 5.69 -10.87
N GLN A 50 -6.04 6.61 -11.40
CA GLN A 50 -4.97 6.24 -12.30
C GLN A 50 -3.81 5.63 -11.51
N GLN A 51 -3.70 6.01 -10.25
CA GLN A 51 -2.61 5.52 -9.40
C GLN A 51 -2.85 4.09 -8.93
N MET A 52 -4.09 3.73 -8.64
CA MET A 52 -4.40 2.38 -8.18
C MET A 52 -4.13 1.35 -9.28
N GLN A 53 -4.48 1.68 -10.52
CA GLN A 53 -4.18 0.79 -11.64
C GLN A 53 -2.68 0.83 -11.96
N GLU A 54 -2.07 1.99 -11.72
CA GLU A 54 -0.63 2.14 -11.89
C GLU A 54 0.11 1.22 -10.92
N LEU A 55 -0.21 1.33 -9.63
CA LEU A 55 0.41 0.54 -8.60
C LEU A 55 0.20 -0.94 -8.85
N SER A 56 -0.97 -1.27 -9.38
CA SER A 56 -1.27 -2.63 -9.79
C SER A 56 -0.22 -3.16 -10.75
N ASN A 57 0.13 -2.38 -11.75
CA ASN A 57 1.11 -2.78 -12.75
C ASN A 57 2.50 -2.85 -12.13
N ILE A 58 2.77 -1.94 -11.20
CA ILE A 58 4.08 -1.85 -10.57
C ILE A 58 4.32 -3.00 -9.61
N LEU A 59 3.31 -3.33 -8.81
CA LEU A 59 3.45 -4.33 -7.77
C LEU A 59 3.09 -5.72 -8.28
N ASN A 60 2.86 -5.82 -9.60
CA ASN A 60 2.56 -7.10 -10.26
C ASN A 60 1.25 -7.70 -9.73
N LEU A 61 0.36 -6.81 -9.31
CA LEU A 61 -0.95 -7.21 -8.81
C LEU A 61 -2.03 -6.83 -9.79
N SER A 62 -3.26 -7.12 -9.44
CA SER A 62 -4.40 -6.79 -10.29
C SER A 62 -5.14 -5.57 -9.74
N TYR A 63 -5.75 -4.82 -10.64
CA TYR A 63 -6.55 -3.65 -10.29
C TYR A 63 -7.65 -4.03 -9.31
N LYS A 64 -8.21 -5.24 -9.48
CA LYS A 64 -9.25 -5.73 -8.61
C LYS A 64 -8.72 -5.84 -7.18
N GLN A 65 -7.48 -6.29 -7.07
CA GLN A 65 -6.83 -6.45 -5.77
C GLN A 65 -6.50 -5.08 -5.18
N VAL A 66 -5.94 -4.20 -6.01
CA VAL A 66 -5.47 -2.90 -5.52
C VAL A 66 -6.64 -1.98 -5.15
N LYS A 67 -7.69 -1.99 -5.96
CA LYS A 67 -8.83 -1.12 -5.73
C LYS A 67 -9.61 -1.57 -4.50
N THR A 68 -9.81 -2.88 -4.38
CA THR A 68 -10.54 -3.43 -3.24
C THR A 68 -9.78 -3.19 -1.93
N TRP A 69 -8.46 -3.31 -1.99
CA TRP A 69 -7.61 -3.05 -0.83
C TRP A 69 -7.76 -1.60 -0.40
N PHE A 70 -7.63 -0.70 -1.37
CA PHE A 70 -7.77 0.74 -1.12
C PHE A 70 -9.15 1.06 -0.54
N GLN A 71 -10.18 0.40 -1.06
CA GLN A 71 -11.54 0.64 -0.61
C GLN A 71 -11.69 0.31 0.87
N ASN A 72 -11.15 -0.84 1.27
CA ASN A 72 -11.25 -1.30 2.65
C ASN A 72 -10.36 -0.45 3.54
N GLN A 73 -9.17 -0.16 3.05
CA GLN A 73 -8.22 0.68 3.78
C GLN A 73 -8.85 2.03 4.11
N ARG A 74 -9.44 2.66 3.09
CA ARG A 74 -10.06 3.96 3.27
C ARG A 74 -11.29 3.85 4.17
N MET A 75 -12.06 2.77 4.03
CA MET A 75 -13.27 2.62 4.82
C MET A 75 -12.95 2.52 6.31
N LYS A 76 -11.97 1.68 6.65
CA LYS A 76 -11.63 1.44 8.05
C LYS A 76 -10.87 2.61 8.65
N SER A 77 -10.13 3.33 7.82
CA SER A 77 -9.36 4.47 8.30
C SER A 77 -10.24 5.69 8.52
N LYS A 78 -11.33 5.78 7.77
CA LYS A 78 -12.23 6.92 7.90
C LYS A 78 -13.32 6.64 8.91
N ARG A 79 -14.09 5.57 8.70
CA ARG A 79 -15.21 5.25 9.57
C ARG A 79 -14.76 4.51 10.82
N TRP A 80 -14.45 3.24 10.66
CA TRP A 80 -14.05 2.39 11.79
C TRP A 80 -13.57 1.05 11.27
N GLN A 81 -13.02 0.24 12.17
CA GLN A 81 -12.46 -1.06 11.80
C GLN A 81 -13.55 -2.05 11.44
N LYS A 82 -13.87 -2.13 10.15
CA LYS A 82 -14.79 -3.14 9.66
C LYS A 82 -14.03 -4.44 9.42
N ASN A 83 -13.78 -5.16 10.50
CA ASN A 83 -13.02 -6.40 10.42
C ASN A 83 -13.93 -7.61 10.28
N ASN A 84 -13.34 -8.77 10.11
CA ASN A 84 -14.09 -10.01 9.99
C ASN A 84 -13.92 -10.87 11.24
N SER A 1 1.21 7.45 -13.06
CA SER A 1 1.32 8.91 -12.81
C SER A 1 2.72 9.26 -12.32
N LYS A 2 3.58 9.66 -13.26
CA LYS A 2 5.01 9.87 -12.98
C LYS A 2 5.65 8.56 -12.54
N GLN A 3 6.86 8.62 -12.03
CA GLN A 3 7.53 7.40 -11.58
C GLN A 3 7.23 7.16 -10.11
N PRO A 4 7.03 5.89 -9.73
CA PRO A 4 6.77 5.49 -8.37
C PRO A 4 8.04 4.99 -7.68
N THR A 5 8.86 5.92 -7.21
CA THR A 5 10.11 5.58 -6.58
C THR A 5 10.08 5.91 -5.10
N SER A 6 10.34 4.91 -4.26
CA SER A 6 10.39 5.12 -2.82
C SER A 6 11.64 5.91 -2.45
N ALA A 7 11.45 6.99 -1.72
CA ALA A 7 12.56 7.85 -1.34
C ALA A 7 12.97 7.60 0.10
N GLU A 8 12.11 6.94 0.86
CA GLU A 8 12.39 6.68 2.26
C GLU A 8 13.32 5.49 2.44
N ASN A 9 14.60 5.79 2.57
CA ASN A 9 15.60 4.78 2.89
C ASN A 9 15.74 4.66 4.40
N SER A 10 14.81 5.28 5.10
CA SER A 10 14.82 5.29 6.56
C SER A 10 14.13 4.04 7.11
N VAL A 11 13.47 3.30 6.23
CA VAL A 11 12.72 2.12 6.62
C VAL A 11 13.65 0.94 6.87
N ALA A 12 13.96 0.71 8.14
CA ALA A 12 14.74 -0.46 8.52
C ALA A 12 13.80 -1.64 8.72
N LYS A 13 13.64 -2.43 7.65
CA LYS A 13 12.64 -3.51 7.56
C LYS A 13 11.26 -3.08 8.06
N LYS A 14 10.35 -4.04 8.24
CA LYS A 14 9.00 -3.76 8.69
C LYS A 14 8.28 -2.87 7.66
N GLU A 15 7.28 -2.11 8.09
CA GLU A 15 6.57 -1.21 7.19
C GLU A 15 6.54 0.20 7.75
N ASP A 16 5.99 0.35 8.95
CA ASP A 16 5.91 1.66 9.59
C ASP A 16 6.83 1.71 10.80
N LYS A 17 7.32 2.90 11.14
CA LYS A 17 8.34 3.06 12.17
C LYS A 17 7.72 3.21 13.56
N VAL A 18 6.52 2.68 13.71
CA VAL A 18 5.82 2.72 14.99
C VAL A 18 5.40 1.30 15.41
N PRO A 19 6.30 0.57 16.09
CA PRO A 19 6.00 -0.73 16.64
C PRO A 19 5.59 -0.66 18.11
N VAL A 20 4.32 -0.40 18.36
CA VAL A 20 3.85 -0.23 19.72
C VAL A 20 2.71 -1.19 20.04
N LYS A 21 3.08 -2.44 20.29
CA LYS A 21 2.15 -3.48 20.76
C LYS A 21 2.89 -4.81 20.84
N LYS A 22 2.92 -5.52 19.72
CA LYS A 22 3.70 -6.73 19.56
C LYS A 22 4.01 -6.93 18.09
N GLN A 23 3.07 -7.57 17.40
CA GLN A 23 3.17 -7.82 15.97
C GLN A 23 1.75 -7.88 15.41
N LYS A 24 1.63 -8.28 14.15
CA LYS A 24 0.32 -8.43 13.55
C LYS A 24 -0.09 -9.89 13.53
N THR A 25 -1.34 -10.16 13.86
CA THR A 25 -1.82 -11.53 14.01
C THR A 25 -2.44 -12.06 12.71
N ARG A 26 -2.21 -11.36 11.62
CA ARG A 26 -2.69 -11.80 10.31
C ARG A 26 -1.55 -11.71 9.30
N THR A 27 -1.72 -12.37 8.17
CA THR A 27 -0.74 -12.32 7.10
C THR A 27 -0.74 -10.94 6.44
N VAL A 28 0.44 -10.48 6.09
CA VAL A 28 0.59 -9.14 5.51
C VAL A 28 1.21 -9.19 4.12
N PHE A 29 1.49 -8.02 3.57
CA PHE A 29 2.12 -7.91 2.27
C PHE A 29 3.63 -7.97 2.41
N SER A 30 4.33 -8.01 1.29
CA SER A 30 5.78 -8.04 1.33
C SER A 30 6.29 -6.65 1.72
N SER A 31 7.46 -6.60 2.32
CA SER A 31 8.03 -5.34 2.78
C SER A 31 8.22 -4.39 1.60
N THR A 32 8.64 -4.94 0.47
CA THR A 32 8.85 -4.16 -0.74
C THR A 32 7.56 -3.44 -1.15
N GLN A 33 6.45 -4.17 -1.11
CA GLN A 33 5.16 -3.59 -1.45
C GLN A 33 4.73 -2.57 -0.39
N LEU A 34 4.90 -2.97 0.87
CA LEU A 34 4.53 -2.11 2.00
C LEU A 34 5.26 -0.78 1.96
N CYS A 35 6.56 -0.82 1.70
CA CYS A 35 7.37 0.41 1.63
C CYS A 35 6.87 1.34 0.54
N VAL A 36 6.64 0.78 -0.65
CA VAL A 36 6.19 1.57 -1.80
C VAL A 36 4.81 2.16 -1.54
N LEU A 37 3.94 1.39 -0.92
CA LEU A 37 2.59 1.85 -0.58
C LEU A 37 2.66 2.99 0.42
N ASN A 38 3.47 2.82 1.46
CA ASN A 38 3.57 3.82 2.52
C ASN A 38 4.24 5.08 1.99
N ASP A 39 5.22 4.89 1.11
CA ASP A 39 5.92 6.01 0.50
C ASP A 39 4.96 6.80 -0.39
N ARG A 40 4.17 6.10 -1.19
CA ARG A 40 3.19 6.73 -2.07
C ARG A 40 2.21 7.59 -1.28
N PHE A 41 1.67 7.02 -0.20
CA PHE A 41 0.76 7.75 0.69
C PHE A 41 1.50 8.88 1.43
N GLN A 42 2.81 8.72 1.55
CA GLN A 42 3.65 9.72 2.21
C GLN A 42 3.83 10.93 1.29
N ARG A 43 3.67 10.71 -0.01
CA ARG A 43 3.77 11.78 -0.99
C ARG A 43 2.41 12.41 -1.23
N GLN A 44 1.39 11.57 -1.35
CA GLN A 44 0.02 12.02 -1.50
C GLN A 44 -0.89 11.19 -0.60
N LYS A 45 -1.81 11.85 0.09
CA LYS A 45 -2.61 11.18 1.12
C LYS A 45 -3.48 10.06 0.55
N TYR A 46 -3.84 10.15 -0.72
CA TYR A 46 -4.67 9.14 -1.35
C TYR A 46 -4.13 8.76 -2.72
N LEU A 47 -4.59 7.64 -3.24
CA LEU A 47 -4.26 7.23 -4.58
C LEU A 47 -5.43 7.53 -5.51
N SER A 48 -5.11 8.04 -6.69
CA SER A 48 -6.13 8.34 -7.67
C SER A 48 -6.49 7.09 -8.46
N LEU A 49 -7.35 7.26 -9.44
CA LEU A 49 -7.81 6.15 -10.26
C LEU A 49 -6.64 5.59 -11.05
N GLN A 50 -5.80 6.48 -11.54
CA GLN A 50 -4.65 6.09 -12.31
C GLN A 50 -3.53 5.55 -11.41
N GLN A 51 -3.49 6.03 -10.17
CA GLN A 51 -2.47 5.59 -9.23
C GLN A 51 -2.77 4.21 -8.64
N MET A 52 -4.05 3.86 -8.52
CA MET A 52 -4.41 2.52 -8.03
C MET A 52 -4.09 1.46 -9.09
N GLN A 53 -4.31 1.79 -10.37
CA GLN A 53 -3.91 0.90 -11.45
C GLN A 53 -2.39 0.90 -11.61
N GLU A 54 -1.79 2.06 -11.31
CA GLU A 54 -0.33 2.19 -11.29
C GLU A 54 0.28 1.21 -10.28
N LEU A 55 -0.19 1.29 -9.04
CA LEU A 55 0.39 0.50 -7.96
C LEU A 55 0.21 -1.00 -8.16
N SER A 56 -0.94 -1.37 -8.71
CA SER A 56 -1.23 -2.78 -8.95
C SER A 56 -0.23 -3.37 -9.95
N ASN A 57 0.04 -2.66 -11.02
CA ASN A 57 0.97 -3.13 -12.04
C ASN A 57 2.39 -3.27 -11.49
N ILE A 58 2.74 -2.42 -10.53
CA ILE A 58 4.05 -2.45 -9.90
C ILE A 58 4.19 -3.68 -9.00
N LEU A 59 3.24 -3.85 -8.10
CA LEU A 59 3.33 -4.87 -7.07
C LEU A 59 2.85 -6.22 -7.58
N ASN A 60 2.60 -6.29 -8.89
CA ASN A 60 2.18 -7.52 -9.57
C ASN A 60 0.81 -7.97 -9.04
N LEU A 61 -0.04 -6.99 -8.76
CA LEU A 61 -1.39 -7.23 -8.30
C LEU A 61 -2.38 -6.81 -9.38
N SER A 62 -3.66 -6.94 -9.08
CA SER A 62 -4.67 -6.57 -10.04
C SER A 62 -5.36 -5.28 -9.62
N TYR A 63 -5.80 -4.51 -10.62
CA TYR A 63 -6.50 -3.25 -10.40
C TYR A 63 -7.71 -3.43 -9.49
N LYS A 64 -8.44 -4.50 -9.72
CA LYS A 64 -9.65 -4.78 -8.95
C LYS A 64 -9.30 -4.97 -7.48
N GLN A 65 -8.20 -5.67 -7.24
CA GLN A 65 -7.76 -5.95 -5.87
C GLN A 65 -7.19 -4.70 -5.21
N VAL A 66 -6.53 -3.85 -5.98
CA VAL A 66 -5.96 -2.63 -5.42
C VAL A 66 -7.05 -1.58 -5.19
N LYS A 67 -8.00 -1.50 -6.11
CA LYS A 67 -9.13 -0.56 -5.97
C LYS A 67 -9.95 -0.92 -4.74
N THR A 68 -10.18 -2.21 -4.57
CA THR A 68 -10.91 -2.72 -3.42
C THR A 68 -10.10 -2.55 -2.14
N TRP A 69 -8.79 -2.77 -2.24
CA TRP A 69 -7.89 -2.59 -1.11
C TRP A 69 -7.91 -1.14 -0.63
N PHE A 70 -7.84 -0.21 -1.57
CA PHE A 70 -7.90 1.20 -1.27
C PHE A 70 -9.19 1.54 -0.52
N GLN A 71 -10.31 1.04 -1.01
CA GLN A 71 -11.60 1.28 -0.38
C GLN A 71 -11.69 0.58 0.97
N ASN A 72 -11.11 -0.60 1.05
CA ASN A 72 -11.11 -1.40 2.28
C ASN A 72 -10.32 -0.67 3.37
N GLN A 73 -9.13 -0.19 3.01
CA GLN A 73 -8.31 0.56 3.94
C GLN A 73 -9.03 1.85 4.33
N ARG A 74 -9.63 2.49 3.35
CA ARG A 74 -10.30 3.76 3.55
C ARG A 74 -11.53 3.61 4.44
N MET A 75 -12.33 2.57 4.18
CA MET A 75 -13.57 2.37 4.92
C MET A 75 -13.30 2.04 6.38
N LYS A 76 -12.21 1.34 6.65
CA LYS A 76 -11.88 0.92 8.01
C LYS A 76 -11.46 2.12 8.87
N SER A 77 -11.05 3.21 8.23
CA SER A 77 -10.65 4.40 8.97
C SER A 77 -11.83 4.95 9.76
N LYS A 78 -12.96 5.12 9.10
CA LYS A 78 -14.15 5.69 9.73
C LYS A 78 -15.12 4.61 10.23
N ARG A 79 -15.05 3.42 9.65
CA ARG A 79 -16.06 2.39 9.88
C ARG A 79 -15.41 1.03 10.14
N TRP A 80 -14.29 1.02 10.84
CA TRP A 80 -13.62 -0.24 11.22
C TRP A 80 -14.62 -1.24 11.78
N GLN A 81 -14.68 -2.42 11.16
CA GLN A 81 -15.56 -3.47 11.61
C GLN A 81 -15.01 -4.84 11.22
N LYS A 82 -15.06 -5.77 12.17
CA LYS A 82 -14.60 -7.14 11.98
C LYS A 82 -13.10 -7.21 11.74
N ASN A 83 -12.61 -8.40 11.41
CA ASN A 83 -11.18 -8.63 11.18
C ASN A 83 -10.99 -9.91 10.37
N ASN A 84 -11.30 -11.04 11.02
CA ASN A 84 -11.25 -12.35 10.38
C ASN A 84 -9.91 -12.61 9.70
N SER A 1 -0.24 8.72 -15.13
CA SER A 1 -0.06 8.64 -13.66
C SER A 1 1.20 9.43 -13.25
N LYS A 2 1.79 9.07 -12.12
CA LYS A 2 2.97 9.75 -11.62
C LYS A 2 4.22 9.25 -12.33
N GLN A 3 4.33 7.93 -12.45
CA GLN A 3 5.43 7.29 -13.17
C GLN A 3 6.78 7.66 -12.55
N PRO A 4 7.15 6.99 -11.43
CA PRO A 4 8.37 7.32 -10.67
C PRO A 4 9.64 7.26 -11.53
N THR A 5 9.88 6.12 -12.16
CA THR A 5 11.02 5.95 -13.05
C THR A 5 12.35 5.97 -12.27
N SER A 6 12.26 5.98 -10.95
CA SER A 6 13.44 6.09 -10.09
C SER A 6 14.27 4.81 -10.11
N ALA A 7 13.64 3.68 -10.43
CA ALA A 7 14.32 2.40 -10.44
C ALA A 7 14.92 2.14 -11.82
N GLU A 8 16.03 2.80 -12.11
CA GLU A 8 16.72 2.62 -13.38
C GLU A 8 17.65 1.43 -13.33
N ASN A 9 18.47 1.37 -12.28
CA ASN A 9 19.44 0.29 -12.11
C ASN A 9 18.86 -0.82 -11.27
N SER A 10 17.53 -0.89 -11.25
CA SER A 10 16.78 -1.91 -10.51
C SER A 10 16.86 -1.67 -8.99
N VAL A 11 17.66 -0.67 -8.60
CA VAL A 11 17.85 -0.23 -7.21
C VAL A 11 18.02 -1.38 -6.21
N ALA A 12 17.87 -1.06 -4.93
CA ALA A 12 17.98 -2.04 -3.88
C ALA A 12 16.60 -2.34 -3.30
N LYS A 13 16.29 -3.61 -3.14
CA LYS A 13 14.98 -4.04 -2.67
C LYS A 13 14.99 -4.26 -1.15
N LYS A 14 15.89 -3.55 -0.50
CA LYS A 14 15.89 -3.43 0.96
C LYS A 14 15.96 -1.95 1.30
N GLU A 15 15.31 -1.17 0.45
CA GLU A 15 15.36 0.29 0.46
C GLU A 15 14.89 0.91 1.78
N ASP A 16 13.63 0.72 2.13
CA ASP A 16 13.06 1.35 3.33
C ASP A 16 12.78 0.28 4.37
N LYS A 17 12.85 -0.96 3.92
CA LYS A 17 12.66 -2.18 4.72
C LYS A 17 11.47 -2.11 5.67
N VAL A 18 10.39 -2.77 5.27
CA VAL A 18 9.24 -2.97 6.14
C VAL A 18 9.03 -4.47 6.36
N PRO A 19 9.84 -5.08 7.23
CA PRO A 19 9.84 -6.51 7.45
C PRO A 19 9.04 -6.96 8.67
N VAL A 20 8.54 -8.20 8.61
CA VAL A 20 7.92 -8.89 9.73
C VAL A 20 6.95 -8.00 10.52
N LYS A 21 5.73 -7.92 10.03
CA LYS A 21 4.69 -7.19 10.75
C LYS A 21 3.70 -8.20 11.34
N LYS A 22 3.14 -9.03 10.47
CA LYS A 22 2.30 -10.18 10.86
C LYS A 22 0.99 -9.78 11.55
N GLN A 23 0.84 -8.51 11.94
CA GLN A 23 -0.37 -8.05 12.60
C GLN A 23 -1.59 -8.26 11.70
N LYS A 24 -1.40 -8.06 10.41
CA LYS A 24 -2.45 -8.35 9.45
C LYS A 24 -2.47 -9.85 9.18
N THR A 25 -3.31 -10.58 9.92
CA THR A 25 -3.35 -12.03 9.84
C THR A 25 -3.95 -12.51 8.51
N ARG A 26 -3.12 -12.45 7.48
CA ARG A 26 -3.46 -12.85 6.12
C ARG A 26 -2.18 -13.03 5.33
N THR A 27 -2.28 -13.08 4.01
CA THR A 27 -1.10 -13.15 3.17
C THR A 27 -0.25 -11.89 3.32
N VAL A 28 1.06 -12.04 3.19
CA VAL A 28 1.97 -10.92 3.40
C VAL A 28 2.65 -10.53 2.08
N PHE A 29 3.26 -9.36 2.08
CA PHE A 29 3.95 -8.84 0.92
C PHE A 29 5.44 -8.71 1.21
N SER A 30 6.21 -8.41 0.18
CA SER A 30 7.65 -8.21 0.35
C SER A 30 7.92 -6.80 0.84
N SER A 31 9.15 -6.54 1.28
CA SER A 31 9.52 -5.25 1.84
C SER A 31 9.21 -4.12 0.84
N THR A 32 9.76 -4.21 -0.36
CA THR A 32 9.57 -3.20 -1.38
C THR A 32 8.09 -2.96 -1.66
N GLN A 33 7.31 -4.03 -1.69
CA GLN A 33 5.87 -3.92 -1.93
C GLN A 33 5.22 -3.06 -0.85
N LEU A 34 5.52 -3.36 0.41
CA LEU A 34 4.99 -2.59 1.52
C LEU A 34 5.51 -1.16 1.50
N CYS A 35 6.80 -1.00 1.19
CA CYS A 35 7.40 0.32 1.10
C CYS A 35 6.71 1.18 0.03
N VAL A 36 6.43 0.58 -1.12
CA VAL A 36 5.74 1.28 -2.20
C VAL A 36 4.32 1.66 -1.81
N LEU A 37 3.62 0.75 -1.13
CA LEU A 37 2.28 1.03 -0.62
C LEU A 37 2.31 2.25 0.29
N ASN A 38 3.29 2.27 1.19
CA ASN A 38 3.48 3.39 2.11
C ASN A 38 3.84 4.64 1.33
N ASP A 39 4.74 4.49 0.35
CA ASP A 39 5.17 5.60 -0.50
C ASP A 39 3.97 6.27 -1.16
N ARG A 40 3.08 5.46 -1.72
CA ARG A 40 1.88 5.97 -2.36
C ARG A 40 1.10 6.88 -1.41
N PHE A 41 0.90 6.40 -0.18
CA PHE A 41 0.16 7.17 0.82
C PHE A 41 0.98 8.34 1.35
N GLN A 42 2.30 8.24 1.23
CA GLN A 42 3.18 9.33 1.64
C GLN A 42 3.10 10.49 0.65
N ARG A 43 3.17 10.19 -0.64
CA ARG A 43 3.16 11.22 -1.66
C ARG A 43 1.77 11.83 -1.78
N GLN A 44 0.76 11.00 -1.65
CA GLN A 44 -0.61 11.46 -1.67
C GLN A 44 -1.40 10.67 -0.63
N LYS A 45 -2.22 11.36 0.15
CA LYS A 45 -2.86 10.74 1.31
C LYS A 45 -3.81 9.61 0.93
N TYR A 46 -4.30 9.63 -0.30
CA TYR A 46 -5.15 8.55 -0.80
C TYR A 46 -4.76 8.19 -2.23
N LEU A 47 -5.29 7.07 -2.72
CA LEU A 47 -4.95 6.60 -4.05
C LEU A 47 -5.90 7.17 -5.09
N SER A 48 -5.32 7.75 -6.12
CA SER A 48 -6.09 8.24 -7.25
C SER A 48 -6.28 7.10 -8.24
N LEU A 49 -6.99 7.37 -9.31
CA LEU A 49 -7.29 6.38 -10.33
C LEU A 49 -6.01 5.99 -11.04
N GLN A 50 -5.14 6.97 -11.21
CA GLN A 50 -3.85 6.77 -11.81
C GLN A 50 -2.91 6.05 -10.84
N GLN A 51 -2.97 6.44 -9.57
CA GLN A 51 -2.10 5.86 -8.56
C GLN A 51 -2.39 4.38 -8.34
N MET A 52 -3.67 4.03 -8.29
CA MET A 52 -4.06 2.65 -8.05
C MET A 52 -3.67 1.74 -9.23
N GLN A 53 -3.83 2.24 -10.45
CA GLN A 53 -3.49 1.46 -11.63
C GLN A 53 -1.97 1.33 -11.76
N GLU A 54 -1.25 2.38 -11.36
CA GLU A 54 0.21 2.36 -11.32
C GLU A 54 0.67 1.31 -10.32
N LEU A 55 0.10 1.38 -9.11
CA LEU A 55 0.46 0.47 -8.03
C LEU A 55 0.29 -0.99 -8.47
N SER A 56 -0.88 -1.29 -9.01
CA SER A 56 -1.19 -2.65 -9.45
C SER A 56 -0.22 -3.14 -10.51
N ASN A 57 0.18 -2.25 -11.41
CA ASN A 57 1.06 -2.63 -12.52
C ASN A 57 2.49 -2.88 -12.04
N ILE A 58 2.90 -2.14 -11.02
CA ILE A 58 4.26 -2.29 -10.48
C ILE A 58 4.40 -3.60 -9.72
N LEU A 59 3.42 -3.91 -8.89
CA LEU A 59 3.52 -5.07 -8.02
C LEU A 59 2.89 -6.30 -8.69
N ASN A 60 2.40 -6.12 -9.91
CA ASN A 60 1.73 -7.17 -10.67
C ASN A 60 0.54 -7.72 -9.87
N LEU A 61 -0.22 -6.79 -9.30
CA LEU A 61 -1.40 -7.12 -8.55
C LEU A 61 -2.63 -6.68 -9.35
N SER A 62 -3.80 -7.12 -8.93
CA SER A 62 -5.01 -6.79 -9.63
C SER A 62 -5.42 -5.35 -9.33
N TYR A 63 -5.82 -4.64 -10.37
CA TYR A 63 -6.35 -3.28 -10.22
C TYR A 63 -7.53 -3.30 -9.27
N LYS A 64 -8.30 -4.38 -9.33
CA LYS A 64 -9.45 -4.55 -8.49
C LYS A 64 -9.02 -4.78 -7.04
N GLN A 65 -7.93 -5.54 -6.88
CA GLN A 65 -7.39 -5.80 -5.56
C GLN A 65 -6.81 -4.52 -4.95
N VAL A 66 -6.10 -3.74 -5.76
CA VAL A 66 -5.52 -2.49 -5.27
C VAL A 66 -6.61 -1.51 -4.86
N LYS A 67 -7.62 -1.38 -5.71
CA LYS A 67 -8.75 -0.51 -5.46
C LYS A 67 -9.52 -0.94 -4.19
N THR A 68 -9.69 -2.24 -4.02
CA THR A 68 -10.43 -2.77 -2.88
C THR A 68 -9.61 -2.63 -1.60
N TRP A 69 -8.30 -2.76 -1.72
CA TRP A 69 -7.40 -2.68 -0.58
C TRP A 69 -7.52 -1.32 0.11
N PHE A 70 -7.31 -0.25 -0.65
CA PHE A 70 -7.29 1.09 -0.06
C PHE A 70 -8.69 1.50 0.38
N GLN A 71 -9.71 1.04 -0.36
CA GLN A 71 -11.09 1.39 -0.02
C GLN A 71 -11.49 0.80 1.33
N ASN A 72 -11.25 -0.49 1.51
CA ASN A 72 -11.68 -1.18 2.73
C ASN A 72 -10.93 -0.67 3.96
N GLN A 73 -9.68 -0.26 3.78
CA GLN A 73 -8.91 0.33 4.86
C GLN A 73 -9.59 1.62 5.34
N ARG A 74 -9.85 2.53 4.42
CA ARG A 74 -10.51 3.78 4.76
C ARG A 74 -11.99 3.55 5.07
N MET A 75 -12.54 2.41 4.68
CA MET A 75 -13.91 2.05 5.03
C MET A 75 -14.06 1.94 6.54
N LYS A 76 -13.16 1.18 7.16
CA LYS A 76 -13.20 0.99 8.61
C LYS A 76 -12.86 2.28 9.33
N SER A 77 -11.94 3.05 8.75
CA SER A 77 -11.47 4.30 9.36
C SER A 77 -12.57 5.36 9.34
N LYS A 78 -13.49 5.25 8.39
CA LYS A 78 -14.58 6.20 8.26
C LYS A 78 -15.83 5.70 8.97
N ARG A 79 -16.11 4.42 8.83
CA ARG A 79 -17.31 3.83 9.40
C ARG A 79 -17.23 3.84 10.93
N TRP A 80 -16.05 3.55 11.47
CA TRP A 80 -15.87 3.62 12.90
C TRP A 80 -15.48 5.03 13.28
N GLN A 81 -16.47 5.81 13.70
CA GLN A 81 -16.27 7.21 14.02
C GLN A 81 -16.59 7.46 15.49
N LYS A 82 -15.57 7.30 16.33
CA LYS A 82 -15.70 7.46 17.78
C LYS A 82 -16.57 6.37 18.40
N ASN A 83 -16.15 5.88 19.56
CA ASN A 83 -16.88 4.83 20.26
C ASN A 83 -18.20 5.38 20.80
N ASN A 84 -19.15 4.48 21.01
CA ASN A 84 -20.50 4.84 21.45
C ASN A 84 -21.20 5.68 20.39
N SER A 1 1.32 10.86 -12.46
CA SER A 1 1.38 9.44 -12.87
C SER A 1 2.23 9.26 -14.12
N LYS A 2 3.27 8.45 -14.00
CA LYS A 2 4.21 8.21 -15.09
C LYS A 2 4.80 6.81 -14.94
N GLN A 3 5.66 6.69 -13.94
CA GLN A 3 6.27 5.42 -13.57
C GLN A 3 6.99 5.61 -12.25
N PRO A 4 6.28 5.48 -11.13
CA PRO A 4 6.84 5.66 -9.81
C PRO A 4 7.87 4.59 -9.47
N THR A 5 8.83 4.95 -8.62
CA THR A 5 9.90 4.05 -8.22
C THR A 5 10.90 3.88 -9.37
N SER A 6 11.85 4.81 -9.44
CA SER A 6 12.89 4.75 -10.46
C SER A 6 14.21 4.35 -9.82
N ALA A 7 14.43 4.84 -8.61
CA ALA A 7 15.58 4.47 -7.81
C ALA A 7 15.26 4.74 -6.35
N GLU A 8 15.46 6.01 -5.94
CA GLU A 8 15.03 6.49 -4.63
C GLU A 8 15.56 5.60 -3.50
N ASN A 9 16.74 5.03 -3.69
CA ASN A 9 17.34 4.11 -2.72
C ASN A 9 18.01 4.85 -1.58
N SER A 10 17.30 5.79 -0.99
CA SER A 10 17.82 6.54 0.15
C SER A 10 17.52 5.80 1.44
N VAL A 11 18.32 4.76 1.71
CA VAL A 11 18.17 3.93 2.90
C VAL A 11 16.91 3.05 2.80
N ALA A 12 17.08 1.75 2.99
CA ALA A 12 15.96 0.84 2.96
C ALA A 12 15.15 0.91 4.25
N LYS A 13 14.15 1.77 4.26
CA LYS A 13 13.30 1.93 5.43
C LYS A 13 12.10 1.00 5.35
N LYS A 14 11.42 0.83 6.47
CA LYS A 14 10.24 0.00 6.54
C LYS A 14 9.12 0.71 7.30
N GLU A 15 7.94 0.11 7.31
CA GLU A 15 6.75 0.70 7.93
C GLU A 15 7.03 1.11 9.37
N ASP A 16 7.35 0.13 10.20
CA ASP A 16 7.61 0.37 11.61
C ASP A 16 8.59 -0.68 12.10
N LYS A 17 9.11 -0.51 13.30
CA LYS A 17 10.08 -1.46 13.84
C LYS A 17 9.45 -2.30 14.94
N VAL A 18 10.23 -3.21 15.50
CA VAL A 18 9.72 -4.23 16.42
C VAL A 18 8.78 -5.18 15.66
N PRO A 19 9.35 -6.20 15.01
CA PRO A 19 8.60 -7.14 14.17
C PRO A 19 7.49 -7.85 14.93
N VAL A 20 6.33 -7.97 14.28
CA VAL A 20 5.15 -8.59 14.86
C VAL A 20 4.78 -7.93 16.19
N LYS A 21 4.30 -6.70 16.10
CA LYS A 21 3.85 -5.95 17.26
C LYS A 21 2.45 -5.42 17.00
N LYS A 22 1.72 -6.16 16.17
CA LYS A 22 0.41 -5.75 15.72
C LYS A 22 -0.51 -6.95 15.64
N GLN A 23 -1.69 -6.81 16.22
CA GLN A 23 -2.73 -7.80 16.11
C GLN A 23 -3.02 -8.07 14.64
N LYS A 24 -2.91 -9.32 14.24
CA LYS A 24 -2.90 -9.68 12.82
C LYS A 24 -4.26 -9.59 12.16
N THR A 25 -4.22 -9.28 10.89
CA THR A 25 -5.35 -9.50 10.00
C THR A 25 -5.05 -10.75 9.17
N ARG A 26 -6.07 -11.53 8.84
CA ARG A 26 -5.85 -12.80 8.15
C ARG A 26 -5.27 -12.61 6.76
N THR A 27 -5.27 -11.38 6.27
CA THR A 27 -4.59 -11.06 5.02
C THR A 27 -3.62 -9.91 5.23
N VAL A 28 -2.42 -10.07 4.70
CA VAL A 28 -1.35 -9.09 4.88
C VAL A 28 -0.43 -9.07 3.67
N PHE A 29 0.34 -8.00 3.53
CA PHE A 29 1.33 -7.89 2.48
C PHE A 29 2.72 -7.97 3.08
N SER A 30 3.73 -8.00 2.22
CA SER A 30 5.11 -7.97 2.68
C SER A 30 5.51 -6.52 2.91
N SER A 31 6.48 -6.31 3.78
CA SER A 31 6.92 -4.96 4.12
C SER A 31 7.36 -4.18 2.88
N THR A 32 7.90 -4.87 1.89
CA THR A 32 8.30 -4.23 0.66
C THR A 32 7.10 -3.56 -0.02
N GLN A 33 5.97 -4.26 -0.05
CA GLN A 33 4.77 -3.72 -0.65
C GLN A 33 4.17 -2.66 0.25
N LEU A 34 4.20 -2.92 1.55
CA LEU A 34 3.64 -2.02 2.54
C LEU A 34 4.38 -0.67 2.56
N CYS A 35 5.71 -0.70 2.58
CA CYS A 35 6.49 0.53 2.66
C CYS A 35 6.31 1.36 1.39
N VAL A 36 6.29 0.70 0.23
CA VAL A 36 6.07 1.39 -1.03
C VAL A 36 4.72 2.10 -1.02
N LEU A 37 3.67 1.37 -0.64
CA LEU A 37 2.33 1.94 -0.58
C LEU A 37 2.27 3.10 0.40
N ASN A 38 2.82 2.88 1.58
CA ASN A 38 2.78 3.88 2.65
C ASN A 38 3.56 5.13 2.26
N ASP A 39 4.69 4.93 1.61
CA ASP A 39 5.50 6.06 1.16
C ASP A 39 4.69 6.90 0.18
N ARG A 40 4.03 6.23 -0.77
CA ARG A 40 3.25 6.93 -1.78
C ARG A 40 2.04 7.62 -1.15
N PHE A 41 1.42 6.98 -0.14
CA PHE A 41 0.35 7.60 0.64
C PHE A 41 0.83 8.87 1.33
N GLN A 42 2.12 8.92 1.63
CA GLN A 42 2.73 10.10 2.24
C GLN A 42 3.05 11.17 1.19
N ARG A 43 3.39 10.74 -0.02
CA ARG A 43 3.67 11.67 -1.11
C ARG A 43 2.37 12.27 -1.62
N GLN A 44 1.42 11.40 -1.90
CA GLN A 44 0.10 11.80 -2.31
C GLN A 44 -0.92 11.17 -1.36
N LYS A 45 -1.88 11.95 -0.91
CA LYS A 45 -2.81 11.49 0.10
C LYS A 45 -3.65 10.31 -0.39
N TYR A 46 -4.13 10.40 -1.63
CA TYR A 46 -4.93 9.33 -2.22
C TYR A 46 -4.52 9.11 -3.67
N LEU A 47 -4.67 7.87 -4.14
CA LEU A 47 -4.30 7.53 -5.51
C LEU A 47 -5.48 7.73 -6.45
N SER A 48 -5.18 8.21 -7.65
CA SER A 48 -6.19 8.42 -8.67
C SER A 48 -6.46 7.11 -9.41
N LEU A 49 -7.38 7.17 -10.36
CA LEU A 49 -7.82 5.98 -11.08
C LEU A 49 -6.68 5.41 -11.92
N GLN A 50 -5.85 6.28 -12.45
CA GLN A 50 -4.71 5.84 -13.23
C GLN A 50 -3.60 5.31 -12.32
N GLN A 51 -3.52 5.88 -11.14
CA GLN A 51 -2.45 5.55 -10.20
C GLN A 51 -2.68 4.19 -9.53
N MET A 52 -3.93 3.82 -9.32
CA MET A 52 -4.25 2.52 -8.74
C MET A 52 -3.87 1.39 -9.70
N GLN A 53 -4.13 1.57 -10.99
CA GLN A 53 -3.70 0.57 -11.97
C GLN A 53 -2.19 0.67 -12.19
N GLU A 54 -1.66 1.89 -12.05
CA GLU A 54 -0.22 2.12 -12.15
C GLU A 54 0.50 1.32 -11.08
N LEU A 55 0.02 1.40 -9.83
CA LEU A 55 0.59 0.63 -8.73
C LEU A 55 0.32 -0.86 -8.92
N SER A 56 -0.86 -1.17 -9.44
CA SER A 56 -1.23 -2.55 -9.75
C SER A 56 -0.17 -3.23 -10.62
N ASN A 57 0.35 -2.50 -11.60
CA ASN A 57 1.36 -3.04 -12.51
C ASN A 57 2.68 -3.28 -11.77
N ILE A 58 2.98 -2.43 -10.80
CA ILE A 58 4.24 -2.49 -10.08
C ILE A 58 4.32 -3.74 -9.20
N LEU A 59 3.20 -4.09 -8.58
CA LEU A 59 3.17 -5.24 -7.68
C LEU A 59 2.65 -6.48 -8.39
N ASN A 60 2.43 -6.35 -9.70
CA ASN A 60 1.89 -7.44 -10.52
C ASN A 60 0.58 -7.96 -9.92
N LEU A 61 -0.27 -7.04 -9.54
CA LEU A 61 -1.58 -7.37 -8.97
C LEU A 61 -2.67 -6.94 -9.93
N SER A 62 -3.91 -7.13 -9.51
CA SER A 62 -5.04 -6.77 -10.33
C SER A 62 -5.54 -5.38 -9.98
N TYR A 63 -5.93 -4.63 -11.01
CA TYR A 63 -6.52 -3.31 -10.83
C TYR A 63 -7.76 -3.41 -9.97
N LYS A 64 -8.51 -4.50 -10.14
CA LYS A 64 -9.71 -4.73 -9.36
C LYS A 64 -9.35 -4.91 -7.89
N GLN A 65 -8.21 -5.55 -7.66
CA GLN A 65 -7.72 -5.75 -6.30
C GLN A 65 -7.24 -4.44 -5.71
N VAL A 66 -6.47 -3.68 -6.47
CA VAL A 66 -5.89 -2.43 -5.95
C VAL A 66 -6.97 -1.38 -5.71
N LYS A 67 -7.93 -1.30 -6.62
CA LYS A 67 -9.02 -0.33 -6.51
C LYS A 67 -9.88 -0.63 -5.28
N THR A 68 -10.20 -1.90 -5.09
CA THR A 68 -11.05 -2.32 -3.98
C THR A 68 -10.29 -2.29 -2.67
N TRP A 69 -9.01 -2.67 -2.70
CA TRP A 69 -8.18 -2.64 -1.51
C TRP A 69 -8.06 -1.20 -1.01
N PHE A 70 -7.86 -0.28 -1.93
CA PHE A 70 -7.76 1.14 -1.60
C PHE A 70 -9.03 1.60 -0.87
N GLN A 71 -10.19 1.21 -1.39
CA GLN A 71 -11.46 1.57 -0.76
C GLN A 71 -11.58 0.97 0.64
N ASN A 72 -11.26 -0.31 0.75
CA ASN A 72 -11.41 -1.05 1.99
C ASN A 72 -10.37 -0.62 3.02
N GLN A 73 -9.21 -0.21 2.55
CA GLN A 73 -8.17 0.27 3.43
C GLN A 73 -8.59 1.60 4.05
N ARG A 74 -9.23 2.43 3.25
CA ARG A 74 -9.73 3.70 3.73
C ARG A 74 -10.96 3.51 4.63
N MET A 75 -11.83 2.58 4.27
CA MET A 75 -13.08 2.40 5.02
C MET A 75 -12.82 1.85 6.42
N LYS A 76 -11.73 1.09 6.59
CA LYS A 76 -11.40 0.55 7.90
C LYS A 76 -10.77 1.61 8.79
N SER A 77 -10.28 2.68 8.17
CA SER A 77 -9.62 3.77 8.90
C SER A 77 -10.62 4.53 9.79
N LYS A 78 -11.90 4.23 9.63
CA LYS A 78 -12.95 4.91 10.37
C LYS A 78 -12.98 4.48 11.84
N ARG A 79 -13.31 3.22 12.08
CA ARG A 79 -13.50 2.73 13.45
C ARG A 79 -13.03 1.30 13.63
N TRP A 80 -13.43 0.44 12.72
CA TRP A 80 -13.26 -1.00 12.90
C TRP A 80 -12.19 -1.58 11.99
N GLN A 81 -11.92 -2.86 12.20
CA GLN A 81 -10.96 -3.61 11.42
C GLN A 81 -11.60 -4.89 10.88
N LYS A 82 -11.47 -5.12 9.58
CA LYS A 82 -12.04 -6.32 8.99
C LYS A 82 -11.02 -7.44 9.00
N ASN A 83 -11.01 -8.20 10.08
CA ASN A 83 -10.12 -9.35 10.21
C ASN A 83 -10.83 -10.59 9.67
N ASN A 84 -12.11 -10.44 9.43
CA ASN A 84 -12.92 -11.51 8.87
C ASN A 84 -13.51 -11.07 7.55
N SER A 1 1.54 7.62 -11.07
CA SER A 1 1.95 9.02 -11.24
C SER A 1 3.47 9.10 -11.36
N LYS A 2 3.93 9.78 -12.41
CA LYS A 2 5.36 9.93 -12.69
C LYS A 2 5.99 8.59 -13.09
N GLN A 3 7.30 8.49 -12.89
CA GLN A 3 8.05 7.28 -13.22
C GLN A 3 8.50 6.59 -11.95
N PRO A 4 7.66 5.69 -11.40
CA PRO A 4 7.90 5.06 -10.10
C PRO A 4 9.20 4.27 -10.04
N THR A 5 10.27 4.95 -9.65
CA THR A 5 11.54 4.30 -9.39
C THR A 5 11.50 3.64 -8.01
N SER A 6 10.59 4.13 -7.17
CA SER A 6 10.43 3.60 -5.83
C SER A 6 9.43 2.45 -5.85
N ALA A 7 9.97 1.24 -5.84
CA ALA A 7 9.18 0.02 -5.79
C ALA A 7 10.00 -1.08 -5.14
N GLU A 8 11.25 -1.15 -5.55
CA GLU A 8 12.20 -2.06 -4.95
C GLU A 8 12.80 -1.42 -3.69
N ASN A 9 12.12 -1.58 -2.57
CA ASN A 9 12.62 -1.05 -1.30
C ASN A 9 13.14 -2.20 -0.45
N SER A 10 14.43 -2.44 -0.52
CA SER A 10 15.05 -3.57 0.16
C SER A 10 15.48 -3.18 1.58
N VAL A 11 14.75 -2.25 2.18
CA VAL A 11 15.11 -1.74 3.49
C VAL A 11 14.01 -1.99 4.50
N ALA A 12 14.42 -2.27 5.74
CA ALA A 12 13.50 -2.42 6.88
C ALA A 12 12.55 -3.60 6.71
N LYS A 13 11.57 -3.67 7.60
CA LYS A 13 10.54 -4.70 7.54
C LYS A 13 9.19 -4.06 7.32
N LYS A 14 8.98 -2.95 8.03
CA LYS A 14 7.84 -2.08 7.81
C LYS A 14 8.34 -0.67 7.60
N GLU A 15 7.41 0.24 7.41
CA GLU A 15 7.71 1.66 7.38
C GLU A 15 8.13 2.11 8.78
N ASP A 16 7.70 1.33 9.77
CA ASP A 16 8.00 1.61 11.16
C ASP A 16 9.05 0.63 11.67
N LYS A 17 9.79 1.05 12.69
CA LYS A 17 10.81 0.21 13.29
C LYS A 17 10.21 -0.64 14.41
N VAL A 18 9.00 -1.13 14.16
CA VAL A 18 8.28 -1.92 15.16
C VAL A 18 7.95 -3.31 14.61
N PRO A 19 8.89 -4.26 14.73
CA PRO A 19 8.69 -5.63 14.26
C PRO A 19 7.94 -6.47 15.28
N VAL A 20 6.61 -6.45 15.18
CA VAL A 20 5.75 -7.20 16.08
C VAL A 20 4.66 -7.90 15.28
N LYS A 21 4.98 -9.09 14.77
CA LYS A 21 4.00 -9.87 14.04
C LYS A 21 4.28 -11.36 14.21
N LYS A 22 3.22 -12.15 14.22
CA LYS A 22 3.33 -13.60 14.14
C LYS A 22 2.09 -14.15 13.44
N GLN A 23 1.70 -13.47 12.39
CA GLN A 23 0.58 -13.92 11.58
C GLN A 23 1.07 -14.79 10.44
N LYS A 24 0.19 -15.64 9.94
CA LYS A 24 0.54 -16.53 8.86
C LYS A 24 -0.29 -16.22 7.63
N THR A 25 -1.61 -16.19 7.81
CA THR A 25 -2.57 -15.94 6.72
C THR A 25 -2.26 -16.81 5.49
N ARG A 26 -2.80 -16.46 4.34
CA ARG A 26 -2.52 -17.18 3.11
C ARG A 26 -1.65 -16.33 2.20
N THR A 27 -1.76 -15.02 2.34
CA THR A 27 -0.91 -14.09 1.62
C THR A 27 -0.38 -13.03 2.57
N VAL A 28 0.88 -12.70 2.42
CA VAL A 28 1.54 -11.79 3.34
C VAL A 28 2.11 -10.59 2.59
N PHE A 29 2.25 -9.49 3.32
CA PHE A 29 2.83 -8.28 2.75
C PHE A 29 4.34 -8.33 2.85
N SER A 30 4.99 -8.07 1.74
CA SER A 30 6.45 -8.05 1.70
C SER A 30 6.95 -6.68 2.16
N SER A 31 8.19 -6.65 2.65
CA SER A 31 8.80 -5.40 3.12
C SER A 31 8.74 -4.34 2.03
N THR A 32 9.00 -4.75 0.80
CA THR A 32 8.97 -3.86 -0.35
C THR A 32 7.56 -3.30 -0.56
N GLN A 33 6.58 -4.19 -0.49
CA GLN A 33 5.19 -3.84 -0.75
C GLN A 33 4.67 -2.83 0.27
N LEU A 34 5.01 -3.03 1.54
CA LEU A 34 4.62 -2.12 2.60
C LEU A 34 5.24 -0.74 2.39
N CYS A 35 6.50 -0.74 1.97
CA CYS A 35 7.21 0.51 1.71
C CYS A 35 6.56 1.26 0.55
N VAL A 36 6.16 0.53 -0.49
CA VAL A 36 5.52 1.16 -1.65
C VAL A 36 4.15 1.73 -1.28
N LEU A 37 3.42 1.02 -0.42
CA LEU A 37 2.13 1.50 0.05
C LEU A 37 2.30 2.80 0.85
N ASN A 38 3.31 2.81 1.71
CA ASN A 38 3.63 4.01 2.49
C ASN A 38 4.15 5.11 1.57
N ASP A 39 4.91 4.70 0.56
CA ASP A 39 5.52 5.61 -0.41
C ASP A 39 4.45 6.52 -1.03
N ARG A 40 3.33 5.92 -1.38
CA ARG A 40 2.22 6.64 -1.98
C ARG A 40 1.45 7.45 -0.94
N PHE A 41 1.03 6.80 0.13
CA PHE A 41 0.16 7.41 1.13
C PHE A 41 0.87 8.51 1.93
N GLN A 42 2.19 8.47 1.97
CA GLN A 42 2.95 9.46 2.71
C GLN A 42 3.03 10.77 1.92
N ARG A 43 3.27 10.67 0.62
CA ARG A 43 3.49 11.85 -0.21
C ARG A 43 2.23 12.22 -1.00
N GLN A 44 1.24 11.34 -0.96
CA GLN A 44 -0.04 11.57 -1.60
C GLN A 44 -1.14 11.18 -0.62
N LYS A 45 -2.17 12.00 -0.52
CA LYS A 45 -3.23 11.78 0.47
C LYS A 45 -3.98 10.48 0.18
N TYR A 46 -4.20 10.19 -1.10
CA TYR A 46 -4.91 8.99 -1.50
C TYR A 46 -4.44 8.53 -2.88
N LEU A 47 -4.78 7.31 -3.22
CA LEU A 47 -4.46 6.77 -4.54
C LEU A 47 -5.44 7.29 -5.57
N SER A 48 -4.92 7.94 -6.59
CA SER A 48 -5.73 8.45 -7.67
C SER A 48 -6.12 7.30 -8.58
N LEU A 49 -6.97 7.60 -9.55
CA LEU A 49 -7.44 6.60 -10.49
C LEU A 49 -6.28 6.12 -11.36
N GLN A 50 -5.43 7.06 -11.74
CA GLN A 50 -4.24 6.75 -12.51
C GLN A 50 -3.26 5.95 -11.65
N GLN A 51 -3.23 6.24 -10.36
CA GLN A 51 -2.28 5.60 -9.46
C GLN A 51 -2.67 4.16 -9.14
N MET A 52 -3.95 3.93 -8.86
CA MET A 52 -4.41 2.59 -8.48
C MET A 52 -4.18 1.58 -9.61
N GLN A 53 -4.34 2.01 -10.86
CA GLN A 53 -4.09 1.12 -12.00
C GLN A 53 -2.59 0.92 -12.19
N GLU A 54 -1.84 1.98 -11.93
CA GLU A 54 -0.38 1.93 -12.00
C GLU A 54 0.17 0.94 -10.99
N LEU A 55 -0.26 1.08 -9.74
CA LEU A 55 0.21 0.26 -8.65
C LEU A 55 -0.05 -1.22 -8.91
N SER A 56 -1.23 -1.52 -9.42
CA SER A 56 -1.57 -2.90 -9.73
C SER A 56 -0.66 -3.48 -10.80
N ASN A 57 -0.31 -2.67 -11.78
CA ASN A 57 0.54 -3.13 -12.88
C ASN A 57 1.95 -3.42 -12.38
N ILE A 58 2.44 -2.60 -11.46
CA ILE A 58 3.79 -2.73 -10.95
C ILE A 58 3.90 -3.91 -9.99
N LEU A 59 2.94 -4.00 -9.07
CA LEU A 59 2.97 -5.04 -8.04
C LEU A 59 2.48 -6.38 -8.57
N ASN A 60 2.23 -6.44 -9.88
CA ASN A 60 1.76 -7.66 -10.53
C ASN A 60 0.42 -8.10 -9.93
N LEU A 61 -0.39 -7.14 -9.55
CA LEU A 61 -1.67 -7.41 -8.94
C LEU A 61 -2.79 -6.97 -9.89
N SER A 62 -4.01 -7.22 -9.49
CA SER A 62 -5.17 -6.84 -10.28
C SER A 62 -5.68 -5.47 -9.85
N TYR A 63 -6.16 -4.71 -10.81
CA TYR A 63 -6.76 -3.40 -10.57
C TYR A 63 -7.92 -3.54 -9.59
N LYS A 64 -8.66 -4.64 -9.70
CA LYS A 64 -9.79 -4.91 -8.83
C LYS A 64 -9.30 -5.09 -7.40
N GLN A 65 -8.16 -5.75 -7.26
CA GLN A 65 -7.57 -6.01 -5.96
C GLN A 65 -7.08 -4.70 -5.35
N VAL A 66 -6.41 -3.89 -6.14
CA VAL A 66 -5.86 -2.61 -5.65
C VAL A 66 -6.99 -1.63 -5.33
N LYS A 67 -7.97 -1.56 -6.21
CA LYS A 67 -9.10 -0.65 -6.04
C LYS A 67 -9.87 -0.99 -4.77
N THR A 68 -10.08 -2.29 -4.55
CA THR A 68 -10.80 -2.76 -3.38
C THR A 68 -9.97 -2.58 -2.10
N TRP A 69 -8.67 -2.85 -2.20
CA TRP A 69 -7.78 -2.67 -1.06
C TRP A 69 -7.78 -1.21 -0.63
N PHE A 70 -7.75 -0.31 -1.61
CA PHE A 70 -7.81 1.12 -1.34
C PHE A 70 -9.08 1.47 -0.59
N GLN A 71 -10.21 0.96 -1.06
CA GLN A 71 -11.49 1.20 -0.41
C GLN A 71 -11.50 0.63 1.02
N ASN A 72 -10.92 -0.54 1.16
CA ASN A 72 -10.85 -1.23 2.44
C ASN A 72 -9.96 -0.47 3.43
N GLN A 73 -8.81 -0.03 2.94
CA GLN A 73 -7.88 0.75 3.76
C GLN A 73 -8.52 2.08 4.13
N ARG A 74 -9.27 2.63 3.18
CA ARG A 74 -9.92 3.91 3.37
C ARG A 74 -11.08 3.79 4.36
N MET A 75 -11.92 2.78 4.17
CA MET A 75 -13.13 2.66 4.97
C MET A 75 -12.81 2.37 6.44
N LYS A 76 -11.67 1.74 6.70
CA LYS A 76 -11.27 1.41 8.06
C LYS A 76 -11.08 2.66 8.92
N SER A 77 -10.85 3.80 8.30
CA SER A 77 -10.63 5.04 9.06
C SER A 77 -11.91 5.46 9.78
N LYS A 78 -13.05 5.23 9.14
CA LYS A 78 -14.34 5.59 9.69
C LYS A 78 -14.98 4.39 10.40
N ARG A 79 -14.74 3.21 9.87
CA ARG A 79 -15.33 2.00 10.41
C ARG A 79 -14.66 1.61 11.73
N TRP A 80 -13.34 1.68 11.77
CA TRP A 80 -12.60 1.31 12.95
C TRP A 80 -12.30 2.53 13.80
N GLN A 81 -12.65 2.44 15.08
CA GLN A 81 -12.41 3.53 16.01
C GLN A 81 -11.02 3.42 16.62
N LYS A 82 -10.25 2.46 16.11
CA LYS A 82 -8.86 2.29 16.50
C LYS A 82 -7.97 3.05 15.53
N ASN A 83 -7.81 4.34 15.78
CA ASN A 83 -7.03 5.20 14.89
C ASN A 83 -5.66 5.44 15.47
N ASN A 84 -5.59 5.48 16.79
CA ASN A 84 -4.34 5.66 17.53
C ASN A 84 -3.66 6.97 17.15
N SER A 1 -4.14 13.89 -11.82
CA SER A 1 -3.43 13.29 -10.68
C SER A 1 -1.96 13.66 -10.70
N LYS A 2 -1.38 13.78 -11.90
CA LYS A 2 0.01 14.18 -12.07
C LYS A 2 0.97 13.08 -11.55
N GLN A 3 0.42 11.88 -11.34
CA GLN A 3 1.15 10.77 -10.74
C GLN A 3 1.57 11.11 -9.30
N PRO A 4 1.81 10.09 -8.46
CA PRO A 4 2.17 10.29 -7.04
C PRO A 4 3.58 10.85 -6.86
N THR A 5 4.31 10.98 -7.96
CA THR A 5 5.66 11.50 -7.91
C THR A 5 5.66 13.04 -7.97
N SER A 6 6.26 13.65 -6.95
CA SER A 6 6.32 15.12 -6.86
C SER A 6 4.93 15.74 -6.86
N ALA A 7 3.96 15.02 -6.32
CA ALA A 7 2.61 15.54 -6.15
C ALA A 7 2.21 15.47 -4.69
N GLU A 8 3.20 15.20 -3.84
CA GLU A 8 2.98 15.08 -2.41
C GLU A 8 2.61 16.42 -1.80
N ASN A 9 1.48 16.47 -1.12
CA ASN A 9 0.99 17.70 -0.53
C ASN A 9 0.26 17.46 0.79
N SER A 10 0.29 16.22 1.26
CA SER A 10 -0.42 15.86 2.47
C SER A 10 0.18 14.64 3.14
N VAL A 11 0.71 14.82 4.34
CA VAL A 11 1.18 13.71 5.13
C VAL A 11 0.00 13.02 5.82
N ALA A 12 -0.60 12.07 5.12
CA ALA A 12 -1.79 11.38 5.63
C ALA A 12 -1.42 10.40 6.72
N LYS A 13 -0.14 10.08 6.83
CA LYS A 13 0.38 9.18 7.86
C LYS A 13 -0.38 7.85 7.82
N LYS A 14 -0.09 7.06 6.80
CA LYS A 14 -0.72 5.76 6.62
C LYS A 14 0.35 4.72 6.35
N GLU A 15 0.17 3.52 6.91
CA GLU A 15 1.16 2.45 6.78
C GLU A 15 2.43 2.77 7.55
N ASP A 16 2.32 3.71 8.48
CA ASP A 16 3.45 4.16 9.28
C ASP A 16 3.79 3.14 10.36
N LYS A 17 2.98 2.09 10.43
CA LYS A 17 3.26 0.91 11.25
C LYS A 17 3.18 1.19 12.76
N VAL A 18 2.02 0.93 13.34
CA VAL A 18 1.86 0.98 14.80
C VAL A 18 1.26 -0.33 15.29
N PRO A 19 2.06 -1.41 15.30
CA PRO A 19 1.60 -2.73 15.68
C PRO A 19 1.93 -3.09 17.12
N VAL A 20 0.93 -3.01 17.99
CA VAL A 20 1.12 -3.34 19.39
C VAL A 20 0.08 -4.36 19.84
N LYS A 21 0.26 -5.60 19.41
CA LYS A 21 -0.61 -6.70 19.81
C LYS A 21 0.14 -8.03 19.78
N LYS A 22 0.15 -8.66 18.60
CA LYS A 22 0.77 -9.96 18.37
C LYS A 22 0.95 -10.14 16.88
N GLN A 23 2.03 -10.79 16.49
CA GLN A 23 2.30 -11.04 15.08
C GLN A 23 1.48 -12.23 14.56
N LYS A 24 0.23 -12.34 15.03
CA LYS A 24 -0.64 -13.44 14.64
C LYS A 24 -1.24 -13.18 13.26
N THR A 25 -0.76 -13.93 12.28
CA THR A 25 -1.26 -13.83 10.92
C THR A 25 -0.87 -15.07 10.13
N ARG A 26 -1.48 -15.25 8.97
CA ARG A 26 -1.14 -16.37 8.11
C ARG A 26 -0.53 -15.87 6.80
N THR A 27 -1.25 -15.01 6.12
CA THR A 27 -0.72 -14.39 4.92
C THR A 27 0.15 -13.20 5.29
N VAL A 28 0.98 -12.78 4.36
CA VAL A 28 1.93 -11.70 4.61
C VAL A 28 2.12 -10.85 3.36
N PHE A 29 2.72 -9.68 3.53
CA PHE A 29 3.04 -8.80 2.42
C PHE A 29 4.54 -8.77 2.23
N SER A 30 4.96 -8.39 1.03
CA SER A 30 6.38 -8.31 0.74
C SER A 30 6.89 -6.92 1.12
N SER A 31 8.19 -6.83 1.39
CA SER A 31 8.81 -5.57 1.77
C SER A 31 8.56 -4.50 0.72
N THR A 32 8.63 -4.90 -0.55
CA THR A 32 8.39 -3.99 -1.66
C THR A 32 6.99 -3.39 -1.58
N GLN A 33 6.01 -4.25 -1.37
CA GLN A 33 4.61 -3.81 -1.26
C GLN A 33 4.45 -2.79 -0.15
N LEU A 34 5.02 -3.11 1.01
CA LEU A 34 4.92 -2.24 2.17
C LEU A 34 5.64 -0.90 1.92
N CYS A 35 6.68 -0.92 1.09
CA CYS A 35 7.41 0.31 0.77
C CYS A 35 6.61 1.19 -0.18
N VAL A 36 6.06 0.59 -1.23
CA VAL A 36 5.31 1.35 -2.24
C VAL A 36 4.04 1.96 -1.63
N LEU A 37 3.36 1.19 -0.78
CA LEU A 37 2.17 1.69 -0.09
C LEU A 37 2.55 2.86 0.82
N ASN A 38 3.65 2.68 1.55
CA ASN A 38 4.14 3.70 2.49
C ASN A 38 4.48 4.99 1.74
N ASP A 39 5.14 4.83 0.61
CA ASP A 39 5.59 5.96 -0.19
C ASP A 39 4.41 6.81 -0.66
N ARG A 40 3.37 6.14 -1.13
CA ARG A 40 2.23 6.82 -1.70
C ARG A 40 1.32 7.40 -0.61
N PHE A 41 0.95 6.57 0.34
CA PHE A 41 -0.06 6.93 1.33
C PHE A 41 0.43 7.94 2.36
N GLN A 42 1.73 8.08 2.54
CA GLN A 42 2.23 9.07 3.49
C GLN A 42 2.56 10.39 2.81
N ARG A 43 2.53 10.42 1.48
CA ARG A 43 2.79 11.64 0.74
C ARG A 43 1.51 12.16 0.09
N GLN A 44 0.57 11.27 -0.17
CA GLN A 44 -0.72 11.65 -0.74
C GLN A 44 -1.81 11.42 0.28
N LYS A 45 -3.01 11.91 -0.01
CA LYS A 45 -4.15 11.67 0.86
C LYS A 45 -4.74 10.27 0.58
N TYR A 46 -4.90 9.98 -0.70
CA TYR A 46 -5.40 8.70 -1.16
C TYR A 46 -4.88 8.46 -2.57
N LEU A 47 -5.22 7.34 -3.16
CA LEU A 47 -4.82 7.06 -4.52
C LEU A 47 -5.97 7.24 -5.49
N SER A 48 -5.68 7.89 -6.61
CA SER A 48 -6.67 8.09 -7.63
C SER A 48 -6.70 6.90 -8.58
N LEU A 49 -7.53 6.99 -9.60
CA LEU A 49 -7.73 5.91 -10.54
C LEU A 49 -6.43 5.57 -11.26
N GLN A 50 -5.62 6.59 -11.53
CA GLN A 50 -4.36 6.40 -12.21
C GLN A 50 -3.34 5.78 -11.27
N GLN A 51 -3.40 6.17 -10.01
CA GLN A 51 -2.43 5.72 -9.03
C GLN A 51 -2.70 4.29 -8.58
N MET A 52 -3.96 3.88 -8.57
CA MET A 52 -4.30 2.51 -8.18
C MET A 52 -3.92 1.51 -9.29
N GLN A 53 -4.06 1.92 -10.55
CA GLN A 53 -3.62 1.08 -11.66
C GLN A 53 -2.10 1.06 -11.76
N GLU A 54 -1.48 2.17 -11.37
CA GLU A 54 -0.04 2.24 -11.24
C GLU A 54 0.43 1.25 -10.17
N LEU A 55 -0.23 1.33 -9.01
CA LEU A 55 0.08 0.50 -7.86
C LEU A 55 0.10 -0.98 -8.25
N SER A 56 -0.95 -1.42 -8.91
CA SER A 56 -1.08 -2.82 -9.32
C SER A 56 0.06 -3.23 -10.25
N ASN A 57 0.45 -2.31 -11.13
CA ASN A 57 1.51 -2.57 -12.10
C ASN A 57 2.86 -2.77 -11.40
N ILE A 58 3.11 -2.01 -10.34
CA ILE A 58 4.39 -2.05 -9.64
C ILE A 58 4.54 -3.33 -8.84
N LEU A 59 3.49 -3.72 -8.13
CA LEU A 59 3.56 -4.83 -7.21
C LEU A 59 3.11 -6.14 -7.85
N ASN A 60 2.89 -6.10 -9.16
CA ASN A 60 2.43 -7.27 -9.92
C ASN A 60 1.13 -7.80 -9.31
N LEU A 61 0.17 -6.90 -9.17
CA LEU A 61 -1.12 -7.24 -8.60
C LEU A 61 -2.22 -6.84 -9.57
N SER A 62 -3.44 -7.17 -9.23
CA SER A 62 -4.57 -6.86 -10.06
C SER A 62 -5.19 -5.54 -9.64
N TYR A 63 -5.71 -4.81 -10.62
CA TYR A 63 -6.36 -3.52 -10.39
C TYR A 63 -7.49 -3.66 -9.38
N LYS A 64 -8.23 -4.76 -9.50
CA LYS A 64 -9.35 -5.01 -8.61
C LYS A 64 -8.86 -5.24 -7.20
N GLN A 65 -7.71 -5.91 -7.09
CA GLN A 65 -7.10 -6.17 -5.80
C GLN A 65 -6.67 -4.87 -5.15
N VAL A 66 -6.08 -3.98 -5.94
CA VAL A 66 -5.59 -2.70 -5.43
C VAL A 66 -6.77 -1.79 -5.09
N LYS A 67 -7.76 -1.78 -5.96
CA LYS A 67 -8.94 -0.95 -5.78
C LYS A 67 -9.70 -1.38 -4.52
N THR A 68 -9.74 -2.68 -4.29
CA THR A 68 -10.40 -3.24 -3.12
C THR A 68 -9.68 -2.83 -1.84
N TRP A 69 -8.35 -2.90 -1.87
CA TRP A 69 -7.55 -2.52 -0.71
C TRP A 69 -7.75 -1.04 -0.41
N PHE A 70 -7.73 -0.22 -1.45
CA PHE A 70 -7.95 1.21 -1.33
C PHE A 70 -9.31 1.49 -0.66
N GLN A 71 -10.35 0.84 -1.16
CA GLN A 71 -11.70 1.04 -0.62
C GLN A 71 -11.77 0.60 0.84
N ASN A 72 -11.11 -0.51 1.13
CA ASN A 72 -11.07 -1.06 2.49
C ASN A 72 -10.33 -0.14 3.44
N GLN A 73 -9.16 0.32 3.00
CA GLN A 73 -8.34 1.23 3.79
C GLN A 73 -9.09 2.52 4.06
N ARG A 74 -9.78 3.02 3.04
CA ARG A 74 -10.56 4.24 3.18
C ARG A 74 -11.76 4.02 4.10
N MET A 75 -12.36 2.84 4.02
CA MET A 75 -13.51 2.52 4.88
C MET A 75 -13.07 2.34 6.34
N LYS A 76 -11.92 1.70 6.54
CA LYS A 76 -11.39 1.48 7.88
C LYS A 76 -10.94 2.79 8.52
N SER A 77 -10.60 3.77 7.71
CA SER A 77 -10.18 5.06 8.22
C SER A 77 -11.36 5.81 8.84
N LYS A 78 -12.57 5.51 8.37
CA LYS A 78 -13.76 6.16 8.88
C LYS A 78 -14.40 5.31 9.98
N ARG A 79 -14.86 4.11 9.63
CA ARG A 79 -15.46 3.21 10.60
C ARG A 79 -15.06 1.76 10.32
N TRP A 80 -15.65 1.17 9.29
CA TRP A 80 -15.34 -0.20 8.92
C TRP A 80 -15.68 -0.44 7.46
N GLN A 81 -15.34 -1.60 6.96
CA GLN A 81 -15.58 -1.95 5.57
C GLN A 81 -16.98 -2.53 5.38
N LYS A 82 -17.70 -1.99 4.40
CA LYS A 82 -19.04 -2.47 4.11
C LYS A 82 -19.24 -2.59 2.61
N ASN A 83 -19.38 -3.83 2.13
CA ASN A 83 -19.76 -4.07 0.76
C ASN A 83 -21.20 -4.59 0.70
N ASN A 84 -21.46 -5.64 1.47
CA ASN A 84 -22.81 -6.17 1.60
C ASN A 84 -23.16 -6.26 3.07
N SER A 1 1.60 8.19 -12.05
CA SER A 1 0.57 8.50 -13.05
C SER A 1 1.19 8.63 -14.45
N LYS A 2 2.34 7.99 -14.63
CA LYS A 2 3.09 8.10 -15.89
C LYS A 2 4.31 7.20 -15.85
N GLN A 3 5.16 7.39 -14.85
CA GLN A 3 6.43 6.68 -14.77
C GLN A 3 7.00 6.70 -13.35
N PRO A 4 6.50 5.80 -12.49
CA PRO A 4 6.99 5.68 -11.12
C PRO A 4 8.18 4.73 -11.03
N THR A 5 9.28 5.10 -11.70
CA THR A 5 10.48 4.28 -11.71
C THR A 5 10.97 4.01 -10.30
N SER A 6 10.87 5.04 -9.47
CA SER A 6 11.15 4.94 -8.03
C SER A 6 12.60 4.53 -7.76
N ALA A 7 13.46 5.52 -7.61
CA ALA A 7 14.85 5.27 -7.24
C ALA A 7 14.93 4.87 -5.78
N GLU A 8 15.91 4.04 -5.44
CA GLU A 8 16.11 3.60 -4.07
C GLU A 8 16.62 4.75 -3.20
N ASN A 9 15.70 5.61 -2.79
CA ASN A 9 16.02 6.72 -1.91
C ASN A 9 16.12 6.23 -0.47
N SER A 10 17.36 6.03 -0.01
CA SER A 10 17.62 5.49 1.31
C SER A 10 17.03 4.09 1.48
N VAL A 11 16.90 3.39 0.34
CA VAL A 11 16.37 2.01 0.27
C VAL A 11 15.10 1.80 1.11
N ALA A 12 14.77 0.55 1.37
CA ALA A 12 13.62 0.21 2.19
C ALA A 12 13.99 0.30 3.66
N LYS A 13 13.10 0.91 4.44
CA LYS A 13 13.34 1.11 5.86
C LYS A 13 12.26 0.44 6.70
N LYS A 14 11.52 -0.48 6.06
CA LYS A 14 10.44 -1.22 6.71
C LYS A 14 9.24 -0.32 7.03
N GLU A 15 8.12 -0.94 7.31
CA GLU A 15 6.91 -0.22 7.69
C GLU A 15 7.02 0.21 9.14
N ASP A 16 7.20 -0.76 10.02
CA ASP A 16 7.41 -0.54 11.44
C ASP A 16 7.85 -1.82 12.10
N LYS A 17 8.56 -1.70 13.23
CA LYS A 17 9.12 -2.86 13.94
C LYS A 17 10.18 -3.55 13.08
N VAL A 18 10.64 -4.70 13.53
CA VAL A 18 11.52 -5.53 12.73
C VAL A 18 10.89 -6.91 12.56
N PRO A 19 9.99 -7.06 11.57
CA PRO A 19 9.24 -8.29 11.35
C PRO A 19 10.02 -9.33 10.55
N VAL A 20 10.54 -10.33 11.26
CA VAL A 20 11.29 -11.39 10.63
C VAL A 20 10.82 -12.75 11.14
N LYS A 21 9.68 -13.21 10.63
CA LYS A 21 9.18 -14.52 11.02
C LYS A 21 9.14 -15.45 9.81
N LYS A 22 9.25 -14.85 8.62
CA LYS A 22 9.35 -15.58 7.34
C LYS A 22 8.04 -16.26 6.93
N GLN A 23 7.30 -16.78 7.90
CA GLN A 23 6.04 -17.47 7.62
C GLN A 23 4.98 -16.51 7.11
N LYS A 24 4.37 -16.85 5.97
CA LYS A 24 3.28 -16.07 5.43
C LYS A 24 1.95 -16.64 5.90
N THR A 25 1.00 -15.77 6.19
CA THR A 25 -0.32 -16.19 6.61
C THR A 25 -1.02 -16.99 5.51
N ARG A 26 -1.09 -16.40 4.33
CA ARG A 26 -1.65 -17.05 3.15
C ARG A 26 -1.46 -16.15 1.95
N THR A 27 -2.31 -15.14 1.84
CA THR A 27 -2.10 -14.08 0.87
C THR A 27 -1.93 -12.76 1.59
N VAL A 28 -0.94 -12.01 1.19
CA VAL A 28 -0.54 -10.79 1.89
C VAL A 28 0.19 -9.85 0.95
N PHE A 29 0.56 -8.70 1.47
CA PHE A 29 1.43 -7.78 0.76
C PHE A 29 2.79 -7.79 1.43
N SER A 30 3.84 -7.91 0.64
CA SER A 30 5.19 -8.00 1.17
C SER A 30 5.64 -6.64 1.68
N SER A 31 6.57 -6.62 2.63
CA SER A 31 7.08 -5.37 3.21
C SER A 31 7.64 -4.46 2.11
N THR A 32 8.26 -5.07 1.10
CA THR A 32 8.76 -4.33 -0.04
C THR A 32 7.62 -3.52 -0.68
N GLN A 33 6.49 -4.19 -0.86
CA GLN A 33 5.32 -3.57 -1.46
C GLN A 33 4.72 -2.56 -0.50
N LEU A 34 4.61 -2.97 0.76
CA LEU A 34 4.08 -2.11 1.82
C LEU A 34 4.90 -0.83 1.96
N CYS A 35 6.22 -0.95 1.92
CA CYS A 35 7.09 0.22 1.98
C CYS A 35 6.76 1.20 0.87
N VAL A 36 6.56 0.69 -0.35
CA VAL A 36 6.23 1.53 -1.49
C VAL A 36 4.85 2.18 -1.32
N LEU A 37 3.87 1.40 -0.87
CA LEU A 37 2.52 1.90 -0.65
C LEU A 37 2.50 2.96 0.44
N ASN A 38 3.18 2.66 1.55
CA ASN A 38 3.25 3.58 2.68
C ASN A 38 4.05 4.83 2.30
N ASP A 39 5.04 4.65 1.44
CA ASP A 39 5.81 5.77 0.90
C ASP A 39 4.89 6.75 0.19
N ARG A 40 3.96 6.20 -0.60
CA ARG A 40 3.00 7.01 -1.34
C ARG A 40 2.05 7.73 -0.39
N PHE A 41 1.51 6.99 0.58
CA PHE A 41 0.58 7.57 1.55
C PHE A 41 1.23 8.69 2.36
N GLN A 42 2.56 8.68 2.44
CA GLN A 42 3.29 9.73 3.14
C GLN A 42 3.42 10.99 2.28
N ARG A 43 3.43 10.84 0.97
CA ARG A 43 3.63 11.97 0.07
C ARG A 43 2.31 12.42 -0.56
N GLN A 44 1.30 11.57 -0.49
CA GLN A 44 -0.02 11.91 -0.98
C GLN A 44 -1.08 11.20 -0.13
N LYS A 45 -2.19 11.89 0.09
CA LYS A 45 -3.24 11.36 0.97
C LYS A 45 -3.87 10.08 0.39
N TYR A 46 -4.23 10.10 -0.89
CA TYR A 46 -4.87 8.95 -1.53
C TYR A 46 -4.42 8.81 -2.97
N LEU A 47 -4.77 7.69 -3.59
CA LEU A 47 -4.41 7.41 -4.97
C LEU A 47 -5.55 7.80 -5.90
N SER A 48 -5.22 8.19 -7.12
CA SER A 48 -6.21 8.56 -8.11
C SER A 48 -6.61 7.36 -8.94
N LEU A 49 -7.51 7.59 -9.89
CA LEU A 49 -7.98 6.54 -10.78
C LEU A 49 -6.83 6.04 -11.64
N GLN A 50 -5.99 6.95 -12.08
CA GLN A 50 -4.87 6.60 -12.94
C GLN A 50 -3.77 5.91 -12.14
N GLN A 51 -3.67 6.24 -10.87
CA GLN A 51 -2.64 5.67 -10.01
C GLN A 51 -2.98 4.24 -9.61
N MET A 52 -4.24 3.97 -9.29
CA MET A 52 -4.63 2.62 -8.90
C MET A 52 -4.40 1.61 -10.03
N GLN A 53 -4.62 2.03 -11.27
CA GLN A 53 -4.33 1.16 -12.41
C GLN A 53 -2.82 1.06 -12.63
N GLU A 54 -2.11 2.14 -12.34
CA GLU A 54 -0.66 2.19 -12.47
C GLU A 54 -0.01 1.23 -11.49
N LEU A 55 -0.35 1.38 -10.21
CA LEU A 55 0.21 0.55 -9.16
C LEU A 55 -0.10 -0.92 -9.39
N SER A 56 -1.28 -1.18 -9.94
CA SER A 56 -1.67 -2.53 -10.32
C SER A 56 -0.67 -3.13 -11.30
N ASN A 57 -0.23 -2.34 -12.26
CA ASN A 57 0.76 -2.80 -13.23
C ASN A 57 2.12 -2.97 -12.59
N ILE A 58 2.46 -2.08 -11.66
CA ILE A 58 3.78 -2.07 -11.04
C ILE A 58 3.99 -3.31 -10.18
N LEU A 59 2.96 -3.71 -9.45
CA LEU A 59 3.07 -4.87 -8.58
C LEU A 59 2.62 -6.13 -9.30
N ASN A 60 2.24 -5.96 -10.57
CA ASN A 60 1.72 -7.06 -11.40
C ASN A 60 0.55 -7.73 -10.68
N LEU A 61 -0.27 -6.90 -10.05
CA LEU A 61 -1.46 -7.37 -9.36
C LEU A 61 -2.68 -6.96 -10.15
N SER A 62 -3.84 -7.35 -9.67
CA SER A 62 -5.08 -7.02 -10.34
C SER A 62 -5.60 -5.67 -9.85
N TYR A 63 -6.26 -4.95 -10.74
CA TYR A 63 -6.90 -3.69 -10.40
C TYR A 63 -7.93 -3.91 -9.30
N LYS A 64 -8.54 -5.10 -9.33
CA LYS A 64 -9.52 -5.47 -8.32
C LYS A 64 -8.84 -5.55 -6.96
N GLN A 65 -7.60 -6.00 -6.97
CA GLN A 65 -6.82 -6.11 -5.75
C GLN A 65 -6.42 -4.74 -5.24
N VAL A 66 -5.96 -3.88 -6.15
CA VAL A 66 -5.47 -2.56 -5.76
C VAL A 66 -6.62 -1.64 -5.35
N LYS A 67 -7.74 -1.73 -6.06
CA LYS A 67 -8.90 -0.89 -5.77
C LYS A 67 -9.53 -1.29 -4.44
N THR A 68 -9.71 -2.59 -4.25
CA THR A 68 -10.37 -3.11 -3.06
C THR A 68 -9.54 -2.85 -1.80
N TRP A 69 -8.22 -2.94 -1.94
CA TRP A 69 -7.33 -2.65 -0.81
C TRP A 69 -7.53 -1.21 -0.35
N PHE A 70 -7.45 -0.29 -1.31
CA PHE A 70 -7.69 1.12 -1.04
C PHE A 70 -9.08 1.32 -0.43
N GLN A 71 -10.07 0.64 -1.01
CA GLN A 71 -11.46 0.75 -0.57
C GLN A 71 -11.61 0.38 0.91
N ASN A 72 -11.03 -0.74 1.29
CA ASN A 72 -11.15 -1.28 2.64
C ASN A 72 -10.33 -0.48 3.62
N GLN A 73 -9.15 -0.03 3.19
CA GLN A 73 -8.30 0.79 4.04
C GLN A 73 -9.01 2.07 4.43
N ARG A 74 -9.72 2.68 3.49
CA ARG A 74 -10.51 3.87 3.79
C ARG A 74 -11.67 3.52 4.71
N MET A 75 -12.30 2.37 4.47
CA MET A 75 -13.44 1.97 5.29
C MET A 75 -13.01 1.67 6.72
N LYS A 76 -11.83 1.12 6.88
CA LYS A 76 -11.25 0.88 8.21
C LYS A 76 -10.95 2.21 8.91
N SER A 77 -10.54 3.20 8.12
CA SER A 77 -10.14 4.48 8.67
C SER A 77 -11.35 5.33 9.07
N LYS A 78 -12.41 5.26 8.26
CA LYS A 78 -13.59 6.08 8.52
C LYS A 78 -14.46 5.47 9.63
N ARG A 79 -14.45 4.16 9.73
CA ARG A 79 -15.35 3.46 10.64
C ARG A 79 -14.62 2.83 11.82
N TRP A 80 -13.47 3.41 12.18
CA TRP A 80 -12.75 2.93 13.33
C TRP A 80 -13.43 3.47 14.60
N GLN A 81 -14.33 2.66 15.13
CA GLN A 81 -15.12 3.01 16.32
C GLN A 81 -15.67 1.72 16.91
N LYS A 82 -16.17 1.76 18.13
CA LYS A 82 -16.79 0.59 18.72
C LYS A 82 -18.23 0.87 19.14
N ASN A 83 -19.08 1.03 18.14
CA ASN A 83 -20.53 1.16 18.35
C ASN A 83 -21.22 1.18 17.00
N ASN A 84 -22.30 0.43 16.88
CA ASN A 84 -23.02 0.34 15.62
C ASN A 84 -23.88 1.57 15.40
N SER A 1 1.44 10.28 -12.70
CA SER A 1 1.69 8.84 -12.56
C SER A 1 2.13 8.23 -13.88
N LYS A 2 3.44 8.02 -14.02
CA LYS A 2 4.03 7.45 -15.23
C LYS A 2 5.31 6.68 -14.92
N GLN A 3 6.35 7.42 -14.60
CA GLN A 3 7.66 6.84 -14.35
C GLN A 3 8.14 7.11 -12.93
N PRO A 4 7.70 6.30 -11.96
CA PRO A 4 8.13 6.44 -10.57
C PRO A 4 9.54 5.93 -10.36
N THR A 5 9.85 4.81 -10.99
CA THR A 5 11.15 4.19 -10.86
C THR A 5 12.03 4.53 -12.07
N SER A 6 12.77 5.62 -11.95
CA SER A 6 13.73 6.00 -12.99
C SER A 6 15.01 6.50 -12.33
N ALA A 7 15.15 6.18 -11.05
CA ALA A 7 16.30 6.61 -10.27
C ALA A 7 16.77 5.48 -9.39
N GLU A 8 18.08 5.39 -9.19
CA GLU A 8 18.66 4.32 -8.40
C GLU A 8 18.86 4.76 -6.97
N ASN A 9 17.92 4.41 -6.11
CA ASN A 9 18.00 4.75 -4.70
C ASN A 9 18.68 3.64 -3.91
N SER A 10 19.82 3.99 -3.31
CA SER A 10 20.54 3.06 -2.46
C SER A 10 20.11 3.24 -1.01
N VAL A 11 20.60 2.36 -0.14
CA VAL A 11 20.24 2.37 1.27
C VAL A 11 18.74 2.19 1.42
N ALA A 12 18.28 0.98 1.16
CA ALA A 12 16.87 0.66 1.24
C ALA A 12 16.47 0.46 2.69
N LYS A 13 15.92 1.50 3.30
CA LYS A 13 15.48 1.43 4.68
C LYS A 13 14.24 0.55 4.76
N LYS A 14 14.35 -0.54 5.52
CA LYS A 14 13.26 -1.47 5.68
C LYS A 14 12.24 -0.94 6.67
N GLU A 15 10.99 -1.34 6.50
CA GLU A 15 9.94 -0.94 7.43
C GLU A 15 10.17 -1.59 8.79
N ASP A 16 10.28 -0.77 9.81
CA ASP A 16 10.50 -1.27 11.16
C ASP A 16 9.19 -1.62 11.84
N LYS A 17 8.13 -1.80 11.06
CA LYS A 17 6.85 -2.21 11.60
C LYS A 17 6.89 -3.70 11.94
N VAL A 18 6.96 -3.98 13.24
CA VAL A 18 7.13 -5.34 13.71
C VAL A 18 6.08 -5.68 14.78
N PRO A 19 4.93 -6.20 14.34
CA PRO A 19 3.78 -6.48 15.22
C PRO A 19 4.07 -7.59 16.24
N VAL A 20 4.64 -7.19 17.37
CA VAL A 20 5.03 -8.11 18.43
C VAL A 20 5.99 -9.17 17.90
N LYS A 21 7.22 -8.74 17.63
CA LYS A 21 8.25 -9.59 17.06
C LYS A 21 7.86 -10.03 15.64
N LYS A 22 8.66 -10.90 15.04
CA LYS A 22 8.45 -11.28 13.64
C LYS A 22 7.13 -12.02 13.45
N GLN A 23 6.56 -12.52 14.55
CA GLN A 23 5.24 -13.15 14.55
C GLN A 23 5.24 -14.43 13.69
N LYS A 24 4.07 -15.04 13.56
CA LYS A 24 3.92 -16.21 12.71
C LYS A 24 2.79 -15.98 11.70
N THR A 25 3.18 -15.55 10.52
CA THR A 25 2.22 -15.26 9.46
C THR A 25 2.19 -16.40 8.44
N ARG A 26 1.14 -16.44 7.63
CA ARG A 26 0.98 -17.48 6.62
C ARG A 26 1.89 -17.17 5.44
N THR A 27 1.68 -15.99 4.87
CA THR A 27 2.55 -15.43 3.86
C THR A 27 2.30 -13.92 3.82
N VAL A 28 3.13 -13.20 3.08
CA VAL A 28 3.02 -11.75 3.02
C VAL A 28 3.39 -11.24 1.63
N PHE A 29 3.35 -9.93 1.46
CA PHE A 29 3.78 -9.28 0.24
C PHE A 29 5.28 -9.06 0.28
N SER A 30 5.85 -8.62 -0.82
CA SER A 30 7.27 -8.34 -0.86
C SER A 30 7.53 -7.04 -0.13
N SER A 31 8.74 -6.89 0.40
CA SER A 31 9.11 -5.67 1.11
C SER A 31 9.05 -4.47 0.16
N THR A 32 9.35 -4.72 -1.11
CA THR A 32 9.30 -3.69 -2.12
C THR A 32 7.86 -3.20 -2.32
N GLN A 33 6.93 -4.14 -2.40
CA GLN A 33 5.52 -3.81 -2.58
C GLN A 33 4.99 -3.05 -1.36
N LEU A 34 5.32 -3.56 -0.18
CA LEU A 34 4.86 -2.97 1.07
C LEU A 34 5.36 -1.55 1.26
N CYS A 35 6.64 -1.32 1.03
CA CYS A 35 7.22 0.01 1.25
C CYS A 35 6.61 1.04 0.31
N VAL A 36 6.30 0.61 -0.92
CA VAL A 36 5.67 1.49 -1.89
C VAL A 36 4.25 1.83 -1.47
N LEU A 37 3.51 0.82 -1.00
CA LEU A 37 2.16 1.03 -0.50
C LEU A 37 2.16 2.00 0.66
N ASN A 38 3.13 1.83 1.55
CA ASN A 38 3.23 2.66 2.75
C ASN A 38 3.56 4.09 2.40
N ASP A 39 4.62 4.29 1.64
CA ASP A 39 5.10 5.64 1.38
C ASP A 39 4.09 6.43 0.56
N ARG A 40 3.44 5.78 -0.41
CA ARG A 40 2.35 6.40 -1.16
C ARG A 40 1.30 6.99 -0.22
N PHE A 41 0.82 6.16 0.71
CA PHE A 41 -0.22 6.58 1.66
C PHE A 41 0.33 7.55 2.70
N GLN A 42 1.64 7.53 2.88
CA GLN A 42 2.29 8.49 3.78
C GLN A 42 2.48 9.85 3.12
N ARG A 43 2.60 9.86 1.79
CA ARG A 43 2.79 11.10 1.04
C ARG A 43 1.45 11.70 0.62
N GLN A 44 0.51 10.85 0.25
CA GLN A 44 -0.80 11.30 -0.19
C GLN A 44 -1.89 10.55 0.57
N LYS A 45 -3.07 11.14 0.67
CA LYS A 45 -4.15 10.58 1.45
C LYS A 45 -4.58 9.23 0.90
N TYR A 46 -4.81 9.18 -0.41
CA TYR A 46 -5.27 7.96 -1.07
C TYR A 46 -4.63 7.84 -2.45
N LEU A 47 -5.19 6.96 -3.28
CA LEU A 47 -4.71 6.77 -4.64
C LEU A 47 -5.80 7.14 -5.64
N SER A 48 -5.39 7.80 -6.72
CA SER A 48 -6.31 8.16 -7.78
C SER A 48 -6.55 6.98 -8.69
N LEU A 49 -7.41 7.17 -9.67
CA LEU A 49 -7.79 6.13 -10.60
C LEU A 49 -6.59 5.77 -11.47
N GLN A 50 -5.86 6.79 -11.87
CA GLN A 50 -4.66 6.61 -12.65
C GLN A 50 -3.58 5.92 -11.83
N GLN A 51 -3.53 6.25 -10.55
CA GLN A 51 -2.50 5.75 -9.67
C GLN A 51 -2.73 4.30 -9.30
N MET A 52 -3.98 3.94 -9.01
CA MET A 52 -4.30 2.58 -8.56
C MET A 52 -4.03 1.56 -9.67
N GLN A 53 -4.42 1.87 -10.90
CA GLN A 53 -4.22 0.94 -12.00
C GLN A 53 -2.74 0.87 -12.39
N GLU A 54 -2.05 2.00 -12.31
CA GLU A 54 -0.64 2.05 -12.61
C GLU A 54 0.15 1.32 -11.53
N LEU A 55 -0.22 1.54 -10.28
CA LEU A 55 0.45 0.91 -9.15
C LEU A 55 0.35 -0.60 -9.25
N SER A 56 -0.78 -1.09 -9.74
CA SER A 56 -0.96 -2.50 -10.01
C SER A 56 0.14 -2.98 -10.96
N ASN A 57 0.33 -2.23 -12.04
CA ASN A 57 1.38 -2.51 -13.01
C ASN A 57 2.77 -2.49 -12.36
N ILE A 58 2.99 -1.52 -11.48
CA ILE A 58 4.29 -1.31 -10.87
C ILE A 58 4.64 -2.44 -9.91
N LEU A 59 3.69 -2.81 -9.07
CA LEU A 59 3.94 -3.81 -8.06
C LEU A 59 3.69 -5.22 -8.59
N ASN A 60 3.36 -5.31 -9.87
CA ASN A 60 3.06 -6.57 -10.53
C ASN A 60 1.86 -7.25 -9.86
N LEU A 61 0.96 -6.42 -9.37
CA LEU A 61 -0.22 -6.89 -8.66
C LEU A 61 -1.47 -6.66 -9.51
N SER A 62 -2.61 -6.99 -8.95
CA SER A 62 -3.87 -6.86 -9.67
C SER A 62 -4.58 -5.56 -9.30
N TYR A 63 -5.28 -5.00 -10.27
CA TYR A 63 -6.09 -3.80 -10.06
C TYR A 63 -7.12 -4.04 -8.98
N LYS A 64 -7.62 -5.27 -8.91
CA LYS A 64 -8.59 -5.65 -7.90
C LYS A 64 -7.97 -5.57 -6.53
N GLN A 65 -6.73 -6.05 -6.42
CA GLN A 65 -6.01 -6.05 -5.16
C GLN A 65 -5.65 -4.62 -4.74
N VAL A 66 -5.24 -3.81 -5.70
CA VAL A 66 -4.85 -2.44 -5.39
C VAL A 66 -6.07 -1.59 -5.06
N LYS A 67 -7.17 -1.79 -5.81
CA LYS A 67 -8.42 -1.09 -5.55
C LYS A 67 -8.95 -1.44 -4.16
N THR A 68 -8.91 -2.74 -3.84
CA THR A 68 -9.42 -3.23 -2.57
C THR A 68 -8.66 -2.61 -1.39
N TRP A 69 -7.36 -2.43 -1.54
CA TRP A 69 -6.54 -1.83 -0.49
C TRP A 69 -7.03 -0.40 -0.19
N PHE A 70 -7.15 0.40 -1.25
CA PHE A 70 -7.64 1.76 -1.14
C PHE A 70 -9.06 1.81 -0.59
N GLN A 71 -9.89 0.89 -1.05
CA GLN A 71 -11.31 0.85 -0.70
C GLN A 71 -11.51 0.41 0.74
N ASN A 72 -10.58 -0.40 1.22
CA ASN A 72 -10.62 -0.91 2.58
C ASN A 72 -10.28 0.22 3.55
N GLN A 73 -9.26 0.98 3.18
CA GLN A 73 -8.90 2.18 3.93
C GLN A 73 -10.08 3.16 3.97
N ARG A 74 -10.77 3.30 2.84
CA ARG A 74 -11.92 4.18 2.75
C ARG A 74 -13.05 3.73 3.65
N MET A 75 -13.36 2.44 3.65
CA MET A 75 -14.52 1.95 4.38
C MET A 75 -14.30 2.00 5.91
N LYS A 76 -13.04 1.94 6.32
CA LYS A 76 -12.70 1.93 7.75
C LYS A 76 -12.56 3.35 8.29
N SER A 77 -12.39 4.32 7.39
CA SER A 77 -12.03 5.70 7.76
C SER A 77 -12.94 6.31 8.85
N LYS A 78 -14.20 5.88 8.92
CA LYS A 78 -15.14 6.46 9.88
C LYS A 78 -14.70 6.21 11.32
N ARG A 79 -14.67 4.95 11.74
CA ARG A 79 -14.24 4.59 13.08
C ARG A 79 -13.45 3.28 13.06
N TRP A 80 -14.16 2.19 12.88
CA TRP A 80 -13.55 0.88 12.76
C TRP A 80 -14.28 0.07 11.70
N GLN A 81 -13.67 -0.01 10.51
CA GLN A 81 -14.26 -0.70 9.37
C GLN A 81 -15.58 -0.05 8.96
N LYS A 82 -16.29 -0.67 8.03
CA LYS A 82 -17.57 -0.16 7.58
C LYS A 82 -18.62 -0.46 8.64
N ASN A 83 -18.74 0.45 9.59
CA ASN A 83 -19.70 0.30 10.66
C ASN A 83 -21.00 1.02 10.30
N ASN A 84 -22.08 0.24 10.23
CA ASN A 84 -23.41 0.76 9.88
C ASN A 84 -23.43 1.14 8.39
N SER A 1 0.85 6.97 -16.01
CA SER A 1 1.04 8.14 -15.12
C SER A 1 2.41 8.06 -14.44
N LYS A 2 3.36 8.84 -14.95
CA LYS A 2 4.73 8.81 -14.47
C LYS A 2 5.38 7.47 -14.74
N GLN A 3 6.59 7.28 -14.25
CA GLN A 3 7.27 6.00 -14.35
C GLN A 3 7.83 5.57 -13.01
N PRO A 4 6.96 5.08 -12.11
CA PRO A 4 7.35 4.65 -10.78
C PRO A 4 8.01 3.28 -10.81
N THR A 5 9.14 3.18 -11.49
CA THR A 5 9.90 1.96 -11.56
C THR A 5 11.28 2.16 -10.94
N SER A 6 11.77 3.38 -11.09
CA SER A 6 13.04 3.77 -10.52
C SER A 6 12.83 4.80 -9.41
N ALA A 7 12.58 4.31 -8.21
CA ALA A 7 12.37 5.18 -7.06
C ALA A 7 13.70 5.46 -6.37
N GLU A 8 14.54 4.43 -6.32
CA GLU A 8 15.87 4.50 -5.74
C GLU A 8 15.80 4.75 -4.24
N ASN A 9 15.72 3.67 -3.49
CA ASN A 9 15.70 3.74 -2.04
C ASN A 9 17.13 3.58 -1.50
N SER A 10 17.76 4.72 -1.22
CA SER A 10 19.19 4.79 -0.87
C SER A 10 19.55 3.86 0.29
N VAL A 11 18.78 3.93 1.36
CA VAL A 11 19.06 3.17 2.57
C VAL A 11 18.00 2.10 2.76
N ALA A 12 17.41 1.74 1.64
CA ALA A 12 16.36 0.76 1.59
C ALA A 12 15.04 1.27 2.16
N LYS A 13 15.05 1.67 3.44
CA LYS A 13 13.83 2.07 4.16
C LYS A 13 12.92 0.87 4.37
N LYS A 14 12.70 0.52 5.63
CA LYS A 14 11.83 -0.57 5.95
C LYS A 14 10.72 -0.10 6.89
N GLU A 15 9.62 0.31 6.28
CA GLU A 15 8.45 0.86 6.97
C GLU A 15 8.76 2.16 7.69
N ASP A 16 9.25 2.07 8.91
CA ASP A 16 9.40 3.23 9.76
C ASP A 16 10.81 3.30 10.35
N LYS A 17 10.94 3.96 11.50
CA LYS A 17 12.23 4.17 12.13
C LYS A 17 12.75 2.86 12.74
N VAL A 18 13.58 2.14 11.99
CA VAL A 18 14.17 0.89 12.45
C VAL A 18 13.09 -0.13 12.80
N PRO A 19 12.66 -0.93 11.81
CA PRO A 19 11.61 -1.95 11.99
C PRO A 19 11.89 -2.93 13.13
N VAL A 20 10.90 -3.77 13.43
CA VAL A 20 10.94 -4.66 14.58
C VAL A 20 10.93 -3.88 15.88
N LYS A 21 9.73 -3.68 16.41
CA LYS A 21 9.53 -2.95 17.65
C LYS A 21 8.32 -3.49 18.39
N LYS A 22 7.15 -3.38 17.77
CA LYS A 22 5.93 -3.97 18.29
C LYS A 22 4.86 -4.03 17.20
N GLN A 23 5.31 -4.13 15.96
CA GLN A 23 4.41 -4.13 14.81
C GLN A 23 3.80 -5.51 14.61
N LYS A 24 2.71 -5.77 15.31
CA LYS A 24 2.04 -7.06 15.20
C LYS A 24 0.89 -6.97 14.19
N THR A 25 1.23 -7.12 12.93
CA THR A 25 0.26 -7.10 11.85
C THR A 25 -0.29 -8.51 11.60
N ARG A 26 -1.48 -8.58 11.02
CA ARG A 26 -2.10 -9.86 10.73
C ARG A 26 -1.40 -10.54 9.57
N THR A 27 -1.14 -9.78 8.52
CA THR A 27 -0.50 -10.30 7.32
C THR A 27 0.67 -9.40 6.92
N VAL A 28 1.67 -9.99 6.29
CA VAL A 28 2.83 -9.23 5.84
C VAL A 28 3.03 -9.39 4.32
N PHE A 29 3.65 -8.39 3.73
CA PHE A 29 4.05 -8.43 2.34
C PHE A 29 5.56 -8.31 2.25
N SER A 30 6.09 -8.41 1.04
CA SER A 30 7.51 -8.16 0.82
C SER A 30 7.85 -6.75 1.30
N SER A 31 9.09 -6.54 1.70
CA SER A 31 9.50 -5.24 2.22
C SER A 31 9.31 -4.17 1.15
N THR A 32 9.58 -4.53 -0.10
CA THR A 32 9.41 -3.61 -1.20
C THR A 32 7.93 -3.26 -1.38
N GLN A 33 7.07 -4.26 -1.25
CA GLN A 33 5.64 -4.05 -1.43
C GLN A 33 5.08 -3.15 -0.33
N LEU A 34 5.39 -3.49 0.92
CA LEU A 34 4.93 -2.70 2.06
C LEU A 34 5.43 -1.26 1.99
N CYS A 35 6.73 -1.09 1.76
CA CYS A 35 7.33 0.24 1.81
C CYS A 35 6.86 1.12 0.65
N VAL A 36 6.55 0.51 -0.49
CA VAL A 36 5.98 1.26 -1.60
C VAL A 36 4.59 1.79 -1.23
N LEU A 37 3.78 0.92 -0.63
CA LEU A 37 2.43 1.30 -0.21
C LEU A 37 2.50 2.37 0.87
N ASN A 38 3.39 2.17 1.83
CA ASN A 38 3.61 3.12 2.90
C ASN A 38 4.05 4.47 2.34
N ASP A 39 5.03 4.42 1.45
CA ASP A 39 5.60 5.63 0.88
C ASP A 39 4.53 6.47 0.21
N ARG A 40 3.73 5.84 -0.65
CA ARG A 40 2.73 6.57 -1.43
C ARG A 40 1.71 7.23 -0.52
N PHE A 41 1.29 6.53 0.53
CA PHE A 41 0.31 7.07 1.47
C PHE A 41 0.94 8.16 2.33
N GLN A 42 2.26 8.13 2.45
CA GLN A 42 3.00 9.18 3.15
C GLN A 42 3.19 10.41 2.25
N ARG A 43 3.17 10.18 0.94
CA ARG A 43 3.29 11.27 -0.03
C ARG A 43 1.93 11.92 -0.25
N GLN A 44 0.95 11.09 -0.53
CA GLN A 44 -0.38 11.56 -0.91
C GLN A 44 -1.44 10.91 -0.02
N LYS A 45 -2.57 11.59 0.14
CA LYS A 45 -3.64 11.10 0.98
C LYS A 45 -4.18 9.78 0.45
N TYR A 46 -4.52 9.78 -0.84
CA TYR A 46 -5.07 8.60 -1.50
C TYR A 46 -4.62 8.57 -2.96
N LEU A 47 -4.55 7.38 -3.52
CA LEU A 47 -4.12 7.20 -4.89
C LEU A 47 -5.27 7.52 -5.86
N SER A 48 -4.92 8.11 -7.00
CA SER A 48 -5.89 8.44 -8.02
C SER A 48 -6.28 7.21 -8.82
N LEU A 49 -7.21 7.41 -9.75
CA LEU A 49 -7.77 6.32 -10.55
C LEU A 49 -6.68 5.73 -11.43
N GLN A 50 -5.85 6.61 -11.98
CA GLN A 50 -4.75 6.19 -12.82
C GLN A 50 -3.66 5.54 -12.00
N GLN A 51 -3.45 6.06 -10.80
CA GLN A 51 -2.36 5.61 -9.94
C GLN A 51 -2.63 4.22 -9.38
N MET A 52 -3.88 3.92 -9.05
CA MET A 52 -4.21 2.60 -8.51
C MET A 52 -4.00 1.50 -9.55
N GLN A 53 -4.44 1.74 -10.79
CA GLN A 53 -4.26 0.73 -11.84
C GLN A 53 -2.80 0.67 -12.29
N GLU A 54 -2.13 1.82 -12.28
CA GLU A 54 -0.71 1.88 -12.58
C GLU A 54 0.05 1.02 -11.58
N LEU A 55 -0.19 1.29 -10.30
CA LEU A 55 0.47 0.58 -9.21
C LEU A 55 0.26 -0.93 -9.34
N SER A 56 -0.96 -1.31 -9.70
CA SER A 56 -1.29 -2.72 -9.87
C SER A 56 -0.33 -3.40 -10.84
N ASN A 57 -0.18 -2.84 -12.03
CA ASN A 57 0.63 -3.46 -13.07
C ASN A 57 2.10 -3.47 -12.68
N ILE A 58 2.53 -2.46 -11.93
CA ILE A 58 3.93 -2.34 -11.53
C ILE A 58 4.29 -3.41 -10.50
N LEU A 59 3.38 -3.67 -9.56
CA LEU A 59 3.66 -4.63 -8.50
C LEU A 59 3.15 -6.02 -8.88
N ASN A 60 2.69 -6.16 -10.12
CA ASN A 60 2.14 -7.42 -10.63
C ASN A 60 0.92 -7.83 -9.80
N LEU A 61 0.15 -6.84 -9.41
CA LEU A 61 -1.06 -7.04 -8.66
C LEU A 61 -2.26 -6.73 -9.55
N SER A 62 -3.45 -7.00 -9.04
CA SER A 62 -4.66 -6.77 -9.81
C SER A 62 -5.25 -5.42 -9.46
N TYR A 63 -5.76 -4.71 -10.47
CA TYR A 63 -6.46 -3.45 -10.27
C TYR A 63 -7.67 -3.69 -9.37
N LYS A 64 -8.22 -4.88 -9.45
CA LYS A 64 -9.34 -5.26 -8.62
C LYS A 64 -8.90 -5.30 -7.17
N GLN A 65 -7.69 -5.80 -6.95
CA GLN A 65 -7.13 -5.90 -5.61
C GLN A 65 -6.69 -4.54 -5.09
N VAL A 66 -6.01 -3.77 -5.93
CA VAL A 66 -5.49 -2.47 -5.51
C VAL A 66 -6.63 -1.49 -5.24
N LYS A 67 -7.64 -1.50 -6.10
CA LYS A 67 -8.79 -0.59 -5.95
C LYS A 67 -9.62 -0.96 -4.73
N THR A 68 -9.80 -2.26 -4.50
CA THR A 68 -10.60 -2.73 -3.37
C THR A 68 -9.90 -2.43 -2.05
N TRP A 69 -8.58 -2.61 -2.02
CA TRP A 69 -7.81 -2.32 -0.82
C TRP A 69 -7.85 -0.82 -0.53
N PHE A 70 -7.90 -0.03 -1.59
CA PHE A 70 -8.09 1.41 -1.49
C PHE A 70 -9.40 1.73 -0.77
N GLN A 71 -10.47 1.04 -1.14
CA GLN A 71 -11.77 1.24 -0.53
C GLN A 71 -11.75 0.80 0.93
N ASN A 72 -10.88 -0.14 1.25
CA ASN A 72 -10.73 -0.62 2.60
C ASN A 72 -10.16 0.47 3.50
N GLN A 73 -9.17 1.21 3.01
CA GLN A 73 -8.65 2.35 3.74
C GLN A 73 -9.75 3.37 3.99
N ARG A 74 -10.63 3.52 3.00
CA ARG A 74 -11.78 4.40 3.12
C ARG A 74 -12.73 3.92 4.21
N MET A 75 -12.97 2.61 4.28
CA MET A 75 -13.88 2.10 5.29
C MET A 75 -13.23 2.15 6.68
N LYS A 76 -11.92 1.92 6.74
CA LYS A 76 -11.19 1.89 8.01
C LYS A 76 -11.27 3.24 8.72
N SER A 77 -11.44 4.30 7.95
CA SER A 77 -11.44 5.65 8.50
C SER A 77 -12.50 5.82 9.60
N LYS A 78 -13.72 5.42 9.31
CA LYS A 78 -14.82 5.58 10.27
C LYS A 78 -15.09 4.29 11.06
N ARG A 79 -14.70 3.17 10.48
CA ARG A 79 -15.07 1.86 11.02
C ARG A 79 -13.95 1.25 11.89
N TRP A 80 -12.90 2.03 12.14
CA TRP A 80 -11.77 1.53 12.92
C TRP A 80 -12.16 1.26 14.37
N GLN A 81 -11.87 0.03 14.83
CA GLN A 81 -12.12 -0.41 16.21
C GLN A 81 -13.58 -0.70 16.49
N LYS A 82 -14.42 -0.60 15.46
CA LYS A 82 -15.80 -1.09 15.56
C LYS A 82 -16.03 -2.13 14.49
N ASN A 83 -14.94 -2.74 14.04
CA ASN A 83 -15.00 -3.75 13.00
C ASN A 83 -14.51 -5.10 13.54
N ASN A 84 -14.87 -6.15 12.83
CA ASN A 84 -14.38 -7.48 13.15
C ASN A 84 -13.95 -8.17 11.85
#